data_4FQ9
#
_entry.id   4FQ9
#
_cell.length_a   146.790
_cell.length_b   135.780
_cell.length_c   111.010
_cell.angle_alpha   90.000
_cell.angle_beta   108.820
_cell.angle_gamma   90.000
#
_symmetry.space_group_name_H-M   'C 1 2 1'
#
loop_
_entity.id
_entity.type
_entity.pdbx_description
1 polymer '3-hydroxydecanoyl-[acyl-carrier-protein] dehydratase'
2 non-polymer 'PHOSPHATE ION'
3 non-polymer GLYCEROL
4 water water
#
_entity_poly.entity_id   1
_entity_poly.type   'polypeptide(L)'
_entity_poly.pdbx_seq_one_letter_code
;GMTKQHAFTREDLLRCSRGELFGPGNAQLPAPNMLMIDRIVHISDVGGKYGKGELVAELDINPDLWFFACHFEGDPVMPG
CLGLDAMWQLVGFYLGWQGNPGRGRALGSGEVKFFGQVLPTAKKVTYNIHIKRTINRSLVLAIADGTVSVDGREIYSAEG
LRVGLFTSTDSF
;
_entity_poly.pdbx_strand_id   A,B,C,D,E,F,G,H,I,J
#
loop_
_chem_comp.id
_chem_comp.type
_chem_comp.name
_chem_comp.formula
GOL non-polymer GLYCEROL 'C3 H8 O3'
PO4 non-polymer 'PHOSPHATE ION' 'O4 P -3'
#
# COMPACT_ATOMS: atom_id res chain seq x y z
N THR A 3 5.81 0.82 45.23
CA THR A 3 6.51 1.59 44.17
C THR A 3 7.61 2.48 44.77
N LYS A 4 8.13 2.10 45.95
CA LYS A 4 9.04 2.93 46.75
C LYS A 4 10.54 2.65 46.53
N GLN A 5 10.87 1.37 46.36
CA GLN A 5 12.27 0.96 46.15
C GLN A 5 12.58 0.93 44.63
N HIS A 6 13.72 1.50 44.24
CA HIS A 6 14.04 1.74 42.84
C HIS A 6 15.20 0.93 42.31
N ALA A 7 15.71 0.00 43.11
CA ALA A 7 16.76 -0.90 42.67
C ALA A 7 16.69 -2.17 43.50
N PHE A 8 17.06 -3.30 42.91
CA PHE A 8 16.98 -4.60 43.59
C PHE A 8 18.24 -5.43 43.37
N THR A 9 18.72 -6.05 44.45
CA THR A 9 19.89 -6.91 44.41
C THR A 9 19.47 -8.31 43.94
N ARG A 10 20.46 -9.14 43.63
CA ARG A 10 20.18 -10.52 43.28
C ARG A 10 19.43 -11.22 44.40
N GLU A 11 19.81 -10.96 45.65
CA GLU A 11 19.13 -11.58 46.82
C GLU A 11 17.66 -11.20 46.83
N ASP A 12 17.34 -9.95 46.50
CA ASP A 12 15.95 -9.51 46.42
C ASP A 12 15.21 -10.26 45.32
N LEU A 13 15.87 -10.49 44.19
CA LEU A 13 15.25 -11.20 43.07
C LEU A 13 15.02 -12.68 43.41
N LEU A 14 15.98 -13.28 44.11
CA LEU A 14 15.81 -14.66 44.58
C LEU A 14 14.66 -14.75 45.59
N ARG A 15 14.54 -13.76 46.47
CA ARG A 15 13.41 -13.67 47.38
C ARG A 15 12.09 -13.59 46.59
N CYS A 16 12.09 -12.80 45.54
CA CYS A 16 10.94 -12.69 44.66
C CYS A 16 10.58 -14.03 44.02
N SER A 17 11.60 -14.81 43.62
CA SER A 17 11.36 -16.12 43.01
C SER A 17 10.75 -17.12 43.99
N ARG A 18 10.92 -16.89 45.29
CA ARG A 18 10.30 -17.75 46.31
C ARG A 18 8.90 -17.26 46.73
N GLY A 19 8.39 -16.19 46.12
CA GLY A 19 7.10 -15.61 46.49
C GLY A 19 7.17 -14.73 47.71
N GLU A 20 8.39 -14.39 48.13
CA GLU A 20 8.59 -13.72 49.42
C GLU A 20 8.83 -12.21 49.27
N LEU A 21 8.82 -11.68 48.05
CA LEU A 21 8.94 -10.24 47.84
C LEU A 21 7.56 -9.60 47.73
N PHE A 22 6.73 -10.13 46.86
CA PHE A 22 5.38 -9.57 46.63
C PHE A 22 4.28 -10.35 47.36
N GLY A 23 4.65 -11.49 47.95
CA GLY A 23 3.70 -12.28 48.74
C GLY A 23 3.09 -13.41 47.93
N PRO A 24 2.54 -14.41 48.64
CA PRO A 24 2.00 -15.58 47.93
C PRO A 24 0.81 -15.22 47.05
N GLY A 25 0.77 -15.82 45.86
CA GLY A 25 -0.28 -15.55 44.88
C GLY A 25 -0.04 -14.33 44.01
N ASN A 26 1.08 -13.64 44.23
CA ASN A 26 1.42 -12.45 43.46
C ASN A 26 2.62 -12.76 42.57
N ALA A 27 3.07 -11.75 41.81
CA ALA A 27 4.08 -11.99 40.77
C ALA A 27 5.35 -12.63 41.35
N GLN A 28 5.89 -13.58 40.59
CA GLN A 28 7.09 -14.32 40.97
C GLN A 28 8.04 -14.32 39.79
N LEU A 29 9.30 -14.00 40.03
CA LEU A 29 10.32 -14.29 39.03
C LEU A 29 10.56 -15.80 39.04
N PRO A 30 11.06 -16.35 37.92
CA PRO A 30 11.56 -17.73 37.98
C PRO A 30 12.81 -17.81 38.87
N ALA A 31 13.07 -18.99 39.42
CA ALA A 31 14.32 -19.23 40.13
C ALA A 31 15.36 -19.65 39.08
N PRO A 32 16.65 -19.67 39.45
CA PRO A 32 17.63 -20.29 38.58
C PRO A 32 17.21 -21.74 38.28
N ASN A 33 17.42 -22.24 37.07
CA ASN A 33 18.20 -21.60 36.01
C ASN A 33 17.38 -20.82 34.97
N MET A 34 16.09 -20.58 35.22
CA MET A 34 15.30 -19.78 34.28
C MET A 34 15.45 -18.28 34.54
N LEU A 35 15.86 -17.89 35.76
CA LEU A 35 16.04 -16.48 36.08
C LEU A 35 17.14 -15.90 35.18
N MET A 36 16.83 -14.81 34.50
CA MET A 36 17.78 -14.23 33.54
C MET A 36 18.21 -12.83 33.93
N ILE A 37 18.07 -12.50 35.21
CA ILE A 37 18.41 -11.18 35.74
C ILE A 37 19.22 -11.35 37.01
N ASP A 38 20.32 -10.61 37.11
CA ASP A 38 21.13 -10.57 38.34
C ASP A 38 20.71 -9.41 39.24
N ARG A 39 20.40 -8.27 38.65
CA ARG A 39 20.01 -7.10 39.43
C ARG A 39 19.17 -6.15 38.61
N ILE A 40 18.31 -5.41 39.29
CA ILE A 40 17.57 -4.32 38.70
C ILE A 40 18.22 -3.04 39.21
N VAL A 41 18.85 -2.31 38.31
CA VAL A 41 19.62 -1.12 38.69
C VAL A 41 18.72 0.12 38.71
N HIS A 42 17.59 0.05 38.01
CA HIS A 42 16.62 1.14 38.04
C HIS A 42 15.24 0.66 37.68
N ILE A 43 14.25 1.04 38.49
CA ILE A 43 12.85 0.79 38.18
C ILE A 43 12.05 2.00 38.68
N SER A 44 11.14 2.48 37.85
CA SER A 44 10.34 3.67 38.14
C SER A 44 9.04 3.61 37.37
N ASP A 45 7.99 4.24 37.91
CA ASP A 45 6.71 4.34 37.20
C ASP A 45 6.54 5.64 36.42
N VAL A 46 7.59 6.44 36.37
CA VAL A 46 7.62 7.64 35.51
C VAL A 46 8.86 7.54 34.61
N GLY A 47 8.94 8.42 33.63
CA GLY A 47 10.05 8.39 32.69
C GLY A 47 9.96 7.24 31.72
N GLY A 48 11.09 6.89 31.13
CA GLY A 48 11.10 5.96 30.02
C GLY A 48 10.60 6.60 28.74
N LYS A 49 10.72 5.86 27.65
CA LYS A 49 10.44 6.34 26.30
C LYS A 49 9.01 6.86 26.14
N TYR A 50 8.08 6.33 26.93
CA TYR A 50 6.67 6.77 26.84
C TYR A 50 6.19 7.54 28.05
N GLY A 51 7.07 7.81 29.00
CA GLY A 51 6.71 8.53 30.21
C GLY A 51 5.85 7.73 31.17
N LYS A 52 5.78 6.42 30.98
CA LYS A 52 4.94 5.55 31.80
C LYS A 52 5.74 4.56 32.63
N GLY A 53 7.05 4.79 32.75
CA GLY A 53 7.91 3.94 33.55
C GLY A 53 8.98 3.23 32.76
N GLU A 54 9.97 2.71 33.48
CA GLU A 54 11.04 1.98 32.85
C GLU A 54 11.81 1.13 33.85
N LEU A 55 12.52 0.15 33.32
CA LEU A 55 13.39 -0.72 34.08
C LEU A 55 14.72 -0.84 33.37
N VAL A 56 15.79 -0.80 34.14
CA VAL A 56 17.12 -1.14 33.66
C VAL A 56 17.62 -2.27 34.55
N ALA A 57 18.06 -3.35 33.94
CA ALA A 57 18.51 -4.52 34.68
C ALA A 57 19.74 -5.13 34.00
N GLU A 58 20.42 -6.00 34.72
CA GLU A 58 21.70 -6.53 34.27
C GLU A 58 21.79 -8.03 34.56
N LEU A 59 22.52 -8.73 33.69
CA LEU A 59 22.93 -10.11 33.90
C LEU A 59 24.44 -10.17 33.66
N ASP A 60 25.19 -10.63 34.66
CA ASP A 60 26.63 -10.83 34.49
C ASP A 60 26.88 -12.09 33.66
N ILE A 61 27.81 -12.01 32.72
CA ILE A 61 28.14 -13.14 31.86
C ILE A 61 29.50 -13.71 32.29
N ASN A 62 29.56 -15.02 32.38
CA ASN A 62 30.82 -15.74 32.49
C ASN A 62 30.72 -17.03 31.68
N PRO A 63 31.88 -17.64 31.33
CA PRO A 63 31.83 -18.82 30.44
C PRO A 63 31.15 -20.07 31.02
N ASP A 64 30.90 -20.08 32.33
CA ASP A 64 30.30 -21.25 32.98
C ASP A 64 28.78 -21.22 33.10
N LEU A 65 28.13 -20.17 32.60
CA LEU A 65 26.67 -20.16 32.59
C LEU A 65 26.14 -21.39 31.85
N TRP A 66 25.12 -22.03 32.42
CA TRP A 66 24.71 -23.37 32.02
C TRP A 66 24.38 -23.49 30.55
N PHE A 67 23.77 -22.46 29.97
CA PHE A 67 23.29 -22.57 28.58
C PHE A 67 24.42 -22.62 27.56
N PHE A 68 25.61 -22.14 27.91
CA PHE A 68 26.73 -22.14 26.95
C PHE A 68 27.16 -23.55 26.56
N ALA A 69 27.12 -24.49 27.51
CA ALA A 69 27.58 -25.86 27.25
C ALA A 69 26.66 -26.62 26.28
N CYS A 70 25.35 -26.36 26.32
CA CYS A 70 24.41 -27.10 25.50
C CYS A 70 23.92 -26.33 24.26
N HIS A 71 24.27 -25.05 24.15
CA HIS A 71 23.75 -24.17 23.12
C HIS A 71 24.84 -23.28 22.57
N PHE A 72 25.65 -23.74 21.62
CA PHE A 72 25.65 -25.11 21.07
C PHE A 72 27.01 -25.75 21.36
N GLU A 73 27.06 -27.07 21.28
CA GLU A 73 28.32 -27.78 21.47
C GLU A 73 29.33 -27.32 20.41
N GLY A 74 30.48 -26.83 20.87
CA GLY A 74 31.50 -26.25 19.98
C GLY A 74 31.21 -24.86 19.47
N ASP A 75 30.11 -24.25 19.90
CA ASP A 75 29.65 -22.96 19.38
C ASP A 75 28.75 -22.29 20.44
N PRO A 76 29.34 -21.92 21.60
CA PRO A 76 28.57 -21.39 22.71
C PRO A 76 28.01 -20.00 22.41
N VAL A 77 26.72 -19.82 22.66
CA VAL A 77 26.07 -18.53 22.44
C VAL A 77 24.78 -18.48 23.25
N MET A 78 24.49 -17.34 23.86
CA MET A 78 23.30 -17.24 24.68
C MET A 78 22.06 -17.42 23.81
N PRO A 79 21.12 -18.25 24.26
CA PRO A 79 19.86 -18.38 23.52
C PRO A 79 19.10 -17.05 23.48
N GLY A 80 18.70 -16.65 22.29
CA GLY A 80 17.91 -15.42 22.13
C GLY A 80 16.61 -15.50 22.93
N CYS A 81 16.01 -16.66 23.00
CA CYS A 81 14.77 -16.84 23.72
C CYS A 81 14.86 -16.50 25.20
N LEU A 82 16.05 -16.70 25.79
CA LEU A 82 16.25 -16.37 27.20
C LEU A 82 16.45 -14.87 27.43
N GLY A 83 17.10 -14.18 26.49
CA GLY A 83 17.18 -12.73 26.56
C GLY A 83 15.80 -12.12 26.41
N LEU A 84 15.01 -12.71 25.53
CA LEU A 84 13.62 -12.30 25.36
C LEU A 84 12.86 -12.59 26.64
N ASP A 85 13.10 -13.73 27.25
CA ASP A 85 12.40 -14.04 28.48
C ASP A 85 12.75 -13.10 29.62
N ALA A 86 13.99 -12.65 29.67
CA ALA A 86 14.39 -11.65 30.67
C ALA A 86 13.47 -10.44 30.57
N MET A 87 13.09 -10.07 29.36
CA MET A 87 12.24 -8.92 29.17
C MET A 87 10.83 -9.15 29.71
N TRP A 88 10.26 -10.32 29.45
CA TRP A 88 8.96 -10.69 30.03
C TRP A 88 9.04 -10.80 31.54
N GLN A 89 10.15 -11.34 32.05
CA GLN A 89 10.36 -11.41 33.51
C GLN A 89 10.33 -10.01 34.14
N LEU A 90 11.00 -9.05 33.49
CA LEU A 90 11.04 -7.68 34.00
C LEU A 90 9.70 -6.97 33.94
N VAL A 91 8.95 -7.18 32.86
CA VAL A 91 7.62 -6.57 32.74
C VAL A 91 6.68 -7.15 33.80
N GLY A 92 6.77 -8.46 34.04
CA GLY A 92 5.99 -9.09 35.10
C GLY A 92 6.36 -8.51 36.46
N PHE A 93 7.66 -8.39 36.71
CA PHE A 93 8.16 -7.82 37.95
C PHE A 93 7.59 -6.40 38.14
N TYR A 94 7.58 -5.60 37.08
CA TYR A 94 7.00 -4.25 37.12
C TYR A 94 5.56 -4.25 37.62
N LEU A 95 4.74 -5.16 37.10
CA LEU A 95 3.35 -5.23 37.52
C LEU A 95 3.20 -5.61 38.99
N GLY A 96 4.04 -6.51 39.49
CA GLY A 96 4.01 -6.87 40.91
C GLY A 96 4.47 -5.70 41.77
N TRP A 97 5.54 -5.05 41.31
CA TRP A 97 6.14 -3.89 41.98
C TRP A 97 5.18 -2.73 42.14
N GLN A 98 4.28 -2.57 41.18
CA GLN A 98 3.21 -1.57 41.31
C GLN A 98 2.19 -1.86 42.40
N GLY A 99 2.14 -3.11 42.88
CA GLY A 99 1.22 -3.50 43.94
C GLY A 99 -0.01 -4.24 43.44
N ASN A 100 -0.02 -4.65 42.17
CA ASN A 100 -1.13 -5.42 41.62
C ASN A 100 -1.09 -6.88 42.11
N PRO A 101 -2.26 -7.48 42.36
CA PRO A 101 -2.29 -8.89 42.76
C PRO A 101 -2.31 -9.84 41.58
N GLY A 102 -1.92 -11.10 41.81
CA GLY A 102 -2.06 -12.15 40.82
C GLY A 102 -0.75 -12.68 40.27
N ARG A 103 -0.83 -13.87 39.68
CA ARG A 103 0.34 -14.56 39.13
C ARG A 103 0.62 -14.09 37.70
N GLY A 104 1.90 -13.97 37.37
CA GLY A 104 2.32 -13.46 36.07
C GLY A 104 2.28 -14.53 34.99
N ARG A 105 1.78 -14.15 33.81
CA ARG A 105 1.92 -14.96 32.60
C ARG A 105 2.27 -14.04 31.42
N ALA A 106 3.39 -14.33 30.77
CA ALA A 106 3.72 -13.71 29.48
C ALA A 106 2.61 -14.02 28.50
N LEU A 107 2.19 -13.00 27.74
CA LEU A 107 1.11 -13.12 26.76
C LEU A 107 1.60 -12.98 25.32
N GLY A 108 2.83 -12.52 25.15
CA GLY A 108 3.46 -12.50 23.83
C GLY A 108 4.17 -11.19 23.53
N SER A 109 4.32 -10.93 22.23
CA SER A 109 5.08 -9.81 21.76
C SER A 109 4.65 -9.46 20.34
N GLY A 110 4.85 -8.21 19.98
CA GLY A 110 4.80 -7.80 18.59
C GLY A 110 6.19 -8.20 18.06
N GLU A 111 6.83 -7.40 17.25
CA GLU A 111 8.05 -7.87 16.59
C GLU A 111 9.25 -8.14 17.51
N VAL A 112 9.93 -9.27 17.29
CA VAL A 112 11.17 -9.60 18.03
C VAL A 112 12.32 -9.71 17.03
N LYS A 113 13.47 -9.11 17.37
CA LYS A 113 14.64 -9.12 16.48
C LYS A 113 15.90 -9.46 17.24
N PHE A 114 16.66 -10.41 16.70
CA PHE A 114 17.98 -10.75 17.19
C PHE A 114 19.00 -10.34 16.14
N PHE A 115 19.92 -9.44 16.49
CA PHE A 115 20.89 -8.88 15.54
C PHE A 115 22.28 -8.79 16.16
N GLY A 116 22.54 -9.70 17.06
CA GLY A 116 23.85 -9.83 17.67
C GLY A 116 23.80 -11.00 18.62
N GLN A 117 24.90 -11.25 19.31
CA GLN A 117 24.97 -12.42 20.16
C GLN A 117 25.74 -12.15 21.43
N VAL A 118 25.43 -12.94 22.45
CA VAL A 118 26.20 -12.93 23.68
C VAL A 118 27.09 -14.18 23.68
N LEU A 119 28.39 -13.95 23.59
CA LEU A 119 29.40 -15.01 23.66
C LEU A 119 29.89 -15.15 25.09
N PRO A 120 30.51 -16.30 25.42
CA PRO A 120 30.98 -16.51 26.79
C PRO A 120 32.12 -15.60 27.21
N THR A 121 32.71 -14.87 26.26
CA THR A 121 33.75 -13.86 26.54
C THR A 121 33.17 -12.48 26.89
N ALA A 122 31.86 -12.29 26.76
CA ALA A 122 31.21 -11.04 27.18
C ALA A 122 31.23 -10.85 28.70
N LYS A 123 31.05 -9.62 29.15
CA LYS A 123 31.09 -9.32 30.59
C LYS A 123 29.69 -9.09 31.17
N LYS A 124 28.85 -8.33 30.48
CA LYS A 124 27.57 -7.93 31.06
C LYS A 124 26.48 -7.63 30.02
N VAL A 125 25.32 -8.25 30.23
CA VAL A 125 24.12 -7.97 29.46
C VAL A 125 23.29 -6.94 30.24
N THR A 126 22.80 -5.93 29.53
CA THR A 126 21.90 -4.95 30.11
C THR A 126 20.57 -4.94 29.39
N TYR A 127 19.49 -4.90 30.17
CA TYR A 127 18.13 -4.82 29.66
C TYR A 127 17.58 -3.44 29.90
N ASN A 128 16.96 -2.86 28.88
CA ASN A 128 16.25 -1.60 29.00
C ASN A 128 14.80 -1.84 28.57
N ILE A 129 13.87 -1.62 29.50
CA ILE A 129 12.44 -1.86 29.28
C ILE A 129 11.71 -0.53 29.43
N HIS A 130 10.87 -0.21 28.46
CA HIS A 130 10.05 0.99 28.50
C HIS A 130 8.61 0.61 28.52
N ILE A 131 7.93 0.93 29.62
CA ILE A 131 6.52 0.62 29.77
C ILE A 131 5.75 1.55 28.85
N LYS A 132 4.90 0.96 28.02
CA LYS A 132 4.13 1.70 27.07
C LYS A 132 2.71 1.97 27.58
N ARG A 133 2.11 0.98 28.23
CA ARG A 133 0.74 1.09 28.69
C ARG A 133 0.48 0.05 29.76
N THR A 134 -0.29 0.42 30.78
CA THR A 134 -0.84 -0.57 31.69
C THR A 134 -2.36 -0.44 31.66
N ILE A 135 -3.03 -1.59 31.61
CA ILE A 135 -4.48 -1.66 31.49
C ILE A 135 -5.00 -2.42 32.69
N ASN A 136 -6.06 -1.92 33.32
CA ASN A 136 -6.66 -2.54 34.54
C ASN A 136 -8.17 -2.94 34.43
N ARG A 137 -8.60 -3.13 33.19
CA ARG A 137 -10.06 -3.20 32.94
C ARG A 137 -10.67 -4.57 33.34
N SER A 138 -10.36 -5.62 32.59
CA SER A 138 -10.82 -6.98 32.87
C SER A 138 -9.71 -7.73 33.61
N LEU A 139 -8.53 -7.67 33.02
CA LEU A 139 -7.33 -8.27 33.56
C LEU A 139 -6.28 -7.18 33.68
N VAL A 140 -5.38 -7.26 34.66
CA VAL A 140 -4.27 -6.31 34.72
C VAL A 140 -3.18 -6.74 33.75
N LEU A 141 -2.77 -5.83 32.87
CA LEU A 141 -1.70 -6.15 31.95
C LEU A 141 -0.83 -4.95 31.60
N ALA A 142 0.39 -5.26 31.18
CA ALA A 142 1.34 -4.25 30.76
C ALA A 142 1.81 -4.55 29.35
N ILE A 143 2.02 -3.49 28.60
CA ILE A 143 2.60 -3.52 27.27
C ILE A 143 3.87 -2.69 27.34
N ALA A 144 4.95 -3.20 26.78
CA ALA A 144 6.26 -2.59 26.89
C ALA A 144 7.12 -2.86 25.66
N ASP A 145 8.11 -2.01 25.42
CA ASP A 145 9.16 -2.26 24.44
C ASP A 145 10.44 -2.53 25.22
N GLY A 146 11.33 -3.32 24.65
CA GLY A 146 12.58 -3.64 25.33
C GLY A 146 13.75 -3.82 24.40
N THR A 147 14.95 -3.63 24.93
CA THR A 147 16.17 -3.98 24.23
C THR A 147 17.13 -4.73 25.15
N VAL A 148 17.94 -5.58 24.54
CA VAL A 148 19.03 -6.25 25.21
C VAL A 148 20.33 -5.78 24.58
N SER A 149 21.29 -5.43 25.43
CA SER A 149 22.61 -4.98 24.99
C SER A 149 23.67 -5.80 25.71
N VAL A 150 24.83 -5.96 25.06
CA VAL A 150 25.95 -6.63 25.64
C VAL A 150 27.17 -5.72 25.53
N ASP A 151 27.76 -5.39 26.67
CA ASP A 151 28.94 -4.54 26.75
C ASP A 151 28.80 -3.27 25.90
N GLY A 152 27.64 -2.63 26.00
CA GLY A 152 27.37 -1.36 25.32
C GLY A 152 26.64 -1.47 23.98
N ARG A 153 26.66 -2.66 23.38
CA ARG A 153 26.15 -2.85 22.03
C ARG A 153 24.75 -3.48 22.05
N GLU A 154 23.78 -2.81 21.46
CA GLU A 154 22.44 -3.37 21.33
C GLU A 154 22.46 -4.62 20.46
N ILE A 155 21.80 -5.67 20.90
CA ILE A 155 21.77 -6.92 20.14
C ILE A 155 20.39 -7.55 19.94
N TYR A 156 19.45 -7.34 20.86
CA TYR A 156 18.05 -7.80 20.65
C TYR A 156 17.08 -6.65 20.88
N SER A 157 15.94 -6.70 20.21
CA SER A 157 14.83 -5.78 20.50
C SER A 157 13.49 -6.51 20.44
N ALA A 158 12.54 -6.03 21.23
CA ALA A 158 11.16 -6.54 21.20
C ALA A 158 10.20 -5.35 21.34
N GLU A 159 9.18 -5.32 20.50
CA GLU A 159 8.13 -4.30 20.58
C GLU A 159 6.83 -4.96 20.99
N GLY A 160 6.10 -4.32 21.88
CA GLY A 160 4.78 -4.80 22.27
C GLY A 160 4.82 -6.05 23.13
N LEU A 161 5.85 -6.20 23.96
CA LEU A 161 5.88 -7.22 25.01
C LEU A 161 4.63 -7.06 25.86
N ARG A 162 3.95 -8.18 26.15
CA ARG A 162 2.72 -8.19 26.91
C ARG A 162 2.82 -9.24 28.01
N VAL A 163 2.48 -8.81 29.23
CA VAL A 163 2.42 -9.70 30.38
C VAL A 163 1.12 -9.37 31.12
N GLY A 164 0.45 -10.41 31.61
CA GLY A 164 -0.80 -10.24 32.36
C GLY A 164 -0.67 -10.85 33.74
N LEU A 165 -1.46 -10.36 34.67
CA LEU A 165 -1.55 -10.95 36.01
C LEU A 165 -2.88 -11.66 36.15
N PHE A 166 -2.82 -12.86 36.73
CA PHE A 166 -4.00 -13.69 36.88
C PHE A 166 -4.25 -14.00 38.33
N THR A 167 -5.39 -13.54 38.83
CA THR A 167 -5.77 -13.86 40.21
C THR A 167 -6.25 -15.29 40.30
N SER A 168 -6.56 -15.94 39.16
CA SER A 168 -6.62 -17.37 39.08
C SER A 168 -6.19 -17.81 37.68
N THR A 169 -5.34 -18.83 37.62
CA THR A 169 -4.79 -19.37 36.36
C THR A 169 -5.62 -20.55 35.82
N ASP A 170 -6.76 -20.83 36.43
CA ASP A 170 -7.56 -22.01 36.00
C ASP A 170 -8.24 -21.94 34.63
N SER A 171 -8.38 -20.75 34.07
CA SER A 171 -8.99 -20.60 32.75
C SER A 171 -7.96 -20.34 31.63
N PHE A 172 -6.72 -20.01 31.98
CA PHE A 172 -5.70 -19.78 30.95
C PHE A 172 -5.36 -21.13 30.29
N THR B 3 17.42 -34.92 2.79
CA THR B 3 15.97 -34.63 2.62
C THR B 3 15.21 -35.90 2.30
N LYS B 4 15.92 -37.01 2.43
CA LYS B 4 15.36 -38.31 2.16
C LYS B 4 14.49 -38.74 3.33
N GLN B 5 14.87 -38.35 4.54
CA GLN B 5 14.20 -38.85 5.74
C GLN B 5 13.11 -37.85 6.22
N HIS B 6 11.93 -38.36 6.57
CA HIS B 6 10.76 -37.52 6.86
C HIS B 6 10.28 -37.59 8.28
N ALA B 7 11.03 -38.29 9.13
CA ALA B 7 10.74 -38.37 10.55
C ALA B 7 12.03 -38.68 11.30
N PHE B 8 12.17 -38.15 12.51
CA PHE B 8 13.40 -38.28 13.28
C PHE B 8 13.10 -38.65 14.73
N THR B 9 13.87 -39.60 15.26
CA THR B 9 13.76 -40.03 16.65
C THR B 9 14.52 -39.07 17.56
N ARG B 10 14.32 -39.20 18.85
CA ARG B 10 15.10 -38.42 19.82
C ARG B 10 16.60 -38.67 19.63
N GLU B 11 16.98 -39.92 19.39
CA GLU B 11 18.39 -40.24 19.19
C GLU B 11 18.97 -39.53 17.98
N ASP B 12 18.19 -39.42 16.91
CA ASP B 12 18.61 -38.63 15.75
C ASP B 12 18.81 -37.15 16.11
N LEU B 13 17.93 -36.62 16.95
CA LEU B 13 18.01 -35.22 17.35
C LEU B 13 19.21 -34.97 18.24
N LEU B 14 19.52 -35.94 19.11
CA LEU B 14 20.71 -35.84 19.97
C LEU B 14 21.97 -35.91 19.11
N ARG B 15 21.94 -36.75 18.08
CA ARG B 15 23.04 -36.79 17.12
C ARG B 15 23.21 -35.43 16.44
N CYS B 16 22.10 -34.83 16.06
CA CYS B 16 22.11 -33.50 15.46
C CYS B 16 22.73 -32.47 16.41
N SER B 17 22.42 -32.57 17.71
CA SER B 17 22.97 -31.62 18.69
C SER B 17 24.49 -31.76 18.86
N ARG B 18 25.04 -32.92 18.51
CA ARG B 18 26.49 -33.11 18.54
C ARG B 18 27.19 -32.73 17.22
N GLY B 19 26.43 -32.24 16.24
CA GLY B 19 26.99 -31.90 14.95
C GLY B 19 27.16 -33.11 14.04
N GLU B 20 26.56 -34.23 14.42
CA GLU B 20 26.81 -35.51 13.74
C GLU B 20 25.69 -35.92 12.79
N LEU B 21 24.64 -35.10 12.65
CA LEU B 21 23.60 -35.36 11.66
C LEU B 21 23.89 -34.61 10.37
N PHE B 22 24.12 -33.29 10.46
CA PHE B 22 24.36 -32.47 9.28
C PHE B 22 25.85 -32.15 9.05
N GLY B 23 26.70 -32.52 10.00
CA GLY B 23 28.15 -32.36 9.86
C GLY B 23 28.62 -31.10 10.55
N PRO B 24 29.93 -31.04 10.88
CA PRO B 24 30.44 -29.89 11.63
C PRO B 24 30.36 -28.61 10.81
N GLY B 25 29.99 -27.52 11.47
CA GLY B 25 29.82 -26.23 10.81
C GLY B 25 28.46 -26.02 10.19
N ASN B 26 27.59 -27.03 10.27
CA ASN B 26 26.24 -26.93 9.74
C ASN B 26 25.23 -26.88 10.90
N ALA B 27 23.95 -26.82 10.59
CA ALA B 27 22.92 -26.60 11.61
C ALA B 27 23.00 -27.62 12.74
N GLN B 28 22.85 -27.14 13.97
CA GLN B 28 22.89 -27.97 15.17
C GLN B 28 21.70 -27.63 16.02
N LEU B 29 20.97 -28.64 16.48
CA LEU B 29 20.01 -28.41 17.55
C LEU B 29 20.79 -28.19 18.84
N PRO B 30 20.18 -27.51 19.81
CA PRO B 30 20.80 -27.50 21.14
C PRO B 30 20.73 -28.87 21.77
N ALA B 31 21.64 -29.16 22.68
CA ALA B 31 21.57 -30.36 23.47
C ALA B 31 20.64 -30.09 24.65
N PRO B 32 20.22 -31.13 25.36
CA PRO B 32 19.56 -30.87 26.65
C PRO B 32 20.47 -30.02 27.55
N ASN B 33 19.94 -29.08 28.32
CA ASN B 33 18.51 -28.90 28.55
C ASN B 33 17.82 -27.84 27.70
N MET B 34 18.50 -27.31 26.69
CA MET B 34 17.85 -26.33 25.80
C MET B 34 17.04 -26.99 24.69
N LEU B 35 17.33 -28.25 24.36
CA LEU B 35 16.55 -28.97 23.34
C LEU B 35 15.09 -29.07 23.78
N MET B 36 14.16 -28.63 22.93
CA MET B 36 12.74 -28.62 23.29
C MET B 36 11.89 -29.55 22.42
N ILE B 37 12.53 -30.52 21.79
CA ILE B 37 11.88 -31.45 20.87
C ILE B 37 12.32 -32.86 21.20
N ASP B 38 11.36 -33.78 21.32
CA ASP B 38 11.65 -35.20 21.50
C ASP B 38 11.72 -35.94 20.17
N ARG B 39 10.83 -35.58 19.25
CA ARG B 39 10.81 -36.23 17.95
C ARG B 39 10.19 -35.33 16.90
N ILE B 40 10.59 -35.57 15.65
CA ILE B 40 9.96 -34.94 14.51
C ILE B 40 9.17 -36.03 13.82
N VAL B 41 7.85 -35.90 13.82
CA VAL B 41 6.99 -36.93 13.27
C VAL B 41 6.74 -36.72 11.79
N HIS B 42 6.94 -35.49 11.29
CA HIS B 42 6.80 -35.20 9.86
C HIS B 42 7.59 -34.00 9.48
N ILE B 43 8.37 -34.12 8.41
CA ILE B 43 9.06 -32.99 7.83
C ILE B 43 9.06 -33.22 6.32
N SER B 44 8.76 -32.16 5.58
CA SER B 44 8.67 -32.20 4.12
C SER B 44 8.95 -30.82 3.55
N ASP B 45 9.45 -30.77 2.32
CA ASP B 45 9.66 -29.49 1.63
C ASP B 45 8.51 -29.09 0.71
N VAL B 46 7.43 -29.87 0.73
CA VAL B 46 6.22 -29.51 0.03
C VAL B 46 5.07 -29.55 1.04
N GLY B 47 3.92 -29.05 0.63
CA GLY B 47 2.76 -29.00 1.53
C GLY B 47 2.91 -27.92 2.57
N GLY B 48 2.16 -28.04 3.64
CA GLY B 48 2.04 -26.98 4.62
C GLY B 48 1.13 -25.87 4.10
N LYS B 49 0.84 -24.92 4.98
CA LYS B 49 -0.08 -23.82 4.73
C LYS B 49 0.29 -22.99 3.51
N TYR B 50 1.58 -22.92 3.17
CA TYR B 50 2.02 -22.11 2.03
C TYR B 50 2.58 -22.95 0.89
N GLY B 51 2.51 -24.26 1.01
CA GLY B 51 2.99 -25.14 -0.06
C GLY B 51 4.50 -25.16 -0.17
N LYS B 52 5.20 -24.67 0.85
CA LYS B 52 6.66 -24.58 0.84
C LYS B 52 7.30 -25.44 1.92
N GLY B 53 6.54 -26.37 2.50
CA GLY B 53 7.05 -27.30 3.47
C GLY B 53 6.42 -27.16 4.84
N GLU B 54 6.63 -28.17 5.67
CA GLU B 54 6.12 -28.15 7.02
C GLU B 54 6.81 -29.16 7.91
N LEU B 55 6.70 -28.93 9.20
CA LEU B 55 7.23 -29.82 10.21
C LEU B 55 6.16 -30.01 11.27
N VAL B 56 6.04 -31.26 11.73
CA VAL B 56 5.24 -31.57 12.90
C VAL B 56 6.20 -32.29 13.87
N ALA B 57 6.26 -31.80 15.10
CA ALA B 57 7.18 -32.34 16.09
C ALA B 57 6.49 -32.40 17.46
N GLU B 58 7.10 -33.14 18.37
CA GLU B 58 6.47 -33.42 19.66
C GLU B 58 7.49 -33.33 20.78
N LEU B 59 7.01 -32.92 21.95
CA LEU B 59 7.74 -32.97 23.20
C LEU B 59 6.84 -33.64 24.23
N ASP B 60 7.32 -34.74 24.81
CA ASP B 60 6.59 -35.43 25.86
C ASP B 60 6.71 -34.64 27.16
N ILE B 61 5.60 -34.51 27.89
CA ILE B 61 5.60 -33.76 29.13
C ILE B 61 5.49 -34.72 30.29
N ASN B 62 6.34 -34.51 31.29
CA ASN B 62 6.20 -35.18 32.58
C ASN B 62 6.59 -34.18 33.67
N PRO B 63 6.18 -34.46 34.92
CA PRO B 63 6.35 -33.45 35.96
C PRO B 63 7.82 -33.18 36.33
N ASP B 64 8.74 -34.03 35.90
CA ASP B 64 10.15 -33.89 36.27
C ASP B 64 10.98 -33.07 35.28
N LEU B 65 10.38 -32.57 34.20
CA LEU B 65 11.12 -31.70 33.29
C LEU B 65 11.70 -30.51 34.09
N TRP B 66 12.96 -30.18 33.82
CA TRP B 66 13.76 -29.29 34.68
C TRP B 66 13.12 -27.94 34.89
N PHE B 67 12.47 -27.38 33.87
CA PHE B 67 11.92 -26.03 33.98
C PHE B 67 10.75 -25.89 34.95
N PHE B 68 10.04 -27.00 35.22
CA PHE B 68 8.90 -26.94 36.14
C PHE B 68 9.30 -26.54 37.56
N ALA B 69 10.45 -27.01 38.04
CA ALA B 69 10.88 -26.73 39.42
C ALA B 69 11.22 -25.26 39.65
N CYS B 70 11.78 -24.60 38.64
CA CYS B 70 12.24 -23.21 38.82
C CYS B 70 11.27 -22.18 38.22
N HIS B 71 10.27 -22.63 37.48
CA HIS B 71 9.36 -21.74 36.75
C HIS B 71 7.94 -22.20 36.89
N PHE B 72 7.23 -21.84 37.95
CA PHE B 72 7.71 -21.07 39.09
C PHE B 72 7.56 -21.93 40.33
N GLU B 73 8.27 -21.55 41.39
CA GLU B 73 8.17 -22.27 42.67
C GLU B 73 6.74 -22.19 43.18
N GLY B 74 6.13 -23.36 43.40
CA GLY B 74 4.72 -23.45 43.80
C GLY B 74 3.70 -23.23 42.69
N ASP B 75 4.18 -23.07 41.45
CA ASP B 75 3.32 -22.73 40.32
C ASP B 75 4.02 -23.16 39.01
N PRO B 76 4.19 -24.47 38.82
CA PRO B 76 4.93 -24.99 37.67
C PRO B 76 4.20 -24.77 36.36
N VAL B 77 4.90 -24.22 35.38
CA VAL B 77 4.32 -23.98 34.06
C VAL B 77 5.46 -23.86 33.04
N MET B 78 5.30 -24.45 31.87
CA MET B 78 6.35 -24.37 30.87
C MET B 78 6.57 -22.92 30.45
N PRO B 79 7.84 -22.48 30.42
CA PRO B 79 8.11 -21.14 29.91
C PRO B 79 7.70 -20.98 28.46
N GLY B 80 6.94 -19.93 28.16
CA GLY B 80 6.52 -19.67 26.80
C GLY B 80 7.72 -19.53 25.90
N CYS B 81 8.78 -18.91 26.41
CA CYS B 81 9.97 -18.65 25.62
C CYS B 81 10.60 -19.95 25.08
N LEU B 82 10.44 -21.05 25.80
CA LEU B 82 10.98 -22.32 25.37
C LEU B 82 10.13 -23.00 24.30
N GLY B 83 8.81 -22.82 24.38
CA GLY B 83 7.94 -23.29 23.31
C GLY B 83 8.25 -22.51 22.03
N LEU B 84 8.47 -21.22 22.20
CA LEU B 84 8.84 -20.37 21.08
C LEU B 84 10.18 -20.83 20.55
N ASP B 85 11.12 -21.14 21.44
CA ASP B 85 12.41 -21.60 20.98
C ASP B 85 12.34 -22.93 20.22
N ALA B 86 11.47 -23.84 20.65
CA ALA B 86 11.26 -25.07 19.91
C ALA B 86 10.97 -24.74 18.45
N MET B 87 10.19 -23.70 18.21
CA MET B 87 9.83 -23.35 16.83
C MET B 87 11.03 -22.84 16.05
N TRP B 88 11.86 -22.01 16.66
CA TRP B 88 13.13 -21.61 16.03
C TRP B 88 14.03 -22.79 15.79
N GLN B 89 14.11 -23.69 16.77
CA GLN B 89 14.91 -24.92 16.64
C GLN B 89 14.46 -25.72 15.41
N LEU B 90 13.16 -25.84 15.21
CA LEU B 90 12.62 -26.62 14.10
C LEU B 90 12.88 -25.94 12.74
N VAL B 91 12.77 -24.61 12.69
CA VAL B 91 13.01 -23.88 11.44
C VAL B 91 14.50 -23.99 11.07
N GLY B 92 15.37 -23.88 12.06
CA GLY B 92 16.81 -24.11 11.86
C GLY B 92 17.08 -25.52 11.35
N PHE B 93 16.47 -26.51 12.00
CA PHE B 93 16.59 -27.89 11.58
C PHE B 93 16.17 -28.08 10.12
N TYR B 94 15.05 -27.46 9.74
CA TYR B 94 14.58 -27.49 8.37
C TYR B 94 15.66 -27.02 7.37
N LEU B 95 16.31 -25.91 7.68
CA LEU B 95 17.35 -25.37 6.80
C LEU B 95 18.53 -26.32 6.64
N GLY B 96 18.93 -26.97 7.73
CA GLY B 96 20.00 -27.94 7.66
C GLY B 96 19.57 -29.17 6.85
N TRP B 97 18.34 -29.61 7.11
CA TRP B 97 17.74 -30.77 6.45
C TRP B 97 17.68 -30.62 4.96
N GLN B 98 17.46 -29.39 4.50
CA GLN B 98 17.49 -29.11 3.05
C GLN B 98 18.88 -29.26 2.42
N GLY B 99 19.93 -29.29 3.25
CA GLY B 99 21.30 -29.46 2.74
C GLY B 99 22.09 -28.18 2.67
N ASN B 100 21.58 -27.09 3.24
CA ASN B 100 22.30 -25.80 3.28
C ASN B 100 23.44 -25.84 4.29
N PRO B 101 24.59 -25.20 3.97
CA PRO B 101 25.67 -25.10 4.95
C PRO B 101 25.50 -23.94 5.94
N GLY B 102 26.19 -24.04 7.08
CA GLY B 102 26.29 -22.92 8.01
C GLY B 102 25.56 -23.15 9.33
N ARG B 103 25.95 -22.35 10.32
CA ARG B 103 25.42 -22.46 11.67
C ARG B 103 24.14 -21.66 11.82
N GLY B 104 23.19 -22.18 12.57
CA GLY B 104 21.89 -21.57 12.73
C GLY B 104 21.88 -20.48 13.78
N ARG B 105 21.22 -19.37 13.45
CA ARG B 105 20.91 -18.33 14.43
C ARG B 105 19.47 -17.86 14.21
N ALA B 106 18.67 -17.95 15.26
CA ALA B 106 17.35 -17.31 15.28
C ALA B 106 17.52 -15.81 15.06
N LEU B 107 16.68 -15.23 14.21
CA LEU B 107 16.75 -13.82 13.88
C LEU B 107 15.54 -13.04 14.39
N GLY B 108 14.49 -13.73 14.79
CA GLY B 108 13.36 -13.12 15.44
C GLY B 108 12.03 -13.64 14.96
N SER B 109 11.00 -12.81 15.14
CA SER B 109 9.64 -13.18 14.87
C SER B 109 8.81 -11.95 14.64
N GLY B 110 7.75 -12.08 13.86
CA GLY B 110 6.80 -10.97 13.69
C GLY B 110 5.85 -10.62 14.81
N GLU B 111 5.20 -11.65 15.32
CA GLU B 111 4.20 -11.55 16.40
C GLU B 111 4.17 -12.89 17.11
N VAL B 112 4.21 -12.84 18.43
CA VAL B 112 4.12 -14.03 19.24
C VAL B 112 2.94 -13.89 20.17
N LYS B 113 2.17 -14.96 20.30
CA LYS B 113 1.02 -14.96 21.22
C LYS B 113 1.00 -16.20 22.10
N PHE B 114 0.85 -15.98 23.40
CA PHE B 114 0.68 -17.08 24.37
C PHE B 114 -0.74 -16.97 24.92
N PHE B 115 -1.56 -18.00 24.67
CA PHE B 115 -2.97 -17.98 25.06
C PHE B 115 -3.40 -19.30 25.72
N GLY B 116 -2.44 -19.94 26.38
CA GLY B 116 -2.70 -21.14 27.13
C GLY B 116 -1.39 -21.55 27.79
N GLN B 117 -1.40 -22.67 28.50
CA GLN B 117 -0.22 -23.08 29.24
C GLN B 117 0.02 -24.56 29.23
N VAL B 118 1.27 -24.95 29.45
CA VAL B 118 1.63 -26.35 29.59
C VAL B 118 1.93 -26.60 31.06
N LEU B 119 1.06 -27.37 31.68
CA LEU B 119 1.23 -27.74 33.07
C LEU B 119 1.95 -29.09 33.15
N PRO B 120 2.53 -29.41 34.31
CA PRO B 120 3.19 -30.71 34.47
C PRO B 120 2.30 -31.94 34.35
N THR B 121 0.98 -31.75 34.36
CA THR B 121 0.02 -32.84 34.21
C THR B 121 -0.34 -33.12 32.76
N ALA B 122 0.16 -32.29 31.85
CA ALA B 122 -0.06 -32.52 30.42
C ALA B 122 0.69 -33.77 29.97
N LYS B 123 0.30 -34.32 28.83
CA LYS B 123 0.97 -35.50 28.28
C LYS B 123 1.93 -35.16 27.14
N LYS B 124 1.50 -34.32 26.22
CA LYS B 124 2.28 -34.08 25.00
C LYS B 124 2.04 -32.72 24.35
N VAL B 125 3.15 -32.04 24.07
CA VAL B 125 3.13 -30.81 23.30
C VAL B 125 3.42 -31.17 21.84
N THR B 126 2.65 -30.59 20.93
CA THR B 126 2.89 -30.76 19.49
C THR B 126 3.16 -29.41 18.83
N TYR B 127 4.17 -29.38 17.97
CA TYR B 127 4.53 -28.20 17.20
C TYR B 127 4.16 -28.39 15.75
N ASN B 128 3.51 -27.39 15.17
CA ASN B 128 3.18 -27.37 13.75
C ASN B 128 3.81 -26.14 13.12
N ILE B 129 4.74 -26.35 12.18
CA ILE B 129 5.52 -25.28 11.57
C ILE B 129 5.24 -25.29 10.09
N HIS B 130 4.88 -24.13 9.56
CA HIS B 130 4.62 -23.96 8.13
C HIS B 130 5.66 -23.04 7.58
N ILE B 131 6.49 -23.57 6.68
CA ILE B 131 7.51 -22.76 5.99
C ILE B 131 6.81 -21.83 5.02
N LYS B 132 7.10 -20.55 5.15
CA LYS B 132 6.47 -19.53 4.32
C LYS B 132 7.38 -19.15 3.14
N ARG B 133 8.68 -19.05 3.39
CA ARG B 133 9.61 -18.62 2.36
C ARG B 133 11.02 -19.04 2.77
N THR B 134 11.83 -19.46 1.81
CA THR B 134 13.27 -19.56 2.01
C THR B 134 13.95 -18.62 1.02
N ILE B 135 14.92 -17.86 1.51
CA ILE B 135 15.61 -16.83 0.73
C ILE B 135 17.08 -17.20 0.69
N ASN B 136 17.67 -17.10 -0.49
CA ASN B 136 19.06 -17.49 -0.71
C ASN B 136 19.79 -16.34 -1.40
N ARG B 137 19.78 -15.13 -0.82
CA ARG B 137 20.43 -13.99 -1.45
C ARG B 137 21.90 -13.72 -1.03
N SER B 138 22.11 -13.13 0.15
CA SER B 138 23.44 -12.98 0.74
C SER B 138 23.60 -14.02 1.86
N LEU B 139 22.52 -14.20 2.60
CA LEU B 139 22.44 -15.18 3.66
C LEU B 139 21.29 -16.13 3.37
N VAL B 140 21.42 -17.43 3.70
CA VAL B 140 20.29 -18.37 3.58
C VAL B 140 19.38 -18.18 4.79
N LEU B 141 18.11 -17.94 4.56
CA LEU B 141 17.19 -17.82 5.66
C LEU B 141 15.81 -18.36 5.35
N ALA B 142 15.09 -18.68 6.43
CA ALA B 142 13.75 -19.20 6.35
C ALA B 142 12.83 -18.34 7.17
N ILE B 143 11.63 -18.16 6.65
CA ILE B 143 10.54 -17.49 7.33
C ILE B 143 9.42 -18.52 7.45
N ALA B 144 8.81 -18.59 8.64
CA ALA B 144 7.79 -19.59 8.94
C ALA B 144 6.75 -19.07 9.92
N ASP B 145 5.59 -19.68 9.91
CA ASP B 145 4.61 -19.52 10.97
C ASP B 145 4.57 -20.82 11.77
N GLY B 146 4.23 -20.70 13.04
CA GLY B 146 4.15 -21.90 13.88
C GLY B 146 3.08 -21.83 14.94
N THR B 147 2.68 -23.00 15.42
CA THR B 147 1.79 -23.09 16.56
C THR B 147 2.28 -24.16 17.52
N VAL B 148 1.99 -23.96 18.80
CA VAL B 148 2.23 -24.96 19.82
C VAL B 148 0.86 -25.37 20.36
N SER B 149 0.66 -26.67 20.47
CA SER B 149 -0.56 -27.26 21.03
C SER B 149 -0.22 -28.24 22.15
N VAL B 150 -1.12 -28.36 23.11
CA VAL B 150 -0.93 -29.29 24.22
C VAL B 150 -2.19 -30.15 24.28
N ASP B 151 -1.99 -31.46 24.12
CA ASP B 151 -3.08 -32.43 24.19
C ASP B 151 -4.31 -32.01 23.32
N GLY B 152 -4.02 -31.56 22.10
CA GLY B 152 -5.06 -31.18 21.12
C GLY B 152 -5.42 -29.69 21.05
N ARG B 153 -5.05 -28.94 22.08
CA ARG B 153 -5.48 -27.57 22.20
C ARG B 153 -4.36 -26.59 21.84
N GLU B 154 -4.60 -25.71 20.87
CA GLU B 154 -3.64 -24.68 20.50
C GLU B 154 -3.44 -23.70 21.63
N ILE B 155 -2.19 -23.42 21.97
CA ILE B 155 -1.87 -22.50 23.09
C ILE B 155 -0.90 -21.36 22.76
N TYR B 156 0.02 -21.57 21.83
CA TYR B 156 0.94 -20.50 21.40
C TYR B 156 0.90 -20.40 19.89
N SER B 157 1.10 -19.19 19.38
CA SER B 157 1.34 -19.00 17.94
C SER B 157 2.45 -17.98 17.69
N ALA B 158 3.14 -18.14 16.58
CA ALA B 158 4.17 -17.20 16.16
C ALA B 158 4.04 -17.01 14.65
N GLU B 159 4.05 -15.77 14.20
CA GLU B 159 4.04 -15.45 12.78
C GLU B 159 5.36 -14.82 12.38
N GLY B 160 5.90 -15.24 11.24
CA GLY B 160 7.14 -14.65 10.74
C GLY B 160 8.38 -15.01 11.55
N LEU B 161 8.42 -16.22 12.07
CA LEU B 161 9.65 -16.78 12.63
C LEU B 161 10.72 -16.73 11.56
N ARG B 162 11.91 -16.26 11.94
CA ARG B 162 13.04 -16.12 11.03
C ARG B 162 14.28 -16.76 11.65
N VAL B 163 14.94 -17.60 10.87
CA VAL B 163 16.21 -18.22 11.22
C VAL B 163 17.13 -18.10 10.02
N GLY B 164 18.40 -17.80 10.27
CA GLY B 164 19.39 -17.70 9.22
C GLY B 164 20.53 -18.68 9.47
N LEU B 165 21.22 -19.04 8.40
CA LEU B 165 22.42 -19.84 8.48
C LEU B 165 23.63 -18.99 8.19
N PHE B 166 24.67 -19.13 9.01
CA PHE B 166 25.86 -18.34 8.90
C PHE B 166 27.06 -19.25 8.64
N THR B 167 27.68 -19.09 7.48
CA THR B 167 28.87 -19.85 7.12
C THR B 167 30.09 -19.11 7.70
N SER B 168 31.28 -19.58 7.39
CA SER B 168 32.50 -19.00 7.97
C SER B 168 32.71 -17.54 7.54
N THR B 169 32.18 -17.17 6.37
CA THR B 169 32.44 -15.85 5.78
C THR B 169 31.45 -14.76 6.18
N ASP B 170 30.39 -15.15 6.90
CA ASP B 170 29.32 -14.23 7.29
C ASP B 170 29.21 -14.19 8.83
N SER B 171 28.86 -13.03 9.33
CA SER B 171 28.90 -12.79 10.74
C SER B 171 27.73 -11.97 11.14
N PHE B 172 27.55 -11.91 12.45
CA PHE B 172 26.39 -11.29 13.04
C PHE B 172 26.56 -9.79 13.45
N THR C 3 -24.76 -19.06 28.55
CA THR C 3 -23.32 -18.65 28.62
C THR C 3 -22.55 -19.51 29.65
N LYS C 4 -23.23 -20.53 30.15
CA LYS C 4 -22.98 -20.99 31.50
C LYS C 4 -22.06 -22.23 31.66
N GLN C 5 -22.05 -23.11 30.67
CA GLN C 5 -21.38 -24.39 30.74
C GLN C 5 -20.26 -24.35 29.72
N HIS C 6 -19.21 -25.12 29.96
CA HIS C 6 -17.95 -24.96 29.22
C HIS C 6 -17.47 -26.18 28.48
N ALA C 7 -18.29 -27.23 28.49
CA ALA C 7 -18.02 -28.43 27.71
C ALA C 7 -19.36 -29.10 27.41
N PHE C 8 -19.44 -29.78 26.28
CA PHE C 8 -20.68 -30.39 25.84
C PHE C 8 -20.45 -31.78 25.28
N THR C 9 -21.31 -32.71 25.69
CA THR C 9 -21.29 -34.09 25.20
C THR C 9 -22.00 -34.17 23.85
N ARG C 10 -21.86 -35.31 23.18
CA ARG C 10 -22.58 -35.54 21.92
C ARG C 10 -24.08 -35.44 22.13
N GLU C 11 -24.56 -35.97 23.27
CA GLU C 11 -25.98 -35.90 23.57
C GLU C 11 -26.46 -34.45 23.71
N ASP C 12 -25.64 -33.59 24.29
CA ASP C 12 -25.96 -32.16 24.36
C ASP C 12 -26.04 -31.52 22.98
N LEU C 13 -25.13 -31.92 22.11
CA LEU C 13 -25.12 -31.39 20.74
C LEU C 13 -26.35 -31.88 19.95
N LEU C 14 -26.76 -33.13 20.17
CA LEU C 14 -27.97 -33.66 19.53
C LEU C 14 -29.20 -32.92 20.06
N ARG C 15 -29.21 -32.62 21.36
CA ARG C 15 -30.26 -31.79 21.94
C ARG C 15 -30.31 -30.41 21.27
N CYS C 16 -29.13 -29.84 21.06
CA CYS C 16 -29.03 -28.56 20.36
C CYS C 16 -29.60 -28.65 18.95
N SER C 17 -29.33 -29.76 18.25
CA SER C 17 -29.84 -29.93 16.88
C SER C 17 -31.36 -30.04 16.82
N ARG C 18 -32.00 -30.40 17.93
CA ARG C 18 -33.46 -30.43 18.01
C ARG C 18 -34.08 -29.09 18.48
N GLY C 19 -33.26 -28.08 18.71
CA GLY C 19 -33.73 -26.80 19.22
C GLY C 19 -33.97 -26.79 20.71
N GLU C 20 -33.48 -27.82 21.40
CA GLU C 20 -33.79 -28.02 22.81
C GLU C 20 -32.68 -27.57 23.76
N LEU C 21 -31.57 -27.06 23.23
CA LEU C 21 -30.51 -26.52 24.08
C LEU C 21 -30.68 -25.01 24.26
N PHE C 22 -30.81 -24.28 23.15
CA PHE C 22 -30.95 -22.83 23.21
C PHE C 22 -32.39 -22.36 23.05
N GLY C 23 -33.30 -23.27 22.73
CA GLY C 23 -34.73 -22.96 22.65
C GLY C 23 -35.17 -22.69 21.22
N PRO C 24 -36.49 -22.77 20.97
CA PRO C 24 -36.98 -22.61 19.60
C PRO C 24 -36.76 -21.19 19.07
N GLY C 25 -36.36 -21.10 17.81
CA GLY C 25 -36.03 -19.83 17.17
C GLY C 25 -34.62 -19.34 17.45
N ASN C 26 -33.84 -20.09 18.21
CA ASN C 26 -32.45 -19.75 18.49
C ASN C 26 -31.50 -20.71 17.78
N ALA C 27 -30.20 -20.52 17.96
CA ALA C 27 -29.21 -21.27 17.19
C ALA C 27 -29.40 -22.79 17.33
N GLN C 28 -29.21 -23.49 16.21
CA GLN C 28 -29.36 -24.95 16.13
C GLN C 28 -28.17 -25.50 15.39
N LEU C 29 -27.53 -26.53 15.95
CA LEU C 29 -26.60 -27.32 15.17
C LEU C 29 -27.39 -28.16 14.17
N PRO C 30 -26.74 -28.58 13.07
CA PRO C 30 -27.39 -29.57 12.21
C PRO C 30 -27.45 -30.90 12.94
N ALA C 31 -28.39 -31.76 12.55
CA ALA C 31 -28.42 -33.13 13.04
C ALA C 31 -27.50 -33.95 12.15
N PRO C 32 -27.20 -35.19 12.55
CA PRO C 32 -26.55 -36.11 11.61
C PRO C 32 -27.41 -36.26 10.36
N ASN C 33 -26.81 -36.34 9.18
CA ASN C 33 -25.38 -36.49 8.97
C ASN C 33 -24.61 -35.23 8.65
N MET C 34 -25.23 -34.05 8.81
CA MET C 34 -24.49 -32.79 8.58
C MET C 34 -23.71 -32.35 9.82
N LEU C 35 -24.08 -32.82 11.00
CA LEU C 35 -23.34 -32.50 12.23
C LEU C 35 -21.89 -33.02 12.11
N MET C 36 -20.92 -32.14 12.33
CA MET C 36 -19.52 -32.50 12.16
C MET C 36 -18.72 -32.40 13.47
N ILE C 37 -19.43 -32.44 14.59
CA ILE C 37 -18.83 -32.33 15.92
C ILE C 37 -19.40 -33.44 16.80
N ASP C 38 -18.51 -34.16 17.50
CA ASP C 38 -18.94 -35.15 18.49
C ASP C 38 -19.03 -34.52 19.88
N ARG C 39 -18.10 -33.64 20.20
CA ARG C 39 -18.06 -33.03 21.51
C ARG C 39 -17.32 -31.70 21.50
N ILE C 40 -17.69 -30.83 22.43
CA ILE C 40 -17.00 -29.56 22.65
C ILE C 40 -16.29 -29.72 23.97
N VAL C 41 -14.95 -29.74 23.93
CA VAL C 41 -14.18 -30.01 25.14
C VAL C 41 -13.89 -28.71 25.89
N HIS C 42 -13.98 -27.60 25.21
CA HIS C 42 -13.77 -26.29 25.85
C HIS C 42 -14.46 -25.20 25.09
N ILE C 43 -15.21 -24.38 25.80
CA ILE C 43 -15.76 -23.16 25.21
C ILE C 43 -15.70 -22.10 26.30
N SER C 44 -15.26 -20.91 25.93
CA SER C 44 -15.13 -19.77 26.85
C SER C 44 -15.26 -18.46 26.10
N ASP C 45 -15.72 -17.42 26.78
CA ASP C 45 -15.76 -16.08 26.19
C ASP C 45 -14.54 -15.21 26.49
N VAL C 46 -13.53 -15.79 27.14
CA VAL C 46 -12.25 -15.14 27.34
C VAL C 46 -11.15 -16.06 26.81
N GLY C 47 -9.93 -15.54 26.70
CA GLY C 47 -8.83 -16.32 26.16
C GLY C 47 -8.94 -16.47 24.66
N GLY C 48 -8.23 -17.46 24.14
CA GLY C 48 -8.05 -17.60 22.70
C GLY C 48 -7.04 -16.60 22.18
N LYS C 49 -6.73 -16.75 20.90
CA LYS C 49 -5.69 -15.95 20.23
C LYS C 49 -5.93 -14.44 20.34
N TYR C 50 -7.19 -14.01 20.43
CA TYR C 50 -7.51 -12.58 20.47
C TYR C 50 -8.04 -12.13 21.81
N GLY C 51 -8.09 -13.04 22.77
CA GLY C 51 -8.63 -12.72 24.08
C GLY C 51 -10.13 -12.50 24.11
N LYS C 52 -10.83 -12.94 23.07
CA LYS C 52 -12.28 -12.74 22.96
C LYS C 52 -13.05 -14.06 22.96
N GLY C 53 -12.40 -15.14 23.36
CA GLY C 53 -13.04 -16.43 23.47
C GLY C 53 -12.46 -17.48 22.54
N GLU C 54 -12.81 -18.73 22.81
CA GLU C 54 -12.35 -19.84 22.00
C GLU C 54 -13.17 -21.08 22.23
N LEU C 55 -13.11 -21.97 21.24
CA LEU C 55 -13.75 -23.28 21.31
C LEU C 55 -12.75 -24.33 20.87
N VAL C 56 -12.74 -25.43 21.59
CA VAL C 56 -12.01 -26.59 21.19
C VAL C 56 -13.03 -27.73 21.12
N ALA C 57 -13.05 -28.43 20.01
CA ALA C 57 -14.05 -29.46 19.77
C ALA C 57 -13.43 -30.62 19.01
N GLU C 58 -14.13 -31.75 19.01
CA GLU C 58 -13.59 -32.98 18.44
C GLU C 58 -14.62 -33.72 17.64
N LEU C 59 -14.15 -34.45 16.62
CA LEU C 59 -14.92 -35.42 15.87
C LEU C 59 -14.11 -36.72 15.80
N ASP C 60 -14.69 -37.82 16.28
CA ASP C 60 -14.04 -39.12 16.22
C ASP C 60 -14.13 -39.66 14.79
N ILE C 61 -13.03 -40.22 14.31
CA ILE C 61 -12.99 -40.76 12.94
C ILE C 61 -12.97 -42.28 13.03
N ASN C 62 -13.76 -42.91 12.19
CA ASN C 62 -13.64 -44.34 11.92
C ASN C 62 -13.93 -44.60 10.44
N PRO C 63 -13.54 -45.78 9.92
CA PRO C 63 -13.66 -46.00 8.46
C PRO C 63 -15.08 -46.09 7.92
N ASP C 64 -16.07 -46.23 8.81
CA ASP C 64 -17.46 -46.36 8.39
C ASP C 64 -18.24 -45.04 8.29
N LEU C 65 -17.60 -43.91 8.58
CA LEU C 65 -18.29 -42.62 8.43
C LEU C 65 -18.79 -42.49 7.01
N TRP C 66 -20.02 -42.00 6.86
CA TRP C 66 -20.75 -42.06 5.59
C TRP C 66 -20.01 -41.44 4.43
N PHE C 67 -19.31 -40.34 4.65
CA PHE C 67 -18.70 -39.60 3.54
C PHE C 67 -17.52 -40.32 2.89
N PHE C 68 -16.90 -41.27 3.61
CA PHE C 68 -15.78 -42.01 3.05
C PHE C 68 -16.17 -42.89 1.86
N ALA C 69 -17.36 -43.49 1.88
CA ALA C 69 -17.80 -44.38 0.77
C ALA C 69 -18.06 -43.62 -0.54
N CYS C 70 -18.56 -42.39 -0.46
CA CYS C 70 -18.92 -41.64 -1.68
C CYS C 70 -17.88 -40.59 -2.08
N HIS C 71 -16.89 -40.34 -1.24
CA HIS C 71 -15.92 -39.25 -1.44
C HIS C 71 -14.52 -39.72 -1.09
N PHE C 72 -13.79 -40.37 -2.00
CA PHE C 72 -14.24 -40.77 -3.33
C PHE C 72 -14.19 -42.28 -3.41
N GLU C 73 -14.90 -42.85 -4.38
CA GLU C 73 -14.86 -44.30 -4.59
C GLU C 73 -13.44 -44.74 -4.91
N GLY C 74 -12.92 -45.66 -4.10
CA GLY C 74 -11.52 -46.12 -4.22
C GLY C 74 -10.47 -45.16 -3.65
N ASP C 75 -10.90 -44.05 -3.06
CA ASP C 75 -9.99 -43.00 -2.58
C ASP C 75 -10.68 -42.19 -1.47
N PRO C 76 -10.95 -42.85 -0.32
CA PRO C 76 -11.72 -42.23 0.76
C PRO C 76 -10.98 -41.08 1.43
N VAL C 77 -11.64 -39.94 1.58
CA VAL C 77 -11.05 -38.78 2.22
C VAL C 77 -12.15 -37.85 2.68
N MET C 78 -12.02 -37.29 3.88
CA MET C 78 -13.05 -36.41 4.38
C MET C 78 -13.16 -35.18 3.49
N PRO C 79 -14.38 -34.81 3.09
CA PRO C 79 -14.55 -33.58 2.35
C PRO C 79 -14.08 -32.36 3.15
N GLY C 80 -13.24 -31.56 2.54
CA GLY C 80 -12.77 -30.32 3.15
C GLY C 80 -13.92 -29.41 3.53
N CYS C 81 -14.95 -29.37 2.68
CA CYS C 81 -16.08 -28.50 2.93
C CYS C 81 -16.77 -28.83 4.27
N LEU C 82 -16.73 -30.09 4.70
CA LEU C 82 -17.38 -30.50 5.96
C LEU C 82 -16.54 -30.12 7.17
N GLY C 83 -15.21 -30.16 7.04
CA GLY C 83 -14.34 -29.66 8.09
C GLY C 83 -14.49 -28.16 8.24
N LEU C 84 -14.63 -27.50 7.10
CA LEU C 84 -14.90 -26.08 7.09
C LEU C 84 -16.26 -25.84 7.74
N ASP C 85 -17.24 -26.67 7.41
CA ASP C 85 -18.56 -26.47 8.01
C ASP C 85 -18.58 -26.68 9.52
N ALA C 86 -17.80 -27.63 10.02
CA ALA C 86 -17.66 -27.81 11.47
C ALA C 86 -17.27 -26.47 12.10
N MET C 87 -16.42 -25.70 11.44
CA MET C 87 -15.99 -24.41 11.98
C MET C 87 -17.13 -23.39 12.02
N TRP C 88 -17.92 -23.32 10.97
CA TRP C 88 -19.11 -22.47 10.98
C TRP C 88 -20.10 -22.91 11.99
N GLN C 89 -20.27 -24.23 12.13
CA GLN C 89 -21.15 -24.78 13.15
C GLN C 89 -20.76 -24.30 14.55
N LEU C 90 -19.45 -24.33 14.83
CA LEU C 90 -18.94 -23.95 16.13
C LEU C 90 -19.09 -22.47 16.41
N VAL C 91 -18.86 -21.65 15.41
CA VAL C 91 -19.01 -20.20 15.56
C VAL C 91 -20.47 -19.86 15.80
N GLY C 92 -21.38 -20.51 15.06
CA GLY C 92 -22.81 -20.34 15.30
C GLY C 92 -23.20 -20.75 16.71
N PHE C 93 -22.70 -21.91 17.14
CA PHE C 93 -22.95 -22.40 18.49
C PHE C 93 -22.49 -21.38 19.53
N TYR C 94 -21.31 -20.80 19.33
CA TYR C 94 -20.78 -19.78 20.21
C TYR C 94 -21.77 -18.62 20.38
N LEU C 95 -22.35 -18.17 19.29
CA LEU C 95 -23.31 -17.04 19.36
C LEU C 95 -24.56 -17.40 20.14
N GLY C 96 -25.05 -18.64 19.99
CA GLY C 96 -26.18 -19.09 20.76
C GLY C 96 -25.82 -19.22 22.23
N TRP C 97 -24.64 -19.77 22.46
CA TRP C 97 -24.10 -19.98 23.80
C TRP C 97 -23.97 -18.71 24.60
N GLN C 98 -23.64 -17.60 23.92
CA GLN C 98 -23.59 -16.28 24.55
C GLN C 98 -24.96 -15.75 24.98
N GLY C 99 -26.03 -16.36 24.48
CA GLY C 99 -27.38 -15.99 24.91
C GLY C 99 -28.09 -15.09 23.92
N ASN C 100 -27.54 -14.96 22.72
CA ASN C 100 -28.17 -14.18 21.67
C ASN C 100 -29.35 -14.94 21.06
N PRO C 101 -30.43 -14.22 20.69
CA PRO C 101 -31.53 -14.87 20.01
C PRO C 101 -31.33 -14.98 18.49
N GLY C 102 -32.06 -15.89 17.86
CA GLY C 102 -32.11 -15.96 16.40
C GLY C 102 -31.48 -17.21 15.80
N ARG C 103 -31.83 -17.47 14.54
CA ARG C 103 -31.35 -18.64 13.82
C ARG C 103 -30.01 -18.34 13.15
N GLY C 104 -29.14 -19.34 13.12
CA GLY C 104 -27.80 -19.18 12.61
C GLY C 104 -27.74 -19.34 11.11
N ARG C 105 -26.98 -18.46 10.47
CA ARG C 105 -26.62 -18.61 9.05
C ARG C 105 -25.14 -18.25 8.88
N ALA C 106 -24.38 -19.19 8.33
CA ALA C 106 -23.02 -18.91 7.89
C ALA C 106 -23.06 -17.79 6.84
N LEU C 107 -22.13 -16.84 6.97
CA LEU C 107 -22.05 -15.72 6.06
C LEU C 107 -20.82 -15.76 5.18
N GLY C 108 -19.85 -16.60 5.54
CA GLY C 108 -18.69 -16.81 4.69
C GLY C 108 -17.38 -16.80 5.46
N SER C 109 -16.32 -16.49 4.74
CA SER C 109 -14.97 -16.61 5.24
C SER C 109 -14.04 -15.74 4.42
N GLY C 110 -12.95 -15.32 5.04
CA GLY C 110 -11.83 -14.79 4.34
C GLY C 110 -11.08 -16.03 3.86
N GLU C 111 -9.77 -16.05 3.89
CA GLU C 111 -9.06 -17.13 3.23
C GLU C 111 -9.27 -18.53 3.83
N VAL C 112 -9.48 -19.53 2.98
CA VAL C 112 -9.58 -20.92 3.41
C VAL C 112 -8.45 -21.70 2.76
N LYS C 113 -7.77 -22.53 3.55
CA LYS C 113 -6.69 -23.37 3.05
C LYS C 113 -6.84 -24.81 3.50
N PHE C 114 -6.72 -25.73 2.55
CA PHE C 114 -6.65 -27.15 2.84
C PHE C 114 -5.24 -27.62 2.50
N PHE C 115 -4.52 -28.13 3.47
CA PHE C 115 -3.12 -28.54 3.28
C PHE C 115 -2.84 -29.88 3.96
N GLY C 116 -3.86 -30.71 4.02
CA GLY C 116 -3.73 -32.06 4.52
C GLY C 116 -5.09 -32.73 4.42
N GLN C 117 -5.19 -33.95 4.89
CA GLN C 117 -6.43 -34.71 4.69
C GLN C 117 -6.77 -35.55 5.89
N VAL C 118 -8.06 -35.87 6.03
CA VAL C 118 -8.52 -36.83 7.02
C VAL C 118 -8.83 -38.15 6.28
N LEU C 119 -8.04 -39.16 6.56
CA LEU C 119 -8.21 -40.49 5.96
C LEU C 119 -8.97 -41.37 6.95
N PRO C 120 -9.54 -42.48 6.45
CA PRO C 120 -10.32 -43.34 7.34
C PRO C 120 -9.50 -44.05 8.41
N THR C 121 -8.17 -43.99 8.32
CA THR C 121 -7.28 -44.52 9.34
C THR C 121 -6.98 -43.54 10.47
N ALA C 122 -7.47 -42.30 10.37
CA ALA C 122 -7.31 -41.31 11.42
C ALA C 122 -8.13 -41.69 12.64
N LYS C 123 -7.77 -41.16 13.81
CA LYS C 123 -8.50 -41.43 15.03
C LYS C 123 -9.40 -40.27 15.44
N LYS C 124 -8.88 -39.05 15.39
CA LYS C 124 -9.61 -37.89 15.90
C LYS C 124 -9.25 -36.56 15.24
N VAL C 125 -10.29 -35.85 14.82
CA VAL C 125 -10.17 -34.51 14.30
C VAL C 125 -10.43 -33.56 15.48
N THR C 126 -9.58 -32.55 15.62
CA THR C 126 -9.78 -31.49 16.60
C THR C 126 -9.90 -30.13 15.92
N TYR C 127 -10.90 -29.37 16.37
CA TYR C 127 -11.13 -28.01 15.89
C TYR C 127 -10.69 -27.04 16.97
N ASN C 128 -9.95 -26.02 16.57
CA ASN C 128 -9.59 -24.91 17.42
C ASN C 128 -10.11 -23.63 16.77
N ILE C 129 -11.00 -22.96 17.48
CA ILE C 129 -11.67 -21.76 16.97
C ILE C 129 -11.33 -20.61 17.90
N HIS C 130 -10.88 -19.49 17.34
CA HIS C 130 -10.55 -18.29 18.09
C HIS C 130 -11.46 -17.18 17.65
N ILE C 131 -12.28 -16.73 18.60
CA ILE C 131 -13.22 -15.65 18.32
C ILE C 131 -12.41 -14.35 18.22
N LYS C 132 -12.62 -13.65 17.13
CA LYS C 132 -11.90 -12.44 16.85
C LYS C 132 -12.75 -11.22 17.25
N ARG C 133 -14.05 -11.26 16.95
CA ARG C 133 -14.94 -10.14 17.23
C ARG C 133 -16.36 -10.64 17.30
N THR C 134 -17.17 -10.05 18.17
CA THR C 134 -18.62 -10.15 18.03
C THR C 134 -19.23 -8.75 17.92
N ILE C 135 -20.21 -8.60 17.02
CA ILE C 135 -20.85 -7.32 16.74
C ILE C 135 -22.35 -7.48 17.00
N ASN C 136 -22.95 -6.50 17.69
N ASN C 136 -22.94 -6.50 17.68
CA ASN C 136 -24.40 -6.52 17.99
CA ASN C 136 -24.38 -6.54 18.00
C ASN C 136 -25.10 -5.24 17.63
C ASN C 136 -25.11 -5.25 17.64
N ARG C 137 -25.13 -4.90 16.34
CA ARG C 137 -25.81 -3.68 15.87
C ARG C 137 -27.22 -3.84 15.25
N SER C 138 -27.29 -4.15 13.96
CA SER C 138 -28.56 -4.44 13.28
C SER C 138 -28.75 -5.95 13.34
N LEU C 139 -27.63 -6.66 13.11
CA LEU C 139 -27.58 -8.09 13.20
C LEU C 139 -26.47 -8.52 14.17
N VAL C 140 -26.70 -9.58 14.92
CA VAL C 140 -25.66 -10.16 15.76
C VAL C 140 -24.76 -11.06 14.92
N LEU C 141 -23.45 -10.82 14.97
CA LEU C 141 -22.52 -11.66 14.23
C LEU C 141 -21.19 -11.84 14.91
N ALA C 142 -20.54 -12.93 14.52
CA ALA C 142 -19.21 -13.27 15.03
C ALA C 142 -18.25 -13.45 13.88
N ILE C 143 -17.01 -13.03 14.12
CA ILE C 143 -15.90 -13.24 13.22
C ILE C 143 -14.87 -14.06 14.00
N ALA C 144 -14.32 -15.09 13.37
CA ALA C 144 -13.39 -16.02 14.02
C ALA C 144 -12.35 -16.54 13.04
N ASP C 145 -11.24 -17.03 13.59
CA ASP C 145 -10.29 -17.82 12.83
C ASP C 145 -10.35 -19.24 13.36
N GLY C 146 -10.06 -20.21 12.51
CA GLY C 146 -10.15 -21.61 12.94
C GLY C 146 -9.14 -22.50 12.24
N THR C 147 -8.78 -23.59 12.93
CA THR C 147 -7.95 -24.62 12.34
C THR C 147 -8.57 -25.99 12.60
N VAL C 148 -8.34 -26.90 11.65
CA VAL C 148 -8.71 -28.30 11.80
C VAL C 148 -7.40 -29.06 11.84
N SER C 149 -7.28 -29.95 12.82
CA SER C 149 -6.14 -30.82 12.98
C SER C 149 -6.62 -32.27 13.04
N VAL C 150 -5.75 -33.19 12.63
CA VAL C 150 -6.05 -34.60 12.71
C VAL C 150 -4.86 -35.29 13.40
N ASP C 151 -5.14 -35.92 14.53
CA ASP C 151 -4.11 -36.61 15.31
C ASP C 151 -2.86 -35.77 15.54
N GLY C 152 -3.07 -34.50 15.93
CA GLY C 152 -1.98 -33.58 16.27
C GLY C 152 -1.49 -32.68 15.14
N ARG C 153 -1.83 -33.03 13.90
CA ARG C 153 -1.31 -32.33 12.74
C ARG C 153 -2.34 -31.35 12.15
N GLU C 154 -1.98 -30.06 12.07
CA GLU C 154 -2.84 -29.08 11.42
C GLU C 154 -3.00 -29.38 9.94
N ILE C 155 -4.23 -29.34 9.44
CA ILE C 155 -4.51 -29.63 8.03
C ILE C 155 -5.37 -28.60 7.29
N TYR C 156 -6.28 -27.92 7.98
CA TYR C 156 -7.08 -26.87 7.35
C TYR C 156 -7.01 -25.61 8.18
N SER C 157 -7.11 -24.47 7.53
CA SER C 157 -7.25 -23.20 8.24
C SER C 157 -8.26 -22.31 7.54
N ALA C 158 -8.92 -21.48 8.33
CA ALA C 158 -9.83 -20.47 7.79
C ALA C 158 -9.64 -19.19 8.60
N GLU C 159 -9.56 -18.08 7.91
CA GLU C 159 -9.48 -16.78 8.55
C GLU C 159 -10.75 -16.03 8.25
N GLY C 160 -11.28 -15.35 9.25
CA GLY C 160 -12.42 -14.45 9.02
C GLY C 160 -13.71 -15.21 8.76
N LEU C 161 -13.84 -16.38 9.38
CA LEU C 161 -15.14 -17.07 9.44
C LEU C 161 -16.19 -16.12 9.99
N ARG C 162 -17.35 -16.07 9.36
CA ARG C 162 -18.43 -15.17 9.76
C ARG C 162 -19.73 -15.95 9.85
N VAL C 163 -20.43 -15.79 10.96
CA VAL C 163 -21.76 -16.37 11.16
C VAL C 163 -22.64 -15.27 11.77
N GLY C 164 -23.89 -15.23 11.32
CA GLY C 164 -24.85 -14.26 11.82
C GLY C 164 -26.05 -14.97 12.42
N LEU C 165 -26.75 -14.27 13.32
CA LEU C 165 -28.02 -14.75 13.86
C LEU C 165 -29.15 -13.91 13.32
N PHE C 166 -30.23 -14.57 12.92
CA PHE C 166 -31.36 -13.91 12.29
C PHE C 166 -32.60 -14.17 13.11
N THR C 167 -33.17 -13.11 13.66
CA THR C 167 -34.42 -13.23 14.38
C THR C 167 -35.58 -13.41 13.42
N SER C 168 -35.37 -13.12 12.14
CA SER C 168 -36.23 -13.62 11.11
C SER C 168 -35.39 -13.87 9.85
N THR C 169 -35.58 -15.05 9.26
CA THR C 169 -34.87 -15.47 8.05
C THR C 169 -35.61 -15.10 6.77
N ASP C 170 -36.72 -14.36 6.87
CA ASP C 170 -37.55 -14.09 5.69
C ASP C 170 -36.99 -13.13 4.63
N SER C 171 -35.99 -12.34 4.99
CA SER C 171 -35.40 -11.35 4.07
C SER C 171 -33.87 -11.68 3.78
N PHE C 172 -33.39 -12.84 4.23
CA PHE C 172 -32.11 -13.44 3.73
C PHE C 172 -32.35 -14.20 2.41
N THR D 3 -11.63 -32.30 -24.16
CA THR D 3 -12.26 -30.96 -24.27
C THR D 3 -13.14 -30.88 -25.52
N LYS D 4 -13.49 -32.05 -26.07
CA LYS D 4 -14.36 -32.12 -27.24
C LYS D 4 -15.80 -31.82 -26.79
N GLN D 5 -16.18 -32.39 -25.64
CA GLN D 5 -17.58 -32.38 -25.22
C GLN D 5 -17.88 -31.18 -24.29
N HIS D 6 -18.97 -30.46 -24.55
CA HIS D 6 -19.26 -29.20 -23.88
C HIS D 6 -20.45 -29.21 -22.95
N ALA D 7 -21.03 -30.38 -22.71
CA ALA D 7 -22.12 -30.53 -21.77
C ALA D 7 -22.17 -31.97 -21.30
N PHE D 8 -22.63 -32.18 -20.07
CA PHE D 8 -22.67 -33.51 -19.47
C PHE D 8 -23.97 -33.75 -18.71
N THR D 9 -24.53 -34.96 -18.90
CA THR D 9 -25.74 -35.39 -18.23
C THR D 9 -25.41 -35.90 -16.84
N ARG D 10 -26.44 -36.11 -16.02
CA ARG D 10 -26.24 -36.71 -14.70
C ARG D 10 -25.57 -38.07 -14.82
N GLU D 11 -25.98 -38.85 -15.82
CA GLU D 11 -25.39 -40.17 -16.01
C GLU D 11 -23.88 -40.08 -16.30
N ASP D 12 -23.47 -39.07 -17.08
CA ASP D 12 -22.05 -38.82 -17.33
C ASP D 12 -21.30 -38.48 -16.02
N LEU D 13 -21.96 -37.70 -15.17
CA LEU D 13 -21.36 -37.31 -13.90
C LEU D 13 -21.24 -38.49 -12.93
N LEU D 14 -22.24 -39.37 -12.93
CA LEU D 14 -22.19 -40.59 -12.15
C LEU D 14 -21.08 -41.51 -12.66
N ARG D 15 -20.92 -41.59 -13.97
CA ARG D 15 -19.80 -42.33 -14.56
C ARG D 15 -18.46 -41.75 -14.09
N CYS D 16 -18.37 -40.42 -14.07
CA CYS D 16 -17.19 -39.74 -13.57
C CYS D 16 -16.91 -40.09 -12.11
N SER D 17 -17.96 -40.18 -11.29
CA SER D 17 -17.79 -40.54 -9.87
C SER D 17 -17.29 -41.96 -9.66
N ARG D 18 -17.48 -42.83 -10.64
CA ARG D 18 -16.95 -44.20 -10.58
C ARG D 18 -15.54 -44.33 -11.18
N GLY D 19 -14.95 -43.22 -11.63
CA GLY D 19 -13.63 -43.24 -12.25
C GLY D 19 -13.67 -43.67 -13.70
N GLU D 20 -14.87 -43.71 -14.27
CA GLU D 20 -15.06 -44.26 -15.61
C GLU D 20 -15.21 -43.20 -16.71
N LEU D 21 -15.12 -41.92 -16.36
CA LEU D 21 -15.12 -40.87 -17.37
C LEU D 21 -13.69 -40.50 -17.76
N PHE D 22 -12.86 -40.17 -16.77
CA PHE D 22 -11.49 -39.74 -17.03
C PHE D 22 -10.46 -40.84 -16.80
N GLY D 23 -10.91 -41.98 -16.27
CA GLY D 23 -10.05 -43.15 -16.08
C GLY D 23 -9.50 -43.24 -14.67
N PRO D 24 -9.03 -44.43 -14.28
CA PRO D 24 -8.54 -44.59 -12.91
C PRO D 24 -7.29 -43.75 -12.63
N GLY D 25 -7.23 -43.16 -11.44
CA GLY D 25 -6.13 -42.29 -11.04
C GLY D 25 -6.28 -40.86 -11.49
N ASN D 26 -7.35 -40.56 -12.21
CA ASN D 26 -7.61 -39.20 -12.68
C ASN D 26 -8.79 -38.61 -11.93
N ALA D 27 -9.18 -37.38 -12.27
CA ALA D 27 -10.19 -36.65 -11.51
C ALA D 27 -11.50 -37.42 -11.39
N GLN D 28 -12.09 -37.37 -10.19
CA GLN D 28 -13.34 -38.08 -9.88
C GLN D 28 -14.25 -37.12 -9.18
N LEU D 29 -15.49 -37.02 -9.63
CA LEU D 29 -16.50 -36.36 -8.82
C LEU D 29 -16.85 -37.26 -7.64
N PRO D 30 -17.34 -36.69 -6.52
CA PRO D 30 -17.93 -37.54 -5.51
C PRO D 30 -19.21 -38.20 -6.03
N ALA D 31 -19.56 -39.35 -5.46
CA ALA D 31 -20.84 -39.99 -5.74
C ALA D 31 -21.86 -39.38 -4.82
N PRO D 32 -23.16 -39.64 -5.08
CA PRO D 32 -24.16 -39.23 -4.08
C PRO D 32 -23.84 -39.91 -2.75
N ASN D 33 -24.04 -39.26 -1.61
CA ASN D 33 -24.72 -37.98 -1.48
C ASN D 33 -23.82 -36.74 -1.40
N MET D 34 -22.53 -36.88 -1.69
CA MET D 34 -21.66 -35.70 -1.72
C MET D 34 -21.71 -34.96 -3.07
N LEU D 35 -22.12 -35.65 -4.14
CA LEU D 35 -22.25 -35.00 -5.45
C LEU D 35 -23.28 -33.86 -5.39
N MET D 36 -22.88 -32.65 -5.80
CA MET D 36 -23.75 -31.50 -5.69
C MET D 36 -24.12 -30.89 -7.06
N ILE D 37 -23.99 -31.70 -8.11
CA ILE D 37 -24.27 -31.28 -9.48
C ILE D 37 -25.14 -32.32 -10.15
N ASP D 38 -26.19 -31.88 -10.82
CA ASP D 38 -27.02 -32.77 -11.64
C ASP D 38 -26.56 -32.79 -13.09
N ARG D 39 -26.15 -31.65 -13.61
CA ARG D 39 -25.70 -31.58 -14.99
C ARG D 39 -24.76 -30.39 -15.20
N ILE D 40 -23.90 -30.53 -16.20
CA ILE D 40 -23.08 -29.44 -16.67
C ILE D 40 -23.68 -29.03 -18.01
N VAL D 41 -24.22 -27.81 -18.06
CA VAL D 41 -24.89 -27.35 -19.26
C VAL D 41 -23.91 -26.70 -20.23
N HIS D 42 -22.77 -26.23 -19.71
CA HIS D 42 -21.75 -25.63 -20.55
C HIS D 42 -20.39 -25.71 -19.91
N ILE D 43 -19.41 -26.18 -20.67
CA ILE D 43 -18.03 -26.18 -20.22
C ILE D 43 -17.16 -25.90 -21.45
N SER D 44 -16.20 -25.00 -21.29
CA SER D 44 -15.33 -24.55 -22.38
C SER D 44 -14.01 -24.09 -21.80
N ASP D 45 -12.94 -24.20 -22.60
CA ASP D 45 -11.63 -23.67 -22.21
C ASP D 45 -11.34 -22.27 -22.76
N VAL D 46 -12.33 -21.66 -23.40
CA VAL D 46 -12.26 -20.26 -23.80
C VAL D 46 -13.47 -19.53 -23.22
N GLY D 47 -13.46 -18.21 -23.31
CA GLY D 47 -14.55 -17.41 -22.76
C GLY D 47 -14.50 -17.35 -21.25
N GLY D 48 -15.64 -17.01 -20.65
CA GLY D 48 -15.69 -16.71 -19.24
C GLY D 48 -15.11 -15.33 -18.95
N LYS D 49 -15.25 -14.92 -17.71
CA LYS D 49 -14.89 -13.58 -17.26
C LYS D 49 -13.42 -13.22 -17.52
N TYR D 50 -12.54 -14.22 -17.56
CA TYR D 50 -11.13 -13.99 -17.77
C TYR D 50 -10.62 -14.51 -19.11
N GLY D 51 -11.52 -15.04 -19.94
CA GLY D 51 -11.13 -15.57 -21.23
C GLY D 51 -10.36 -16.87 -21.15
N LYS D 52 -10.38 -17.52 -20.00
CA LYS D 52 -9.63 -18.76 -19.79
C LYS D 52 -10.53 -19.97 -19.53
N GLY D 53 -11.82 -19.83 -19.84
CA GLY D 53 -12.75 -20.93 -19.69
C GLY D 53 -13.84 -20.69 -18.67
N GLU D 54 -14.87 -21.51 -18.74
CA GLU D 54 -15.99 -21.39 -17.81
C GLU D 54 -16.83 -22.66 -17.78
N LEU D 55 -17.58 -22.80 -16.69
CA LEU D 55 -18.55 -23.86 -16.54
C LEU D 55 -19.86 -23.26 -16.06
N VAL D 56 -20.96 -23.75 -16.61
CA VAL D 56 -22.29 -23.49 -16.10
C VAL D 56 -22.90 -24.85 -15.78
N ALA D 57 -23.39 -25.01 -14.56
CA ALA D 57 -23.90 -26.29 -14.10
C ALA D 57 -25.14 -26.07 -13.26
N GLU D 58 -25.88 -27.14 -13.02
CA GLU D 58 -27.17 -27.03 -12.34
C GLU D 58 -27.36 -28.17 -11.35
N LEU D 59 -28.10 -27.87 -10.28
CA LEU D 59 -28.61 -28.85 -9.34
C LEU D 59 -30.10 -28.59 -9.18
N ASP D 60 -30.91 -29.61 -9.43
CA ASP D 60 -32.37 -29.50 -9.25
C ASP D 60 -32.67 -29.60 -7.77
N ILE D 61 -33.57 -28.74 -7.29
CA ILE D 61 -33.93 -28.74 -5.88
C ILE D 61 -35.31 -29.35 -5.73
N ASN D 62 -35.45 -30.25 -4.76
CA ASN D 62 -36.74 -30.71 -4.31
C ASN D 62 -36.68 -30.89 -2.78
N PRO D 63 -37.84 -30.96 -2.12
CA PRO D 63 -37.83 -30.98 -0.65
C PRO D 63 -37.23 -32.23 -0.03
N ASP D 64 -37.03 -33.29 -0.82
CA ASP D 64 -36.53 -34.56 -0.29
C ASP D 64 -35.02 -34.71 -0.32
N LEU D 65 -34.29 -33.72 -0.81
CA LEU D 65 -32.83 -33.80 -0.78
C LEU D 65 -32.38 -34.01 0.67
N TRP D 66 -31.42 -34.92 0.86
CA TRP D 66 -31.07 -35.44 2.18
C TRP D 66 -30.71 -34.37 3.20
N PHE D 67 -30.03 -33.32 2.77
CA PHE D 67 -29.54 -32.31 3.71
C PHE D 67 -30.65 -31.48 4.36
N PHE D 68 -31.81 -31.39 3.72
CA PHE D 68 -32.89 -30.57 4.27
C PHE D 68 -33.41 -31.11 5.60
N ALA D 69 -33.46 -32.43 5.76
CA ALA D 69 -34.00 -33.02 6.98
C ALA D 69 -33.11 -32.77 8.20
N CYS D 70 -31.79 -32.74 8.01
CA CYS D 70 -30.89 -32.61 9.15
C CYS D 70 -30.33 -31.20 9.33
N HIS D 71 -30.60 -30.30 8.39
CA HIS D 71 -29.97 -28.99 8.35
C HIS D 71 -30.99 -27.93 7.94
N PHE D 72 -31.78 -27.41 8.87
CA PHE D 72 -31.85 -27.80 10.27
C PHE D 72 -33.25 -28.35 10.56
N GLU D 73 -33.40 -29.09 11.65
CA GLU D 73 -34.70 -29.62 12.04
C GLU D 73 -35.66 -28.46 12.29
N GLY D 74 -36.78 -28.45 11.56
CA GLY D 74 -37.75 -27.35 11.62
C GLY D 74 -37.37 -26.09 10.84
N ASP D 75 -36.24 -26.13 10.14
CA ASP D 75 -35.70 -24.95 9.46
C ASP D 75 -34.78 -25.41 8.31
N PRO D 76 -35.36 -26.06 7.29
CA PRO D 76 -34.58 -26.66 6.22
C PRO D 76 -33.92 -25.61 5.34
N VAL D 77 -32.63 -25.76 5.11
CA VAL D 77 -31.90 -24.83 4.26
C VAL D 77 -30.64 -25.53 3.75
N MET D 78 -30.32 -25.33 2.48
CA MET D 78 -29.14 -25.97 1.94
C MET D 78 -27.90 -25.47 2.68
N PRO D 79 -27.04 -26.39 3.12
CA PRO D 79 -25.76 -25.95 3.69
C PRO D 79 -24.91 -25.18 2.69
N GLY D 80 -24.44 -24.01 3.10
CA GLY D 80 -23.55 -23.21 2.26
C GLY D 80 -22.32 -23.97 1.85
N CYS D 81 -21.78 -24.77 2.77
CA CYS D 81 -20.57 -25.53 2.50
C CYS D 81 -20.72 -26.48 1.30
N LEU D 82 -21.92 -26.99 1.07
CA LEU D 82 -22.17 -27.89 -0.06
C LEU D 82 -22.29 -27.15 -1.39
N GLY D 83 -22.84 -25.93 -1.37
CA GLY D 83 -22.82 -25.07 -2.57
C GLY D 83 -21.40 -24.67 -2.91
N LEU D 84 -20.62 -24.37 -1.89
CA LEU D 84 -19.19 -24.09 -2.07
C LEU D 84 -18.51 -25.35 -2.62
N ASP D 85 -18.85 -26.52 -2.07
CA ASP D 85 -18.21 -27.74 -2.57
C ASP D 85 -18.56 -28.06 -4.02
N ALA D 86 -19.78 -27.74 -4.44
CA ALA D 86 -20.14 -27.90 -5.85
C ALA D 86 -19.14 -27.12 -6.72
N MET D 87 -18.72 -25.95 -6.27
CA MET D 87 -17.78 -25.15 -7.05
C MET D 87 -16.40 -25.78 -7.14
N TRP D 88 -15.91 -26.34 -6.03
CA TRP D 88 -14.66 -27.10 -6.07
C TRP D 88 -14.79 -28.32 -6.94
N GLN D 89 -15.94 -29.00 -6.85
CA GLN D 89 -16.21 -30.19 -7.67
C GLN D 89 -16.11 -29.84 -9.16
N LEU D 90 -16.68 -28.70 -9.54
CA LEU D 90 -16.66 -28.26 -10.93
C LEU D 90 -15.26 -27.88 -11.41
N VAL D 91 -14.50 -27.21 -10.58
CA VAL D 91 -13.15 -26.81 -10.94
C VAL D 91 -12.27 -28.05 -11.10
N GLY D 92 -12.41 -29.01 -10.21
CA GLY D 92 -11.71 -30.29 -10.33
C GLY D 92 -12.09 -30.99 -11.63
N PHE D 93 -13.39 -31.03 -11.92
CA PHE D 93 -13.88 -31.63 -13.15
C PHE D 93 -13.23 -30.97 -14.36
N TYR D 94 -13.15 -29.63 -14.34
CA TYR D 94 -12.51 -28.87 -15.41
C TYR D 94 -11.08 -29.37 -15.67
N LEU D 95 -10.31 -29.54 -14.61
CA LEU D 95 -8.92 -29.99 -14.75
C LEU D 95 -8.84 -31.40 -15.37
N GLY D 96 -9.74 -32.29 -14.99
CA GLY D 96 -9.79 -33.63 -15.59
C GLY D 96 -10.20 -33.57 -17.06
N TRP D 97 -11.21 -32.75 -17.32
CA TRP D 97 -11.75 -32.53 -18.66
C TRP D 97 -10.71 -32.01 -19.63
N GLN D 98 -9.79 -31.19 -19.15
CA GLN D 98 -8.67 -30.73 -19.99
C GLN D 98 -7.70 -31.84 -20.38
N GLY D 99 -7.75 -32.98 -19.70
CA GLY D 99 -6.90 -34.13 -20.03
C GLY D 99 -5.70 -34.28 -19.11
N ASN D 100 -5.67 -33.53 -18.00
CA ASN D 100 -4.60 -33.64 -17.03
C ASN D 100 -4.75 -34.90 -16.20
N PRO D 101 -3.63 -35.56 -15.87
CA PRO D 101 -3.68 -36.71 -14.97
C PRO D 101 -3.71 -36.33 -13.48
N GLY D 102 -4.18 -37.25 -12.65
CA GLY D 102 -4.06 -37.12 -11.20
C GLY D 102 -5.38 -36.93 -10.49
N ARG D 103 -5.36 -37.18 -9.18
CA ARG D 103 -6.55 -37.10 -8.35
C ARG D 103 -6.77 -35.67 -7.88
N GLY D 104 -8.03 -35.26 -7.82
CA GLY D 104 -8.38 -33.89 -7.45
C GLY D 104 -8.42 -33.69 -5.96
N ARG D 105 -7.88 -32.56 -5.51
CA ARG D 105 -8.02 -32.12 -4.12
C ARG D 105 -8.26 -30.61 -4.10
N ALA D 106 -9.36 -30.20 -3.50
CA ALA D 106 -9.60 -28.81 -3.19
C ALA D 106 -8.48 -28.29 -2.30
N LEU D 107 -7.99 -27.10 -2.61
CA LEU D 107 -6.88 -26.49 -1.86
C LEU D 107 -7.31 -25.28 -1.07
N GLY D 108 -8.49 -24.73 -1.39
CA GLY D 108 -9.05 -23.66 -0.63
C GLY D 108 -9.67 -22.58 -1.49
N SER D 109 -9.77 -21.40 -0.89
CA SER D 109 -10.44 -20.26 -1.52
C SER D 109 -9.93 -18.97 -0.93
N GLY D 110 -10.00 -17.90 -1.71
CA GLY D 110 -9.66 -16.56 -1.21
C GLY D 110 -10.62 -15.87 -0.27
N GLU D 111 -11.87 -15.89 -0.67
CA GLU D 111 -12.98 -15.28 0.05
C GLU D 111 -14.24 -16.01 -0.31
N VAL D 112 -15.05 -16.34 0.68
CA VAL D 112 -16.34 -17.00 0.44
C VAL D 112 -17.42 -16.15 1.08
N LYS D 113 -18.51 -15.93 0.37
CA LYS D 113 -19.64 -15.16 0.87
C LYS D 113 -20.94 -15.89 0.66
N PHE D 114 -21.74 -15.98 1.73
CA PHE D 114 -23.11 -16.50 1.66
C PHE D 114 -24.05 -15.34 1.97
N PHE D 115 -24.91 -14.99 1.01
CA PHE D 115 -25.78 -13.83 1.14
C PHE D 115 -27.20 -14.15 0.65
N GLY D 116 -27.57 -15.41 0.78
CA GLY D 116 -28.93 -15.84 0.48
C GLY D 116 -29.01 -17.31 0.82
N GLN D 117 -30.16 -17.93 0.54
CA GLN D 117 -30.35 -19.30 0.93
C GLN D 117 -31.11 -20.09 -0.10
N VAL D 118 -30.88 -21.39 -0.09
CA VAL D 118 -31.64 -22.31 -0.90
C VAL D 118 -32.62 -23.04 0.04
N LEU D 119 -33.90 -22.75 -0.14
CA LEU D 119 -34.97 -23.43 0.59
C LEU D 119 -35.49 -24.63 -0.20
N PRO D 120 -36.19 -25.56 0.47
CA PRO D 120 -36.72 -26.73 -0.21
C PRO D 120 -37.83 -26.44 -1.23
N THR D 121 -38.33 -25.21 -1.25
CA THR D 121 -39.33 -24.76 -2.25
C THR D 121 -38.72 -24.19 -3.52
N ALA D 122 -37.39 -24.05 -3.56
CA ALA D 122 -36.70 -23.60 -4.77
C ALA D 122 -36.77 -24.67 -5.86
N LYS D 123 -36.52 -24.27 -7.10
CA LYS D 123 -36.59 -25.20 -8.23
C LYS D 123 -35.20 -25.62 -8.70
N LYS D 124 -34.29 -24.67 -8.85
CA LYS D 124 -33.00 -24.96 -9.46
C LYS D 124 -31.87 -24.03 -9.02
N VAL D 125 -30.76 -24.64 -8.63
CA VAL D 125 -29.54 -23.96 -8.33
C VAL D 125 -28.68 -23.98 -9.60
N THR D 126 -28.09 -22.83 -9.94
CA THR D 126 -27.15 -22.75 -11.05
C THR D 126 -25.81 -22.25 -10.59
N TYR D 127 -24.76 -22.92 -11.06
CA TYR D 127 -23.40 -22.57 -10.75
C TYR D 127 -22.76 -21.94 -11.97
N ASN D 128 -22.08 -20.80 -11.78
CA ASN D 128 -21.31 -20.15 -12.83
C ASN D 128 -19.87 -20.04 -12.36
N ILE D 129 -18.96 -20.72 -13.06
CA ILE D 129 -17.56 -20.79 -12.67
C ILE D 129 -16.73 -20.15 -13.77
N HIS D 130 -15.83 -19.25 -13.39
CA HIS D 130 -14.91 -18.60 -14.33
C HIS D 130 -13.49 -18.95 -14.00
N ILE D 131 -12.83 -19.67 -14.91
CA ILE D 131 -11.45 -20.07 -14.72
C ILE D 131 -10.59 -18.82 -14.86
N LYS D 132 -9.76 -18.58 -13.85
CA LYS D 132 -8.91 -17.40 -13.82
C LYS D 132 -7.51 -17.74 -14.31
N ARG D 133 -6.99 -18.89 -13.92
CA ARG D 133 -5.63 -19.27 -14.26
C ARG D 133 -5.48 -20.78 -14.10
N THR D 134 -4.72 -21.41 -14.99
CA THR D 134 -4.25 -22.76 -14.74
C THR D 134 -2.72 -22.73 -14.75
N ILE D 135 -2.13 -23.43 -13.79
CA ILE D 135 -0.69 -23.48 -13.60
C ILE D 135 -0.26 -24.93 -13.73
N ASN D 136 0.79 -25.17 -14.51
CA ASN D 136 1.36 -26.52 -14.68
C ASN D 136 2.86 -26.45 -14.44
N ARG D 137 3.29 -25.96 -13.26
CA ARG D 137 4.72 -25.91 -12.90
C ARG D 137 5.23 -27.16 -12.14
N SER D 138 4.96 -27.22 -10.84
CA SER D 138 5.31 -28.41 -10.07
C SER D 138 4.16 -29.40 -10.25
N LEU D 139 2.98 -28.99 -9.78
CA LEU D 139 1.73 -29.73 -9.97
C LEU D 139 0.72 -28.85 -10.68
N VAL D 140 -0.28 -29.52 -11.23
CA VAL D 140 -1.31 -28.86 -11.99
C VAL D 140 -2.39 -28.30 -11.08
N LEU D 141 -2.68 -27.02 -11.24
CA LEU D 141 -3.76 -26.41 -10.46
C LEU D 141 -4.54 -25.36 -11.23
N ALA D 142 -5.76 -25.15 -10.78
CA ALA D 142 -6.65 -24.15 -11.35
C ALA D 142 -7.06 -23.19 -10.25
N ILE D 143 -7.15 -21.92 -10.62
CA ILE D 143 -7.71 -20.87 -9.79
C ILE D 143 -8.93 -20.33 -10.54
N ALA D 144 -10.03 -20.15 -9.81
CA ALA D 144 -11.32 -19.78 -10.40
C ALA D 144 -12.14 -18.92 -9.46
N ASP D 145 -13.06 -18.15 -10.01
CA ASP D 145 -14.11 -17.50 -9.25
C ASP D 145 -15.43 -18.18 -9.58
N GLY D 146 -16.36 -18.15 -8.63
CA GLY D 146 -17.65 -18.81 -8.85
C GLY D 146 -18.79 -18.13 -8.15
N THR D 147 -19.99 -18.30 -8.69
CA THR D 147 -21.20 -17.89 -8.02
C THR D 147 -22.25 -19.00 -8.02
N VAL D 148 -23.06 -19.02 -6.98
CA VAL D 148 -24.20 -19.92 -6.88
C VAL D 148 -25.44 -19.05 -6.89
N SER D 149 -26.40 -19.42 -7.73
CA SER D 149 -27.67 -18.71 -7.86
C SER D 149 -28.81 -19.69 -7.70
N VAL D 150 -29.94 -19.19 -7.20
CA VAL D 150 -31.13 -20.00 -7.05
C VAL D 150 -32.26 -19.26 -7.74
N ASP D 151 -32.84 -19.91 -8.74
CA ASP D 151 -33.97 -19.34 -9.48
C ASP D 151 -33.71 -17.90 -9.89
N GLY D 152 -32.52 -17.64 -10.44
CA GLY D 152 -32.14 -16.33 -11.01
C GLY D 152 -31.37 -15.41 -10.07
N ARG D 153 -31.43 -15.68 -8.78
CA ARG D 153 -30.91 -14.79 -7.77
C ARG D 153 -29.57 -15.30 -7.21
N GLU D 154 -28.53 -14.49 -7.35
CA GLU D 154 -27.22 -14.84 -6.79
C GLU D 154 -27.31 -14.91 -5.29
N ILE D 155 -26.72 -15.96 -4.71
CA ILE D 155 -26.74 -16.14 -3.25
C ILE D 155 -25.38 -16.45 -2.61
N TYR D 156 -24.47 -17.12 -3.33
CA TYR D 156 -23.14 -17.40 -2.80
C TYR D 156 -22.10 -17.00 -3.83
N SER D 157 -20.94 -16.56 -3.35
CA SER D 157 -19.80 -16.30 -4.22
C SER D 157 -18.52 -16.80 -3.56
N ALA D 158 -17.57 -17.16 -4.40
CA ALA D 158 -16.24 -17.53 -3.97
C ALA D 158 -15.24 -16.93 -4.94
N GLU D 159 -14.19 -16.32 -4.42
CA GLU D 159 -13.09 -15.80 -5.23
C GLU D 159 -11.84 -16.59 -4.94
N GLY D 160 -11.09 -16.93 -5.97
CA GLY D 160 -9.81 -17.63 -5.79
C GLY D 160 -9.97 -19.06 -5.30
N LEU D 161 -11.03 -19.73 -5.75
CA LEU D 161 -11.15 -21.17 -5.58
C LEU D 161 -9.91 -21.80 -6.18
N ARG D 162 -9.32 -22.75 -5.45
CA ARG D 162 -8.14 -23.45 -5.90
C ARG D 162 -8.36 -24.95 -5.78
N VAL D 163 -8.05 -25.67 -6.85
CA VAL D 163 -8.07 -27.13 -6.88
C VAL D 163 -6.77 -27.58 -7.55
N GLY D 164 -6.19 -28.64 -7.00
CA GLY D 164 -4.97 -29.20 -7.58
C GLY D 164 -5.19 -30.66 -7.95
N LEU D 165 -4.38 -31.14 -8.89
CA LEU D 165 -4.36 -32.55 -9.25
C LEU D 165 -3.09 -33.18 -8.72
N PHE D 166 -3.22 -34.35 -8.12
CA PHE D 166 -2.09 -35.02 -7.51
C PHE D 166 -1.90 -36.38 -8.16
N THR D 167 -0.77 -36.58 -8.82
CA THR D 167 -0.46 -37.88 -9.39
C THR D 167 -0.06 -38.83 -8.27
N SER D 168 0.21 -38.30 -7.07
CA SER D 168 0.04 -39.05 -5.86
C SER D 168 -0.28 -38.05 -4.74
N THR D 169 -1.33 -38.35 -3.97
CA THR D 169 -1.79 -37.47 -2.88
C THR D 169 -1.05 -37.71 -1.55
N ASP D 170 -0.02 -38.54 -1.56
CA ASP D 170 0.88 -38.58 -0.38
C ASP D 170 1.73 -37.32 -0.21
N SER D 171 1.82 -36.48 -1.25
CA SER D 171 2.63 -35.26 -1.15
C SER D 171 1.67 -34.15 -0.65
N PHE D 172 1.13 -34.42 0.55
CA PHE D 172 -0.02 -33.66 1.04
C PHE D 172 -0.31 -34.00 2.50
N THR E 3 -37.72 3.46 1.99
CA THR E 3 -37.29 2.04 1.75
C THR E 3 -38.48 1.09 1.88
N LYS E 4 -39.62 1.50 1.30
CA LYS E 4 -40.93 1.06 1.79
C LYS E 4 -41.55 -0.15 1.06
N GLN E 5 -41.13 -0.39 -0.18
CA GLN E 5 -41.65 -1.44 -1.03
C GLN E 5 -40.43 -2.23 -1.51
N HIS E 6 -40.57 -3.54 -1.68
CA HIS E 6 -39.43 -4.41 -1.99
C HIS E 6 -39.50 -5.10 -3.33
N ALA E 7 -40.49 -4.74 -4.12
CA ALA E 7 -40.63 -5.24 -5.49
C ALA E 7 -41.43 -4.25 -6.30
N PHE E 8 -41.13 -4.15 -7.60
CA PHE E 8 -41.77 -3.15 -8.44
C PHE E 8 -42.15 -3.73 -9.80
N THR E 9 -43.36 -3.41 -10.25
CA THR E 9 -43.85 -3.81 -11.55
C THR E 9 -43.32 -2.86 -12.63
N ARG E 10 -43.52 -3.23 -13.89
CA ARG E 10 -43.16 -2.35 -14.99
C ARG E 10 -43.90 -1.01 -14.89
N GLU E 11 -45.15 -1.05 -14.50
CA GLU E 11 -45.93 0.19 -14.35
C GLU E 11 -45.36 1.10 -13.27
N ASP E 12 -44.87 0.51 -12.18
CA ASP E 12 -44.17 1.31 -11.17
C ASP E 12 -42.89 1.98 -11.74
N LEU E 13 -42.17 1.24 -12.57
CA LEU E 13 -40.94 1.74 -13.15
C LEU E 13 -41.23 2.85 -14.16
N LEU E 14 -42.33 2.70 -14.91
CA LEU E 14 -42.78 3.77 -15.82
C LEU E 14 -43.20 5.01 -15.02
N ARG E 15 -43.88 4.82 -13.90
CA ARG E 15 -44.20 5.93 -12.99
C ARG E 15 -42.93 6.63 -12.52
N CYS E 16 -41.91 5.83 -12.17
CA CYS E 16 -40.61 6.38 -11.78
C CYS E 16 -39.97 7.21 -12.91
N SER E 17 -40.10 6.74 -14.14
CA SER E 17 -39.55 7.47 -15.27
C SER E 17 -40.24 8.82 -15.51
N ARG E 18 -41.47 8.98 -15.02
CA ARG E 18 -42.19 10.26 -15.14
C ARG E 18 -41.94 11.18 -13.94
N GLY E 19 -41.10 10.75 -13.00
CA GLY E 19 -40.82 11.54 -11.80
C GLY E 19 -41.88 11.39 -10.73
N GLU E 20 -42.76 10.41 -10.90
CA GLU E 20 -43.94 10.28 -10.06
C GLU E 20 -43.80 9.23 -8.97
N LEU E 21 -42.65 8.55 -8.90
CA LEU E 21 -42.41 7.57 -7.83
C LEU E 21 -41.65 8.25 -6.68
N PHE E 22 -40.53 8.91 -6.99
CA PHE E 22 -39.73 9.57 -5.96
C PHE E 22 -39.96 11.08 -5.88
N GLY E 23 -40.71 11.63 -6.81
CA GLY E 23 -41.08 13.05 -6.78
C GLY E 23 -40.17 13.87 -7.69
N PRO E 24 -40.64 15.04 -8.10
CA PRO E 24 -39.85 15.87 -9.01
C PRO E 24 -38.53 16.33 -8.38
N GLY E 25 -37.47 16.31 -9.18
CA GLY E 25 -36.14 16.68 -8.72
C GLY E 25 -35.39 15.55 -8.04
N ASN E 26 -36.01 14.39 -7.94
CA ASN E 26 -35.36 13.21 -7.35
C ASN E 26 -35.07 12.18 -8.43
N ALA E 27 -34.52 11.02 -8.03
CA ALA E 27 -34.03 10.04 -8.99
C ALA E 27 -35.13 9.57 -9.96
N GLN E 28 -34.77 9.45 -11.23
CA GLN E 28 -35.71 9.08 -12.30
C GLN E 28 -35.07 7.98 -13.12
N LEU E 29 -35.80 6.90 -13.38
CA LEU E 29 -35.39 5.97 -14.42
C LEU E 29 -35.60 6.63 -15.78
N PRO E 30 -34.84 6.20 -16.79
CA PRO E 30 -35.21 6.61 -18.15
C PRO E 30 -36.54 5.97 -18.57
N ALA E 31 -37.23 6.62 -19.51
CA ALA E 31 -38.41 6.05 -20.12
C ALA E 31 -37.93 5.13 -21.27
N PRO E 32 -38.84 4.29 -21.80
CA PRO E 32 -38.49 3.60 -23.03
C PRO E 32 -38.10 4.62 -24.11
N ASN E 33 -37.10 4.34 -24.95
CA ASN E 33 -36.47 3.05 -25.08
C ASN E 33 -35.15 2.88 -24.36
N MET E 34 -34.79 3.83 -23.49
CA MET E 34 -33.57 3.71 -22.70
C MET E 34 -33.78 2.87 -21.44
N LEU E 35 -35.02 2.72 -20.97
CA LEU E 35 -35.31 1.87 -19.81
C LEU E 35 -34.92 0.43 -20.12
N MET E 36 -34.10 -0.18 -19.28
CA MET E 36 -33.62 -1.53 -19.54
C MET E 36 -34.08 -2.55 -18.50
N ILE E 37 -35.14 -2.22 -17.79
CA ILE E 37 -35.67 -3.05 -16.71
C ILE E 37 -37.17 -3.19 -16.89
N ASP E 38 -37.68 -4.41 -16.81
CA ASP E 38 -39.11 -4.66 -16.81
C ASP E 38 -39.68 -4.71 -15.40
N ARG E 39 -38.94 -5.30 -14.47
CA ARG E 39 -39.40 -5.40 -13.10
C ARG E 39 -38.24 -5.56 -12.12
N ILE E 40 -38.48 -5.14 -10.89
CA ILE E 40 -37.56 -5.35 -9.80
C ILE E 40 -38.22 -6.36 -8.91
N VAL E 41 -37.63 -7.55 -8.83
CA VAL E 41 -38.24 -8.64 -8.07
C VAL E 41 -37.79 -8.61 -6.62
N HIS E 42 -36.67 -7.93 -6.33
CA HIS E 42 -36.20 -7.78 -4.96
C HIS E 42 -35.33 -6.57 -4.81
N ILE E 43 -35.60 -5.77 -3.77
CA ILE E 43 -34.72 -4.68 -3.39
C ILE E 43 -34.77 -4.58 -1.88
N SER E 44 -33.59 -4.45 -1.28
CA SER E 44 -33.45 -4.38 0.16
C SER E 44 -32.19 -3.59 0.52
N ASP E 45 -32.21 -2.97 1.71
CA ASP E 45 -31.02 -2.24 2.19
C ASP E 45 -30.15 -3.08 3.12
N VAL E 46 -30.48 -4.36 3.27
CA VAL E 46 -29.63 -5.30 3.97
C VAL E 46 -29.37 -6.49 3.04
N GLY E 47 -28.43 -7.35 3.43
CA GLY E 47 -28.05 -8.47 2.60
C GLY E 47 -27.21 -8.04 1.40
N GLY E 48 -27.16 -8.90 0.39
CA GLY E 48 -26.22 -8.75 -0.70
C GLY E 48 -24.82 -9.13 -0.30
N LYS E 49 -23.94 -9.15 -1.29
CA LYS E 49 -22.54 -9.57 -1.14
C LYS E 49 -21.77 -8.80 -0.05
N TYR E 50 -22.14 -7.55 0.19
CA TYR E 50 -21.45 -6.72 1.19
C TYR E 50 -22.31 -6.39 2.40
N GLY E 51 -23.51 -6.93 2.46
CA GLY E 51 -24.41 -6.71 3.60
C GLY E 51 -25.00 -5.32 3.62
N LYS E 52 -24.89 -4.60 2.50
CA LYS E 52 -25.32 -3.20 2.43
C LYS E 52 -26.47 -3.02 1.47
N GLY E 53 -27.09 -4.13 1.07
CA GLY E 53 -28.26 -4.08 0.19
C GLY E 53 -28.04 -4.72 -1.17
N GLU E 54 -29.15 -4.94 -1.87
CA GLU E 54 -29.09 -5.59 -3.14
C GLU E 54 -30.38 -5.40 -3.92
N LEU E 55 -30.25 -5.55 -5.24
CA LEU E 55 -31.38 -5.51 -6.13
C LEU E 55 -31.31 -6.70 -7.05
N VAL E 56 -32.47 -7.28 -7.33
CA VAL E 56 -32.60 -8.30 -8.38
C VAL E 56 -33.70 -7.82 -9.31
N ALA E 57 -33.42 -7.76 -10.60
CA ALA E 57 -34.34 -7.20 -11.58
C ALA E 57 -34.24 -7.98 -12.85
N GLU E 58 -35.24 -7.81 -13.69
CA GLU E 58 -35.40 -8.64 -14.88
C GLU E 58 -35.81 -7.80 -16.08
N LEU E 59 -35.38 -8.26 -17.25
CA LEU E 59 -35.82 -7.72 -18.53
C LEU E 59 -36.21 -8.92 -19.39
N ASP E 60 -37.45 -8.92 -19.87
CA ASP E 60 -37.91 -9.97 -20.75
C ASP E 60 -37.37 -9.73 -22.14
N ILE E 61 -36.92 -10.82 -22.78
CA ILE E 61 -36.36 -10.72 -24.12
C ILE E 61 -37.34 -11.33 -25.11
N ASN E 62 -37.54 -10.64 -26.22
CA ASN E 62 -38.19 -11.21 -27.37
C ASN E 62 -37.51 -10.66 -28.62
N PRO E 63 -37.73 -11.32 -29.77
CA PRO E 63 -37.00 -10.88 -30.98
C PRO E 63 -37.35 -9.49 -31.52
N ASP E 64 -38.44 -8.89 -31.05
CA ASP E 64 -38.87 -7.58 -31.54
C ASP E 64 -38.32 -6.38 -30.75
N LEU E 65 -37.52 -6.61 -29.72
CA LEU E 65 -36.93 -5.49 -28.99
C LEU E 65 -36.14 -4.63 -29.95
N TRP E 66 -36.29 -3.31 -29.82
CA TRP E 66 -35.83 -2.34 -30.82
C TRP E 66 -34.37 -2.46 -31.19
N PHE E 67 -33.52 -2.76 -30.20
CA PHE E 67 -32.07 -2.78 -30.44
C PHE E 67 -31.59 -3.93 -31.34
N PHE E 68 -32.38 -5.01 -31.44
CA PHE E 68 -31.97 -6.14 -32.27
C PHE E 68 -31.91 -5.82 -33.75
N ALA E 69 -32.83 -4.98 -34.23
CA ALA E 69 -32.88 -4.65 -35.64
C ALA E 69 -31.68 -3.81 -36.12
N CYS E 70 -31.16 -2.92 -35.27
CA CYS E 70 -30.11 -2.01 -35.67
C CYS E 70 -28.71 -2.41 -35.13
N HIS E 71 -28.67 -3.44 -34.28
CA HIS E 71 -27.44 -3.83 -33.60
C HIS E 71 -27.33 -5.33 -33.55
N PHE E 72 -26.82 -5.97 -34.61
CA PHE E 72 -26.42 -5.39 -35.88
C PHE E 72 -27.25 -6.02 -36.97
N GLU E 73 -27.30 -5.36 -38.13
CA GLU E 73 -28.03 -5.92 -39.26
C GLU E 73 -27.41 -7.26 -39.66
N GLY E 74 -28.22 -8.32 -39.67
CA GLY E 74 -27.76 -9.68 -39.93
C GLY E 74 -27.06 -10.36 -38.77
N ASP E 75 -26.98 -9.70 -37.62
CA ASP E 75 -26.25 -10.20 -36.46
C ASP E 75 -26.84 -9.55 -35.21
N PRO E 76 -28.11 -9.86 -34.89
CA PRO E 76 -28.78 -9.24 -33.75
C PRO E 76 -28.18 -9.68 -32.43
N VAL E 77 -27.89 -8.70 -31.57
CA VAL E 77 -27.34 -8.98 -30.28
C VAL E 77 -27.58 -7.77 -29.38
N MET E 78 -27.92 -8.00 -28.12
CA MET E 78 -28.16 -6.90 -27.22
C MET E 78 -26.88 -6.11 -27.02
N PRO E 79 -26.95 -4.78 -27.15
CA PRO E 79 -25.75 -3.96 -26.84
C PRO E 79 -25.29 -4.12 -25.39
N GLY E 80 -24.01 -4.43 -25.20
CA GLY E 80 -23.47 -4.55 -23.88
C GLY E 80 -23.63 -3.25 -23.08
N CYS E 81 -23.51 -2.12 -23.75
CA CYS E 81 -23.65 -0.83 -23.10
C CYS E 81 -25.02 -0.65 -22.45
N LEU E 82 -26.06 -1.26 -23.00
CA LEU E 82 -27.40 -1.16 -22.42
C LEU E 82 -27.56 -2.06 -21.20
N GLY E 83 -26.93 -3.22 -21.19
CA GLY E 83 -26.92 -4.08 -20.01
C GLY E 83 -26.15 -3.40 -18.89
N LEU E 84 -25.05 -2.76 -19.25
CA LEU E 84 -24.28 -1.97 -18.32
C LEU E 84 -25.15 -0.82 -17.81
N ASP E 85 -25.87 -0.16 -18.72
CA ASP E 85 -26.74 0.91 -18.26
C ASP E 85 -27.85 0.47 -17.32
N ALA E 86 -28.42 -0.70 -17.56
CA ALA E 86 -29.40 -1.23 -16.62
C ALA E 86 -28.82 -1.21 -15.20
N MET E 87 -27.55 -1.56 -15.06
CA MET E 87 -26.94 -1.62 -13.76
C MET E 87 -26.82 -0.22 -13.12
N TRP E 88 -26.43 0.78 -13.89
CA TRP E 88 -26.43 2.17 -13.42
C TRP E 88 -27.82 2.63 -13.08
N GLN E 89 -28.80 2.25 -13.91
CA GLN E 89 -30.20 2.59 -13.67
C GLN E 89 -30.67 2.04 -12.30
N LEU E 90 -30.29 0.80 -12.01
CA LEU E 90 -30.68 0.16 -10.76
C LEU E 90 -30.00 0.80 -9.54
N VAL E 91 -28.71 1.16 -9.68
CA VAL E 91 -27.98 1.79 -8.58
C VAL E 91 -28.56 3.18 -8.29
N GLY E 92 -28.86 3.94 -9.33
CA GLY E 92 -29.58 5.20 -9.18
C GLY E 92 -30.92 5.01 -8.48
N PHE E 93 -31.69 4.02 -8.95
CA PHE E 93 -32.99 3.72 -8.33
C PHE E 93 -32.84 3.43 -6.84
N TYR E 94 -31.83 2.64 -6.48
CA TYR E 94 -31.54 2.35 -5.10
C TYR E 94 -31.38 3.62 -4.25
N LEU E 95 -30.61 4.59 -4.77
CA LEU E 95 -30.37 5.84 -4.04
C LEU E 95 -31.66 6.65 -3.83
N GLY E 96 -32.52 6.67 -4.84
CA GLY E 96 -33.82 7.32 -4.70
C GLY E 96 -34.71 6.58 -3.71
N TRP E 97 -34.70 5.25 -3.81
CA TRP E 97 -35.49 4.35 -2.97
C TRP E 97 -35.17 4.50 -1.50
N GLN E 98 -33.90 4.79 -1.20
CA GLN E 98 -33.50 5.11 0.16
C GLN E 98 -34.05 6.42 0.72
N GLY E 99 -34.54 7.29 -0.15
CA GLY E 99 -35.13 8.56 0.29
C GLY E 99 -34.22 9.76 0.12
N ASN E 100 -33.09 9.59 -0.57
CA ASN E 100 -32.18 10.71 -0.85
C ASN E 100 -32.75 11.65 -1.92
N PRO E 101 -32.51 12.97 -1.78
CA PRO E 101 -32.94 13.92 -2.83
C PRO E 101 -31.91 14.08 -3.96
N GLY E 102 -32.37 14.53 -5.12
CA GLY E 102 -31.50 14.92 -6.20
C GLY E 102 -31.58 14.02 -7.42
N ARG E 103 -31.07 14.54 -8.54
CA ARG E 103 -31.14 13.85 -9.81
C ARG E 103 -29.95 12.93 -9.96
N GLY E 104 -30.19 11.76 -10.57
CA GLY E 104 -29.16 10.76 -10.72
C GLY E 104 -28.26 11.04 -11.91
N ARG E 105 -26.97 10.84 -11.71
CA ARG E 105 -26.00 10.78 -12.81
C ARG E 105 -25.02 9.63 -12.56
N ALA E 106 -24.93 8.72 -13.52
CA ALA E 106 -23.86 7.73 -13.55
C ALA E 106 -22.51 8.45 -13.57
N LEU E 107 -21.57 7.98 -12.74
CA LEU E 107 -20.26 8.57 -12.61
C LEU E 107 -19.16 7.67 -13.13
N GLY E 108 -19.49 6.39 -13.36
CA GLY E 108 -18.58 5.49 -14.04
C GLY E 108 -18.51 4.13 -13.39
N SER E 109 -17.39 3.46 -13.62
CA SER E 109 -17.23 2.07 -13.21
C SER E 109 -15.76 1.75 -13.08
N GLY E 110 -15.43 0.80 -12.24
CA GLY E 110 -14.06 0.33 -12.14
C GLY E 110 -13.55 -0.54 -13.26
N GLU E 111 -14.35 -1.53 -13.58
CA GLU E 111 -14.05 -2.53 -14.61
C GLU E 111 -15.35 -3.05 -15.14
N VAL E 112 -15.46 -3.17 -16.45
CA VAL E 112 -16.62 -3.77 -17.07
C VAL E 112 -16.16 -4.94 -17.95
N LYS E 113 -16.88 -6.06 -17.89
CA LYS E 113 -16.55 -7.24 -18.69
C LYS E 113 -17.77 -7.79 -19.37
N PHE E 114 -17.65 -8.04 -20.67
CA PHE E 114 -18.67 -8.70 -21.44
C PHE E 114 -18.09 -10.03 -21.89
N PHE E 115 -18.70 -11.13 -21.45
CA PHE E 115 -18.19 -12.47 -21.75
C PHE E 115 -19.32 -13.40 -22.15
N GLY E 116 -20.36 -12.84 -22.77
CA GLY E 116 -21.43 -13.61 -23.34
C GLY E 116 -22.38 -12.64 -24.01
N GLN E 117 -23.47 -13.14 -24.57
CA GLN E 117 -24.34 -12.28 -25.34
C GLN E 117 -25.80 -12.61 -25.14
N VAL E 118 -26.65 -11.63 -25.39
CA VAL E 118 -28.10 -11.84 -25.39
C VAL E 118 -28.56 -11.84 -26.82
N LEU E 119 -29.00 -13.00 -27.27
CA LEU E 119 -29.54 -13.18 -28.61
C LEU E 119 -31.06 -13.08 -28.57
N PRO E 120 -31.69 -12.84 -29.73
CA PRO E 120 -33.14 -12.65 -29.74
C PRO E 120 -33.93 -13.92 -29.42
N THR E 121 -33.25 -15.07 -29.34
CA THR E 121 -33.85 -16.31 -28.90
C THR E 121 -33.86 -16.50 -27.39
N ALA E 122 -33.19 -15.62 -26.64
CA ALA E 122 -33.21 -15.66 -25.17
C ALA E 122 -34.61 -15.35 -24.61
N LYS E 123 -34.85 -15.75 -23.36
CA LYS E 123 -36.14 -15.49 -22.71
C LYS E 123 -36.08 -14.36 -21.70
N LYS E 124 -35.07 -14.35 -20.85
CA LYS E 124 -35.01 -13.40 -19.75
C LYS E 124 -33.59 -13.05 -19.29
N VAL E 125 -33.34 -11.75 -19.19
CA VAL E 125 -32.13 -11.22 -18.60
C VAL E 125 -32.40 -10.91 -17.13
N THR E 126 -31.49 -11.32 -16.25
CA THR E 126 -31.59 -10.99 -14.85
C THR E 126 -30.38 -10.17 -14.40
N TYR E 127 -30.64 -9.10 -13.64
CA TYR E 127 -29.61 -8.26 -13.05
C TYR E 127 -29.51 -8.51 -11.56
N ASN E 128 -28.28 -8.72 -11.08
CA ASN E 128 -28.01 -8.87 -9.66
C ASN E 128 -27.03 -7.77 -9.27
N ILE E 129 -27.46 -6.87 -8.37
CA ILE E 129 -26.69 -5.68 -8.00
C ILE E 129 -26.44 -5.77 -6.51
N HIS E 130 -25.18 -5.60 -6.13
CA HIS E 130 -24.78 -5.63 -4.74
C HIS E 130 -24.24 -4.29 -4.37
N ILE E 131 -24.94 -3.62 -3.47
CA ILE E 131 -24.49 -2.30 -2.98
C ILE E 131 -23.27 -2.50 -2.10
N LYS E 132 -22.20 -1.79 -2.43
CA LYS E 132 -20.95 -1.91 -1.73
C LYS E 132 -20.80 -0.82 -0.67
N ARG E 133 -21.20 0.40 -1.02
CA ARG E 133 -21.05 1.56 -0.13
C ARG E 133 -22.00 2.64 -0.53
N THR E 134 -22.57 3.36 0.43
CA THR E 134 -23.17 4.65 0.14
C THR E 134 -22.43 5.71 0.95
N ILE E 135 -22.12 6.82 0.31
CA ILE E 135 -21.31 7.90 0.89
C ILE E 135 -22.12 9.18 0.85
N ASN E 136 -22.02 9.96 1.93
CA ASN E 136 -22.75 11.22 2.06
C ASN E 136 -21.79 12.38 2.35
N ARG E 137 -20.62 12.36 1.73
CA ARG E 137 -19.60 13.36 2.06
C ARG E 137 -19.95 14.76 1.50
N SER E 138 -19.75 14.93 0.19
CA SER E 138 -20.05 16.17 -0.55
C SER E 138 -21.33 15.98 -1.38
N LEU E 139 -21.30 14.93 -2.19
CA LEU E 139 -22.47 14.44 -2.94
C LEU E 139 -22.88 13.14 -2.28
N VAL E 140 -24.16 12.79 -2.38
CA VAL E 140 -24.58 11.46 -2.07
C VAL E 140 -24.21 10.54 -3.24
N LEU E 141 -23.53 9.44 -2.95
CA LEU E 141 -23.23 8.49 -3.98
C LEU E 141 -23.25 7.06 -3.51
N ALA E 142 -23.41 6.16 -4.47
CA ALA E 142 -23.43 4.73 -4.23
C ALA E 142 -22.40 4.07 -5.11
N ILE E 143 -21.74 3.08 -4.53
CA ILE E 143 -20.80 2.22 -5.22
C ILE E 143 -21.38 0.82 -5.14
N ALA E 144 -21.36 0.09 -6.26
CA ALA E 144 -21.96 -1.23 -6.34
C ALA E 144 -21.19 -2.12 -7.31
N ASP E 145 -21.36 -3.43 -7.15
CA ASP E 145 -20.96 -4.42 -8.17
C ASP E 145 -22.23 -5.02 -8.76
N GLY E 146 -22.14 -5.45 -10.00
CA GLY E 146 -23.31 -6.01 -10.67
C GLY E 146 -22.97 -7.10 -11.65
N THR E 147 -23.94 -7.95 -11.92
CA THR E 147 -23.84 -8.93 -12.99
C THR E 147 -25.11 -8.96 -13.80
N VAL E 148 -24.97 -9.28 -15.08
CA VAL E 148 -26.07 -9.53 -15.96
C VAL E 148 -25.98 -11.02 -16.35
N SER E 149 -27.12 -11.71 -16.26
CA SER E 149 -27.24 -13.09 -16.63
C SER E 149 -28.39 -13.25 -17.62
N VAL E 150 -28.28 -14.27 -18.48
CA VAL E 150 -29.32 -14.56 -19.45
C VAL E 150 -29.65 -16.04 -19.31
N ASP E 151 -30.91 -16.33 -18.97
CA ASP E 151 -31.41 -17.69 -18.83
C ASP E 151 -30.47 -18.58 -17.98
N GLY E 152 -30.03 -18.02 -16.84
CA GLY E 152 -29.18 -18.73 -15.88
C GLY E 152 -27.67 -18.50 -15.99
N ARG E 153 -27.23 -18.02 -17.15
CA ARG E 153 -25.80 -17.92 -17.44
C ARG E 153 -25.28 -16.49 -17.28
N GLU E 154 -24.29 -16.29 -16.41
CA GLU E 154 -23.68 -14.97 -16.25
C GLU E 154 -22.98 -14.56 -17.53
N ILE E 155 -23.21 -13.34 -18.00
CA ILE E 155 -22.60 -12.87 -19.25
C ILE E 155 -21.88 -11.52 -19.14
N TYR E 156 -22.31 -10.62 -18.24
CA TYR E 156 -21.62 -9.34 -18.06
C TYR E 156 -21.38 -9.11 -16.59
N SER E 157 -20.30 -8.39 -16.28
CA SER E 157 -20.04 -7.98 -14.91
C SER E 157 -19.48 -6.55 -14.88
N ALA E 158 -19.74 -5.85 -13.80
CA ALA E 158 -19.20 -4.54 -13.57
C ALA E 158 -18.81 -4.45 -12.10
N GLU E 159 -17.61 -3.95 -11.83
CA GLU E 159 -17.17 -3.70 -10.47
C GLU E 159 -17.03 -2.20 -10.26
N GLY E 160 -17.49 -1.73 -9.12
CA GLY E 160 -17.28 -0.33 -8.74
C GLY E 160 -18.13 0.61 -9.58
N LEU E 161 -19.33 0.17 -9.95
CA LEU E 161 -20.34 1.07 -10.52
C LEU E 161 -20.55 2.21 -9.54
N ARG E 162 -20.57 3.43 -10.05
CA ARG E 162 -20.75 4.62 -9.23
C ARG E 162 -21.85 5.49 -9.83
N VAL E 163 -22.78 5.91 -8.97
CA VAL E 163 -23.86 6.81 -9.34
C VAL E 163 -23.93 7.85 -8.25
N GLY E 164 -24.14 9.10 -8.64
CA GLY E 164 -24.28 10.18 -7.68
C GLY E 164 -25.62 10.87 -7.84
N LEU E 165 -26.07 11.54 -6.79
CA LEU E 165 -27.26 12.35 -6.83
C LEU E 165 -26.87 13.80 -6.75
N PHE E 166 -27.49 14.62 -7.60
CA PHE E 166 -27.16 16.03 -7.71
C PHE E 166 -28.40 16.86 -7.41
N THR E 167 -28.33 17.64 -6.34
CA THR E 167 -29.39 18.56 -5.96
C THR E 167 -29.17 19.86 -6.72
N SER E 168 -30.01 20.86 -6.44
CA SER E 168 -29.99 22.11 -7.22
C SER E 168 -28.67 22.87 -7.06
N THR E 169 -27.96 22.64 -5.94
CA THR E 169 -26.68 23.31 -5.66
C THR E 169 -25.46 22.51 -6.12
N ASP E 170 -25.68 21.35 -6.78
CA ASP E 170 -24.62 20.46 -7.22
C ASP E 170 -24.54 20.56 -8.72
N SER E 171 -23.33 20.72 -9.26
CA SER E 171 -23.14 20.93 -10.69
C SER E 171 -22.26 19.88 -11.34
N PHE E 172 -22.40 19.77 -12.67
CA PHE E 172 -21.70 18.80 -13.49
C PHE E 172 -21.40 19.38 -14.88
N THR F 3 -8.29 0.12 -46.46
CA THR F 3 -7.43 0.36 -45.24
C THR F 3 -6.47 1.54 -45.43
N LYS F 4 -6.82 2.45 -46.35
CA LYS F 4 -6.02 3.60 -46.77
C LYS F 4 -6.81 4.90 -46.84
N GLN F 5 -8.11 4.85 -46.62
CA GLN F 5 -8.91 6.07 -46.46
C GLN F 5 -8.84 6.51 -44.98
N HIS F 6 -8.66 7.82 -44.74
CA HIS F 6 -8.37 8.33 -43.40
C HIS F 6 -9.46 9.21 -42.82
N ALA F 7 -10.59 9.31 -43.49
CA ALA F 7 -11.76 10.02 -42.99
C ALA F 7 -12.99 9.43 -43.59
N PHE F 8 -14.09 9.44 -42.85
CA PHE F 8 -15.33 8.85 -43.32
C PHE F 8 -16.54 9.75 -43.03
N THR F 9 -17.40 9.87 -44.02
CA THR F 9 -18.63 10.65 -43.90
C THR F 9 -19.72 9.83 -43.23
N ARG F 10 -20.82 10.48 -42.87
CA ARG F 10 -21.97 9.78 -42.32
C ARG F 10 -22.46 8.72 -43.28
N GLU F 11 -22.49 9.04 -44.58
CA GLU F 11 -22.93 8.06 -45.59
C GLU F 11 -22.06 6.82 -45.56
N ASP F 12 -20.75 7.02 -45.41
CA ASP F 12 -19.85 5.88 -45.32
C ASP F 12 -20.14 5.04 -44.09
N LEU F 13 -20.46 5.69 -42.98
CA LEU F 13 -20.76 4.97 -41.73
C LEU F 13 -22.07 4.21 -41.83
N LEU F 14 -23.06 4.80 -42.49
CA LEU F 14 -24.33 4.09 -42.74
C LEU F 14 -24.10 2.89 -43.65
N ARG F 15 -23.23 3.06 -44.65
CA ARG F 15 -22.84 1.93 -45.50
C ARG F 15 -22.19 0.84 -44.67
N CYS F 16 -21.32 1.24 -43.74
CA CYS F 16 -20.68 0.31 -42.84
C CYS F 16 -21.72 -0.45 -41.99
N SER F 17 -22.76 0.25 -41.53
CA SER F 17 -23.80 -0.40 -40.72
C SER F 17 -24.61 -1.43 -41.52
N ARG F 18 -24.62 -1.32 -42.84
CA ARG F 18 -25.28 -2.31 -43.69
C ARG F 18 -24.35 -3.46 -44.13
N GLY F 19 -23.11 -3.46 -43.65
CA GLY F 19 -22.14 -4.49 -44.02
C GLY F 19 -21.51 -4.22 -45.37
N GLU F 20 -21.70 -3.02 -45.91
CA GLU F 20 -21.30 -2.71 -47.27
C GLU F 20 -19.99 -1.91 -47.35
N LEU F 21 -19.36 -1.62 -46.22
CA LEU F 21 -18.05 -0.99 -46.23
C LEU F 21 -16.94 -2.04 -46.14
N PHE F 22 -17.02 -2.92 -45.14
CA PHE F 22 -15.99 -3.95 -44.92
C PHE F 22 -16.38 -5.34 -45.44
N GLY F 23 -17.63 -5.47 -45.87
CA GLY F 23 -18.11 -6.72 -46.44
C GLY F 23 -18.89 -7.54 -45.42
N PRO F 24 -19.76 -8.44 -45.90
CA PRO F 24 -20.57 -9.21 -44.97
C PRO F 24 -19.75 -10.14 -44.07
N GLY F 25 -20.11 -10.20 -42.79
CA GLY F 25 -19.40 -11.01 -41.81
C GLY F 25 -18.20 -10.33 -41.20
N ASN F 26 -17.94 -9.10 -41.61
CA ASN F 26 -16.86 -8.31 -41.03
C ASN F 26 -17.45 -7.21 -40.15
N ALA F 27 -16.60 -6.36 -39.59
CA ALA F 27 -17.04 -5.37 -38.60
C ALA F 27 -18.15 -4.48 -39.17
N GLN F 28 -19.16 -4.26 -38.35
CA GLN F 28 -20.32 -3.47 -38.73
C GLN F 28 -20.54 -2.48 -37.62
N LEU F 29 -20.73 -1.21 -37.97
CA LEU F 29 -21.27 -0.26 -37.01
C LEU F 29 -22.74 -0.60 -36.81
N PRO F 30 -23.30 -0.26 -35.65
CA PRO F 30 -24.75 -0.32 -35.55
C PRO F 30 -25.40 0.70 -36.47
N ALA F 31 -26.64 0.45 -36.87
CA ALA F 31 -27.43 1.44 -37.60
C ALA F 31 -28.07 2.36 -36.57
N PRO F 32 -28.62 3.49 -37.02
CA PRO F 32 -29.46 4.28 -36.10
C PRO F 32 -30.61 3.40 -35.56
N ASN F 33 -30.99 3.54 -34.29
CA ASN F 33 -30.54 4.61 -33.39
C ASN F 33 -29.39 4.26 -32.45
N MET F 34 -28.73 3.13 -32.64
CA MET F 34 -27.60 2.78 -31.79
C MET F 34 -26.30 3.43 -32.28
N LEU F 35 -26.23 3.81 -33.55
CA LEU F 35 -25.04 4.48 -34.10
C LEU F 35 -24.81 5.81 -33.35
N MET F 36 -23.62 5.98 -32.79
CA MET F 36 -23.33 7.16 -31.99
C MET F 36 -22.23 8.04 -32.60
N ILE F 37 -22.02 7.89 -33.90
CA ILE F 37 -20.98 8.61 -34.64
C ILE F 37 -21.59 9.18 -35.92
N ASP F 38 -21.33 10.45 -36.19
CA ASP F 38 -21.74 11.08 -37.45
C ASP F 38 -20.64 11.04 -38.49
N ARG F 39 -19.39 11.22 -38.06
CA ARG F 39 -18.27 11.17 -38.97
C ARG F 39 -16.99 10.79 -38.24
N ILE F 40 -16.07 10.19 -38.99
CA ILE F 40 -14.72 9.94 -38.53
C ILE F 40 -13.85 10.97 -39.26
N VAL F 41 -13.29 11.92 -38.52
CA VAL F 41 -12.50 12.97 -39.13
C VAL F 41 -11.05 12.54 -39.34
N HIS F 42 -10.62 11.54 -38.58
CA HIS F 42 -9.28 11.01 -38.72
C HIS F 42 -9.19 9.60 -38.22
N ILE F 43 -8.58 8.72 -39.00
CA ILE F 43 -8.24 7.38 -38.56
C ILE F 43 -6.90 7.02 -39.19
N SER F 44 -6.03 6.42 -38.39
CA SER F 44 -4.69 6.03 -38.83
C SER F 44 -4.19 4.86 -37.99
N ASP F 45 -3.31 4.05 -38.56
CA ASP F 45 -2.68 2.95 -37.81
C ASP F 45 -1.31 3.32 -37.24
N VAL F 46 -0.92 4.57 -37.40
CA VAL F 46 0.29 5.08 -36.77
C VAL F 46 -0.11 6.33 -35.98
N GLY F 47 0.80 6.81 -35.15
CA GLY F 47 0.50 7.94 -34.28
C GLY F 47 -0.41 7.56 -33.12
N GLY F 48 -1.06 8.57 -32.55
CA GLY F 48 -1.79 8.40 -31.30
C GLY F 48 -0.82 8.31 -30.13
N LYS F 49 -1.41 8.33 -28.94
CA LYS F 49 -0.69 8.36 -27.68
C LYS F 49 0.33 7.22 -27.54
N TYR F 50 0.07 6.07 -28.17
CA TYR F 50 0.96 4.93 -28.04
C TYR F 50 1.66 4.56 -29.33
N GLY F 51 1.49 5.37 -30.36
CA GLY F 51 2.12 5.13 -31.66
C GLY F 51 1.54 3.95 -32.42
N LYS F 52 0.36 3.48 -32.00
CA LYS F 52 -0.26 2.31 -32.60
C LYS F 52 -1.57 2.64 -33.27
N GLY F 53 -1.81 3.93 -33.50
CA GLY F 53 -2.99 4.37 -34.22
C GLY F 53 -3.94 5.22 -33.39
N GLU F 54 -4.87 5.86 -34.08
CA GLU F 54 -5.85 6.69 -33.41
C GLU F 54 -7.03 6.98 -34.30
N LEU F 55 -8.13 7.35 -33.65
CA LEU F 55 -9.34 7.80 -34.33
C LEU F 55 -9.82 9.08 -33.67
N VAL F 56 -10.29 10.00 -34.49
CA VAL F 56 -11.01 11.17 -34.04
C VAL F 56 -12.33 11.17 -34.78
N ALA F 57 -13.43 11.27 -34.02
CA ALA F 57 -14.76 11.17 -34.59
C ALA F 57 -15.69 12.14 -33.88
N GLU F 58 -16.83 12.39 -34.51
CA GLU F 58 -17.73 13.45 -34.07
C GLU F 58 -19.17 12.97 -34.13
N LEU F 59 -19.97 13.48 -33.20
CA LEU F 59 -21.42 13.37 -33.22
C LEU F 59 -21.98 14.79 -33.06
N ASP F 60 -22.80 15.21 -34.02
CA ASP F 60 -23.49 16.50 -33.92
C ASP F 60 -24.64 16.38 -32.94
N ILE F 61 -24.78 17.38 -32.06
CA ILE F 61 -25.84 17.37 -31.06
C ILE F 61 -26.91 18.38 -31.49
N ASN F 62 -28.16 17.97 -31.42
CA ASN F 62 -29.28 18.87 -31.52
C ASN F 62 -30.35 18.39 -30.54
N PRO F 63 -31.27 19.27 -30.15
CA PRO F 63 -32.26 18.87 -29.14
C PRO F 63 -33.21 17.72 -29.51
N ASP F 64 -33.28 17.34 -30.78
CA ASP F 64 -34.21 16.31 -31.23
C ASP F 64 -33.64 14.89 -31.23
N LEU F 65 -32.38 14.72 -30.84
CA LEU F 65 -31.82 13.38 -30.78
C LEU F 65 -32.69 12.54 -29.85
N TRP F 66 -32.95 11.30 -30.26
CA TRP F 66 -33.97 10.46 -29.64
C TRP F 66 -33.80 10.26 -28.16
N PHE F 67 -32.56 10.13 -27.69
CA PHE F 67 -32.32 9.80 -26.28
C PHE F 67 -32.68 10.95 -25.32
N PHE F 68 -32.73 12.19 -25.81
CA PHE F 68 -33.05 13.31 -24.95
C PHE F 68 -34.46 13.24 -24.39
N ALA F 69 -35.42 12.77 -25.18
CA ALA F 69 -36.81 12.72 -24.76
C ALA F 69 -37.07 11.70 -23.65
N CYS F 70 -36.34 10.58 -23.65
CA CYS F 70 -36.59 9.51 -22.66
C CYS F 70 -35.57 9.48 -21.53
N HIS F 71 -34.50 10.28 -21.63
CA HIS F 71 -33.39 10.23 -20.69
C HIS F 71 -32.94 11.64 -20.36
N PHE F 72 -33.57 12.31 -19.39
CA PHE F 72 -34.75 11.88 -18.65
C PHE F 72 -35.87 12.86 -18.92
N GLU F 73 -37.10 12.45 -18.65
CA GLU F 73 -38.25 13.33 -18.83
C GLU F 73 -38.09 14.54 -17.93
N GLY F 74 -38.11 15.73 -18.53
CA GLY F 74 -37.89 16.98 -17.80
C GLY F 74 -36.44 17.27 -17.44
N ASP F 75 -35.51 16.42 -17.88
CA ASP F 75 -34.09 16.54 -17.53
C ASP F 75 -33.25 15.84 -18.61
N PRO F 76 -33.26 16.39 -19.85
CA PRO F 76 -32.58 15.76 -20.97
C PRO F 76 -31.05 15.78 -20.85
N VAL F 77 -30.43 14.63 -21.04
CA VAL F 77 -28.98 14.52 -20.94
C VAL F 77 -28.54 13.25 -21.67
N MET F 78 -27.45 13.34 -22.40
CA MET F 78 -27.01 12.17 -23.15
C MET F 78 -26.61 11.06 -22.19
N PRO F 79 -27.09 9.84 -22.44
CA PRO F 79 -26.66 8.73 -21.60
C PRO F 79 -25.16 8.51 -21.72
N GLY F 80 -24.50 8.42 -20.57
CA GLY F 80 -23.08 8.13 -20.55
C GLY F 80 -22.77 6.81 -21.25
N CYS F 81 -23.64 5.83 -21.10
CA CYS F 81 -23.42 4.51 -21.69
C CYS F 81 -23.32 4.58 -23.23
N LEU F 82 -23.99 5.54 -23.84
CA LEU F 82 -23.93 5.71 -25.30
C LEU F 82 -22.66 6.39 -25.76
N GLY F 83 -22.13 7.32 -24.96
CA GLY F 83 -20.84 7.91 -25.26
C GLY F 83 -19.77 6.85 -25.15
N LEU F 84 -19.90 6.01 -24.13
CA LEU F 84 -19.00 4.90 -23.94
C LEU F 84 -19.14 3.94 -25.12
N ASP F 85 -20.36 3.70 -25.57
CA ASP F 85 -20.55 2.81 -26.71
C ASP F 85 -19.96 3.34 -27.99
N ALA F 86 -20.03 4.65 -28.20
CA ALA F 86 -19.37 5.25 -29.35
C ALA F 86 -17.89 4.84 -29.37
N MET F 87 -17.25 4.77 -28.20
CA MET F 87 -15.84 4.40 -28.14
C MET F 87 -15.61 2.93 -28.52
N TRP F 88 -16.47 2.03 -28.07
CA TRP F 88 -16.42 0.64 -28.54
C TRP F 88 -16.71 0.52 -30.02
N GLN F 89 -17.68 1.28 -30.51
CA GLN F 89 -18.00 1.30 -31.92
C GLN F 89 -16.78 1.68 -32.76
N LEU F 90 -16.04 2.70 -32.30
CA LEU F 90 -14.88 3.17 -33.02
C LEU F 90 -13.74 2.17 -32.99
N VAL F 91 -13.53 1.51 -31.87
CA VAL F 91 -12.48 0.51 -31.76
C VAL F 91 -12.79 -0.68 -32.68
N GLY F 92 -14.07 -1.06 -32.74
CA GLY F 92 -14.50 -2.12 -33.65
C GLY F 92 -14.28 -1.72 -35.10
N PHE F 93 -14.67 -0.50 -35.43
CA PHE F 93 -14.44 0.06 -36.76
C PHE F 93 -12.95 -0.01 -37.13
N TYR F 94 -12.09 0.37 -36.20
CA TYR F 94 -10.65 0.29 -36.41
C TYR F 94 -10.21 -1.11 -36.84
N LEU F 95 -10.67 -2.13 -36.12
CA LEU F 95 -10.29 -3.51 -36.43
C LEU F 95 -10.76 -3.93 -37.84
N GLY F 96 -11.95 -3.50 -38.24
CA GLY F 96 -12.42 -3.78 -39.59
C GLY F 96 -11.61 -3.04 -40.64
N TRP F 97 -11.34 -1.78 -40.34
CA TRP F 97 -10.56 -0.89 -41.20
C TRP F 97 -9.18 -1.42 -41.49
N GLN F 98 -8.58 -2.10 -40.51
CA GLN F 98 -7.29 -2.76 -40.72
C GLN F 98 -7.35 -3.94 -41.70
N GLY F 99 -8.54 -4.48 -41.97
CA GLY F 99 -8.71 -5.60 -42.89
C GLY F 99 -8.88 -6.94 -42.20
N ASN F 100 -9.10 -6.94 -40.88
CA ASN F 100 -9.33 -8.17 -40.12
C ASN F 100 -10.73 -8.69 -40.36
N PRO F 101 -10.91 -10.02 -40.44
CA PRO F 101 -12.24 -10.56 -40.64
C PRO F 101 -12.98 -10.75 -39.32
N GLY F 102 -14.31 -10.80 -39.39
CA GLY F 102 -15.12 -11.18 -38.24
C GLY F 102 -15.99 -10.08 -37.69
N ARG F 103 -17.00 -10.50 -36.93
CA ARG F 103 -17.99 -9.59 -36.37
C ARG F 103 -17.48 -9.03 -35.05
N GLY F 104 -17.77 -7.76 -34.81
CA GLY F 104 -17.28 -7.06 -33.62
C GLY F 104 -18.13 -7.33 -32.40
N ARG F 105 -17.47 -7.55 -31.27
CA ARG F 105 -18.13 -7.56 -29.97
C ARG F 105 -17.26 -6.81 -28.96
N ALA F 106 -17.86 -5.82 -28.31
CA ALA F 106 -17.24 -5.21 -27.14
C ALA F 106 -17.01 -6.27 -26.07
N LEU F 107 -15.83 -6.22 -25.47
CA LEU F 107 -15.45 -7.13 -24.40
C LEU F 107 -15.37 -6.47 -23.05
N GLY F 108 -15.36 -5.13 -23.03
CA GLY F 108 -15.42 -4.39 -21.79
C GLY F 108 -14.43 -3.23 -21.73
N SER F 109 -14.11 -2.86 -20.51
CA SER F 109 -13.29 -1.69 -20.26
C SER F 109 -12.65 -1.82 -18.89
N GLY F 110 -11.51 -1.15 -18.73
CA GLY F 110 -10.95 -0.91 -17.42
C GLY F 110 -11.73 0.30 -16.91
N GLU F 111 -11.10 1.26 -16.25
CA GLU F 111 -11.86 2.31 -15.59
C GLU F 111 -12.65 3.25 -16.51
N VAL F 112 -13.90 3.52 -16.18
CA VAL F 112 -14.73 4.48 -16.92
C VAL F 112 -15.08 5.63 -15.97
N LYS F 113 -14.95 6.87 -16.45
CA LYS F 113 -15.26 8.05 -15.64
C LYS F 113 -16.13 9.00 -16.41
N PHE F 114 -17.21 9.42 -15.78
CA PHE F 114 -18.10 10.44 -16.35
C PHE F 114 -17.94 11.65 -15.42
N PHE F 115 -17.45 12.77 -15.95
CA PHE F 115 -17.20 13.97 -15.16
C PHE F 115 -17.73 15.21 -15.89
N GLY F 116 -18.79 15.04 -16.65
CA GLY F 116 -19.46 16.14 -17.31
C GLY F 116 -20.65 15.58 -18.07
N GLN F 117 -21.37 16.42 -18.78
CA GLN F 117 -22.58 15.97 -19.46
C GLN F 117 -22.79 16.63 -20.82
N VAL F 118 -23.55 15.94 -21.66
CA VAL F 118 -23.97 16.50 -22.92
C VAL F 118 -25.46 16.87 -22.82
N LEU F 119 -25.72 18.16 -22.83
CA LEU F 119 -27.06 18.69 -22.82
C LEU F 119 -27.54 18.96 -24.26
N PRO F 120 -28.86 19.07 -24.47
CA PRO F 120 -29.38 19.30 -25.81
C PRO F 120 -28.98 20.63 -26.43
N THR F 121 -28.42 21.55 -25.63
CA THR F 121 -27.95 22.84 -26.11
C THR F 121 -26.49 22.79 -26.60
N ALA F 122 -25.82 21.65 -26.41
CA ALA F 122 -24.47 21.45 -26.94
C ALA F 122 -24.48 21.37 -28.47
N LYS F 123 -23.33 21.61 -29.09
CA LYS F 123 -23.23 21.58 -30.56
C LYS F 123 -22.60 20.30 -31.06
N LYS F 124 -21.51 19.88 -30.45
CA LYS F 124 -20.74 18.76 -31.01
C LYS F 124 -19.96 17.97 -29.96
N VAL F 125 -20.11 16.65 -30.02
CA VAL F 125 -19.31 15.73 -29.23
C VAL F 125 -18.17 15.22 -30.09
N THR F 126 -16.98 15.16 -29.50
CA THR F 126 -15.82 14.63 -30.20
C THR F 126 -15.25 13.48 -29.42
N TYR F 127 -14.93 12.41 -30.13
CA TYR F 127 -14.30 11.25 -29.57
C TYR F 127 -12.84 11.16 -30.00
N ASN F 128 -11.97 10.89 -29.06
CA ASN F 128 -10.56 10.69 -29.32
C ASN F 128 -10.15 9.33 -28.78
N ILE F 129 -9.74 8.45 -29.67
CA ILE F 129 -9.43 7.07 -29.34
C ILE F 129 -7.97 6.81 -29.67
N HIS F 130 -7.23 6.26 -28.71
CA HIS F 130 -5.84 5.91 -28.89
C HIS F 130 -5.69 4.42 -28.75
N ILE F 131 -5.30 3.79 -29.85
CA ILE F 131 -5.09 2.36 -29.87
C ILE F 131 -3.83 2.07 -29.05
N LYS F 132 -3.96 1.17 -28.07
CA LYS F 132 -2.86 0.83 -27.20
C LYS F 132 -2.17 -0.46 -27.65
N ARG F 133 -2.96 -1.45 -28.07
CA ARG F 133 -2.42 -2.76 -28.41
C ARG F 133 -3.42 -3.49 -29.31
N THR F 134 -2.93 -4.23 -30.29
CA THR F 134 -3.74 -5.21 -30.98
C THR F 134 -3.08 -6.58 -30.82
N ILE F 135 -3.90 -7.57 -30.52
CA ILE F 135 -3.45 -8.93 -30.22
C ILE F 135 -4.11 -9.86 -31.23
N ASN F 136 -3.32 -10.78 -31.78
CA ASN F 136 -3.78 -11.71 -32.81
C ASN F 136 -3.48 -13.14 -32.41
N ARG F 137 -3.64 -13.46 -31.14
CA ARG F 137 -3.20 -14.78 -30.67
C ARG F 137 -4.19 -15.89 -31.05
N SER F 138 -5.30 -15.97 -30.32
CA SER F 138 -6.38 -16.89 -30.65
C SER F 138 -7.51 -16.11 -31.32
N LEU F 139 -7.90 -15.01 -30.68
CA LEU F 139 -8.92 -14.12 -31.19
C LEU F 139 -8.25 -12.78 -31.52
N VAL F 140 -8.70 -12.08 -32.56
CA VAL F 140 -8.18 -10.75 -32.86
C VAL F 140 -8.86 -9.74 -31.93
N LEU F 141 -8.06 -8.94 -31.22
CA LEU F 141 -8.63 -7.92 -30.38
C LEU F 141 -7.81 -6.66 -30.29
N ALA F 142 -8.47 -5.56 -29.94
CA ALA F 142 -7.82 -4.26 -29.74
C ALA F 142 -8.12 -3.75 -28.32
N ILE F 143 -7.11 -3.12 -27.75
CA ILE F 143 -7.18 -2.43 -26.47
C ILE F 143 -6.88 -0.97 -26.74
N ALA F 144 -7.68 -0.07 -26.18
CA ALA F 144 -7.57 1.34 -26.44
C ALA F 144 -7.94 2.16 -25.23
N ASP F 145 -7.49 3.41 -25.20
CA ASP F 145 -8.01 4.40 -24.29
C ASP F 145 -8.81 5.41 -25.09
N GLY F 146 -9.82 6.01 -24.48
CA GLY F 146 -10.62 7.00 -25.18
C GLY F 146 -11.13 8.12 -24.30
N THR F 147 -11.43 9.26 -24.92
CA THR F 147 -12.10 10.36 -24.24
C THR F 147 -13.25 10.86 -25.08
N VAL F 148 -14.25 11.40 -24.38
CA VAL F 148 -15.36 12.08 -24.99
C VAL F 148 -15.32 13.53 -24.54
N SER F 149 -15.46 14.44 -25.50
CA SER F 149 -15.44 15.86 -25.22
C SER F 149 -16.67 16.49 -25.83
N VAL F 150 -17.13 17.58 -25.23
CA VAL F 150 -18.25 18.33 -25.76
C VAL F 150 -17.85 19.81 -25.88
N ASP F 151 -17.91 20.32 -27.11
CA ASP F 151 -17.55 21.71 -27.40
C ASP F 151 -16.21 22.12 -26.78
N GLY F 152 -15.21 21.24 -26.92
CA GLY F 152 -13.85 21.51 -26.45
C GLY F 152 -13.49 20.93 -25.08
N ARG F 153 -14.50 20.60 -24.28
CA ARG F 153 -14.28 20.22 -22.89
C ARG F 153 -14.37 18.71 -22.70
N GLU F 154 -13.32 18.11 -22.17
CA GLU F 154 -13.34 16.68 -21.86
C GLU F 154 -14.38 16.37 -20.79
N ILE F 155 -15.19 15.35 -21.01
CA ILE F 155 -16.25 14.96 -20.06
C ILE F 155 -16.29 13.48 -19.68
N TYR F 156 -15.90 12.58 -20.57
CA TYR F 156 -15.82 11.15 -20.23
C TYR F 156 -14.45 10.61 -20.57
N SER F 157 -13.98 9.63 -19.81
CA SER F 157 -12.79 8.90 -20.16
C SER F 157 -12.98 7.41 -19.92
N ALA F 158 -12.31 6.59 -20.72
CA ALA F 158 -12.31 5.16 -20.54
C ALA F 158 -10.88 4.66 -20.78
N GLU F 159 -10.38 3.82 -19.91
CA GLU F 159 -9.09 3.18 -20.10
C GLU F 159 -9.33 1.70 -20.37
N GLY F 160 -8.60 1.14 -21.32
CA GLY F 160 -8.59 -0.30 -21.51
C GLY F 160 -9.87 -0.80 -22.15
N LEU F 161 -10.45 0.01 -23.02
CA LEU F 161 -11.53 -0.44 -23.90
C LEU F 161 -11.03 -1.63 -24.66
N ARG F 162 -11.85 -2.68 -24.74
CA ARG F 162 -11.50 -3.90 -25.42
C ARG F 162 -12.62 -4.29 -26.36
N VAL F 163 -12.26 -4.60 -27.61
CA VAL F 163 -13.19 -5.13 -28.60
C VAL F 163 -12.51 -6.30 -29.29
N GLY F 164 -13.29 -7.33 -29.59
CA GLY F 164 -12.78 -8.51 -30.25
C GLY F 164 -13.56 -8.76 -31.52
N LEU F 165 -12.93 -9.47 -32.45
CA LEU F 165 -13.59 -9.89 -33.68
C LEU F 165 -13.83 -11.39 -33.62
N PHE F 166 -15.04 -11.78 -33.99
CA PHE F 166 -15.49 -13.17 -33.90
C PHE F 166 -15.81 -13.65 -35.32
N THR F 167 -15.10 -14.67 -35.76
CA THR F 167 -15.31 -15.17 -37.11
C THR F 167 -16.58 -16.02 -37.09
N SER F 168 -16.90 -16.58 -38.25
CA SER F 168 -18.17 -17.30 -38.41
C SER F 168 -18.26 -18.52 -37.49
N THR F 169 -17.12 -19.04 -37.06
CA THR F 169 -17.06 -20.20 -36.16
C THR F 169 -17.22 -19.83 -34.68
N ASP F 170 -17.01 -18.57 -34.37
CA ASP F 170 -16.74 -18.18 -32.99
C ASP F 170 -18.07 -17.77 -32.37
N SER F 171 -18.49 -18.47 -31.31
CA SER F 171 -19.57 -18.00 -30.47
C SER F 171 -18.92 -17.46 -29.22
N PHE F 172 -19.77 -16.79 -28.47
CA PHE F 172 -19.34 -16.00 -27.33
C PHE F 172 -19.45 -16.71 -25.95
N THR G 3 -12.23 32.30 -5.91
CA THR G 3 -12.74 31.06 -6.50
C THR G 3 -14.22 31.16 -6.86
N LYS G 4 -14.77 32.37 -6.79
CA LYS G 4 -16.14 32.66 -7.25
C LYS G 4 -16.12 32.93 -8.76
N GLN G 5 -14.97 33.29 -9.33
CA GLN G 5 -14.88 33.58 -10.76
C GLN G 5 -14.39 32.34 -11.51
N HIS G 6 -15.16 31.96 -12.53
CA HIS G 6 -14.96 30.67 -13.19
C HIS G 6 -14.53 30.79 -14.64
N ALA G 7 -14.21 31.99 -15.10
CA ALA G 7 -13.68 32.19 -16.44
C ALA G 7 -12.91 33.51 -16.47
N PHE G 8 -11.89 33.58 -17.33
CA PHE G 8 -11.02 34.76 -17.41
C PHE G 8 -10.75 35.14 -18.85
N THR G 9 -10.80 36.44 -19.12
CA THR G 9 -10.52 36.99 -20.44
C THR G 9 -9.03 37.17 -20.63
N ARG G 10 -8.62 37.42 -21.88
CA ARG G 10 -7.22 37.68 -22.16
C ARG G 10 -6.72 38.86 -21.34
N GLU G 11 -7.55 39.88 -21.20
CA GLU G 11 -7.15 41.06 -20.44
C GLU G 11 -6.88 40.73 -18.99
N ASP G 12 -7.70 39.85 -18.40
CA ASP G 12 -7.42 39.38 -17.04
C ASP G 12 -6.11 38.60 -16.97
N LEU G 13 -5.79 37.83 -18.01
CA LEU G 13 -4.54 37.08 -18.02
C LEU G 13 -3.32 38.01 -18.15
N LEU G 14 -3.44 39.06 -18.96
CA LEU G 14 -2.37 40.03 -19.13
C LEU G 14 -2.15 40.78 -17.82
N ARG G 15 -3.25 41.11 -17.14
CA ARG G 15 -3.17 41.73 -15.82
C ARG G 15 -2.43 40.80 -14.87
N CYS G 16 -2.72 39.51 -14.97
CA CYS G 16 -2.06 38.50 -14.14
C CYS G 16 -0.57 38.46 -14.40
N SER G 17 -0.18 38.59 -15.67
CA SER G 17 1.23 38.59 -16.00
C SER G 17 2.00 39.76 -15.41
N ARG G 18 1.30 40.86 -15.12
CA ARG G 18 1.96 42.03 -14.53
C ARG G 18 1.95 42.01 -13.01
N GLY G 19 1.42 40.93 -12.43
CA GLY G 19 1.25 40.85 -11.00
C GLY G 19 0.04 41.62 -10.48
N GLU G 20 -0.87 42.01 -11.37
CA GLU G 20 -2.00 42.87 -11.03
C GLU G 20 -3.33 42.12 -10.90
N LEU G 21 -3.32 40.79 -11.01
CA LEU G 21 -4.51 40.00 -10.70
C LEU G 21 -4.47 39.46 -9.28
N PHE G 22 -3.38 38.77 -8.94
CA PHE G 22 -3.27 38.12 -7.63
C PHE G 22 -2.42 38.94 -6.65
N GLY G 23 -1.79 40.02 -7.14
CA GLY G 23 -1.02 40.93 -6.30
C GLY G 23 0.47 40.62 -6.38
N PRO G 24 1.32 41.60 -6.03
CA PRO G 24 2.77 41.39 -6.17
C PRO G 24 3.29 40.32 -5.23
N GLY G 25 4.19 39.47 -5.75
CA GLY G 25 4.70 38.34 -4.99
C GLY G 25 3.88 37.07 -5.07
N ASN G 26 2.75 37.13 -5.77
CA ASN G 26 1.86 35.97 -5.91
C ASN G 26 1.94 35.46 -7.34
N ALA G 27 1.19 34.41 -7.65
CA ALA G 27 1.34 33.70 -8.93
C ALA G 27 1.18 34.65 -10.11
N GLN G 28 2.06 34.48 -11.09
CA GLN G 28 2.10 35.34 -12.28
C GLN G 28 2.15 34.45 -13.48
N LEU G 29 1.29 34.70 -14.44
CA LEU G 29 1.49 34.13 -15.78
C LEU G 29 2.65 34.84 -16.44
N PRO G 30 3.30 34.22 -17.42
CA PRO G 30 4.28 34.96 -18.21
C PRO G 30 3.54 35.98 -19.05
N ALA G 31 4.24 37.05 -19.44
CA ALA G 31 3.70 37.99 -20.41
C ALA G 31 3.99 37.44 -21.79
N PRO G 32 3.34 37.99 -22.82
CA PRO G 32 3.78 37.66 -24.17
C PRO G 32 5.27 37.98 -24.32
N ASN G 33 6.04 37.17 -25.03
CA ASN G 33 5.57 36.09 -25.89
C ASN G 33 5.63 34.69 -25.28
N MET G 34 5.86 34.58 -23.97
CA MET G 34 5.85 33.28 -23.31
C MET G 34 4.43 32.84 -22.88
N LEU G 35 3.50 33.78 -22.78
CA LEU G 35 2.10 33.45 -22.45
C LEU G 35 1.51 32.56 -23.54
N MET G 36 0.98 31.40 -23.16
CA MET G 36 0.45 30.46 -24.15
C MET G 36 -1.06 30.26 -24.03
N ILE G 37 -1.75 31.22 -23.39
CA ILE G 37 -3.18 31.11 -23.11
C ILE G 37 -3.83 32.43 -23.49
N ASP G 38 -4.92 32.35 -24.24
CA ASP G 38 -5.75 33.53 -24.57
C ASP G 38 -6.88 33.73 -23.57
N ARG G 39 -7.49 32.64 -23.13
CA ARG G 39 -8.59 32.71 -22.18
C ARG G 39 -8.74 31.44 -21.41
N ILE G 40 -9.28 31.56 -20.20
CA ILE G 40 -9.69 30.42 -19.41
C ILE G 40 -11.20 30.37 -19.46
N VAL G 41 -11.75 29.35 -20.12
CA VAL G 41 -13.18 29.28 -20.33
C VAL G 41 -13.89 28.61 -19.16
N HIS G 42 -13.14 27.82 -18.39
CA HIS G 42 -13.67 27.20 -17.20
C HIS G 42 -12.58 26.91 -16.22
N ILE G 43 -12.81 27.27 -14.97
CA ILE G 43 -11.94 26.87 -13.87
C ILE G 43 -12.81 26.65 -12.65
N SER G 44 -12.55 25.56 -11.93
CA SER G 44 -13.33 25.17 -10.78
C SER G 44 -12.48 24.33 -9.86
N ASP G 45 -12.76 24.37 -8.55
CA ASP G 45 -12.08 23.51 -7.60
C ASP G 45 -12.84 22.20 -7.30
N VAL G 46 -13.93 21.94 -8.02
CA VAL G 46 -14.64 20.67 -7.96
C VAL G 46 -14.77 20.12 -9.39
N GLY G 47 -15.18 18.87 -9.52
CA GLY G 47 -15.25 18.23 -10.82
C GLY G 47 -13.89 17.89 -11.40
N GLY G 48 -13.84 17.71 -12.70
CA GLY G 48 -12.66 17.15 -13.36
C GLY G 48 -12.58 15.64 -13.16
N LYS G 49 -11.60 15.05 -13.81
CA LYS G 49 -11.38 13.62 -13.82
C LYS G 49 -11.21 13.02 -12.41
N TYR G 50 -10.68 13.80 -11.46
CA TYR G 50 -10.43 13.29 -10.12
C TYR G 50 -11.31 13.92 -9.07
N GLY G 51 -12.25 14.76 -9.49
CA GLY G 51 -13.13 15.45 -8.57
C GLY G 51 -12.46 16.53 -7.73
N LYS G 52 -11.25 16.95 -8.11
CA LYS G 52 -10.48 17.93 -7.35
C LYS G 52 -10.26 19.22 -8.10
N GLY G 53 -11.02 19.42 -9.17
CA GLY G 53 -10.95 20.64 -9.93
C GLY G 53 -10.51 20.43 -11.37
N GLU G 54 -10.72 21.46 -12.18
CA GLU G 54 -10.29 21.41 -13.55
C GLU G 54 -10.22 22.79 -14.17
N LEU G 55 -9.46 22.88 -15.25
CA LEU G 55 -9.39 24.08 -16.07
C LEU G 55 -9.57 23.68 -17.53
N VAL G 56 -10.32 24.50 -18.24
CA VAL G 56 -10.36 24.44 -19.68
C VAL G 56 -9.92 25.83 -20.17
N ALA G 57 -8.97 25.86 -21.09
CA ALA G 57 -8.44 27.13 -21.57
C ALA G 57 -8.16 27.01 -23.07
N GLU G 58 -7.98 28.16 -23.73
CA GLU G 58 -7.87 28.20 -25.15
C GLU G 58 -6.75 29.14 -25.58
N LEU G 59 -6.17 28.83 -26.72
CA LEU G 59 -5.23 29.70 -27.45
C LEU G 59 -5.68 29.75 -28.90
N ASP G 60 -5.96 30.95 -29.41
CA ASP G 60 -6.32 31.10 -30.80
C ASP G 60 -5.07 30.99 -31.66
N ILE G 61 -5.19 30.29 -32.77
CA ILE G 61 -4.07 30.10 -33.66
C ILE G 61 -4.30 30.93 -34.90
N ASN G 62 -3.24 31.63 -35.30
CA ASN G 62 -3.19 32.27 -36.62
C ASN G 62 -1.77 32.13 -37.15
N PRO G 63 -1.58 32.28 -38.46
CA PRO G 63 -0.26 32.02 -39.03
C PRO G 63 0.85 33.00 -38.61
N ASP G 64 0.49 34.11 -37.96
CA ASP G 64 1.47 35.11 -37.58
C ASP G 64 2.02 34.94 -36.17
N LEU G 65 1.59 33.92 -35.43
CA LEU G 65 2.16 33.68 -34.11
C LEU G 65 3.67 33.51 -34.24
N TRP G 66 4.41 34.14 -33.35
CA TRP G 66 5.86 34.33 -33.51
C TRP G 66 6.63 33.05 -33.70
N PHE G 67 6.22 31.98 -33.01
CA PHE G 67 7.00 30.73 -33.04
C PHE G 67 6.97 30.03 -34.40
N PHE G 68 5.97 30.31 -35.23
CA PHE G 68 5.87 29.64 -36.52
C PHE G 68 7.01 30.00 -37.45
N ALA G 69 7.48 31.26 -37.43
CA ALA G 69 8.52 31.71 -38.32
C ALA G 69 9.88 31.04 -38.04
N CYS G 70 10.18 30.76 -36.77
CA CYS G 70 11.49 30.23 -36.40
C CYS G 70 11.49 28.72 -36.07
N HIS G 71 10.31 28.10 -36.03
CA HIS G 71 10.14 26.73 -35.62
C HIS G 71 9.15 26.03 -36.50
N PHE G 72 9.56 25.53 -37.68
CA PHE G 72 10.87 25.65 -38.27
C PHE G 72 10.74 26.37 -39.60
N GLU G 73 11.84 26.90 -40.10
CA GLU G 73 11.82 27.54 -41.42
C GLU G 73 11.41 26.52 -42.48
N GLY G 74 10.37 26.83 -43.23
CA GLY G 74 9.81 25.93 -44.23
C GLY G 74 8.94 24.81 -43.67
N ASP G 75 8.75 24.80 -42.35
CA ASP G 75 8.02 23.72 -41.67
C ASP G 75 7.45 24.24 -40.36
N PRO G 76 6.50 25.18 -40.43
CA PRO G 76 5.98 25.84 -39.24
C PRO G 76 5.16 24.88 -38.40
N VAL G 77 5.44 24.82 -37.11
CA VAL G 77 4.71 23.94 -36.22
C VAL G 77 4.89 24.46 -34.80
N MET G 78 3.83 24.44 -34.01
CA MET G 78 3.94 24.92 -32.65
C MET G 78 4.91 24.04 -31.85
N PRO G 79 5.84 24.66 -31.11
CA PRO G 79 6.73 23.87 -30.28
C PRO G 79 5.95 23.11 -29.21
N GLY G 80 6.20 21.81 -29.11
CA GLY G 80 5.57 21.00 -28.08
C GLY G 80 5.85 21.56 -26.71
N CYS G 81 7.07 22.05 -26.50
CA CYS G 81 7.45 22.56 -25.19
C CYS G 81 6.57 23.72 -24.73
N LEU G 82 6.04 24.50 -25.66
CA LEU G 82 5.17 25.63 -25.32
C LEU G 82 3.74 25.18 -24.98
N GLY G 83 3.25 24.12 -25.63
CA GLY G 83 1.98 23.53 -25.24
C GLY G 83 2.07 22.93 -23.87
N LEU G 84 3.20 22.28 -23.61
CA LEU G 84 3.47 21.75 -22.31
C LEU G 84 3.55 22.89 -21.31
N ASP G 85 4.22 23.99 -21.67
CA ASP G 85 4.29 25.12 -20.76
C ASP G 85 2.96 25.79 -20.47
N ALA G 86 2.07 25.85 -21.47
CA ALA G 86 0.69 26.28 -21.21
C ALA G 86 0.07 25.48 -20.04
N MET G 87 0.33 24.18 -19.98
CA MET G 87 -0.25 23.35 -18.91
C MET G 87 0.33 23.71 -17.54
N TRP G 88 1.65 23.93 -17.46
CA TRP G 88 2.24 24.42 -16.22
C TRP G 88 1.75 25.79 -15.85
N GLN G 89 1.61 26.67 -16.83
CA GLN G 89 1.04 28.00 -16.62
C GLN G 89 -0.36 27.91 -15.98
N LEU G 90 -1.19 27.02 -16.48
CA LEU G 90 -2.55 26.86 -15.98
C LEU G 90 -2.60 26.29 -14.57
N VAL G 91 -1.71 25.33 -14.27
CA VAL G 91 -1.67 24.76 -12.96
C VAL G 91 -1.19 25.80 -11.94
N GLY G 92 -0.20 26.59 -12.30
CA GLY G 92 0.24 27.70 -11.49
C GLY G 92 -0.86 28.71 -11.26
N PHE G 93 -1.56 29.08 -12.32
CA PHE G 93 -2.71 29.96 -12.21
C PHE G 93 -3.73 29.42 -11.20
N TYR G 94 -4.02 28.11 -11.28
CA TYR G 94 -4.97 27.47 -10.38
C TYR G 94 -4.60 27.69 -8.93
N LEU G 95 -3.33 27.52 -8.61
CA LEU G 95 -2.87 27.71 -7.25
C LEU G 95 -3.03 29.16 -6.76
N GLY G 96 -2.77 30.12 -7.63
CA GLY G 96 -2.99 31.53 -7.29
C GLY G 96 -4.46 31.82 -7.10
N TRP G 97 -5.26 31.28 -7.99
CA TRP G 97 -6.71 31.45 -8.00
C TRP G 97 -7.36 30.95 -6.76
N GLN G 98 -6.80 29.87 -6.17
CA GLN G 98 -7.27 29.35 -4.90
C GLN G 98 -7.01 30.31 -3.73
N GLY G 99 -6.13 31.29 -3.92
CA GLY G 99 -5.83 32.28 -2.87
C GLY G 99 -4.54 32.01 -2.13
N ASN G 100 -3.72 31.07 -2.63
CA ASN G 100 -2.41 30.81 -2.03
C ASN G 100 -1.40 31.91 -2.36
N PRO G 101 -0.54 32.31 -1.40
CA PRO G 101 0.54 33.24 -1.69
C PRO G 101 1.79 32.59 -2.36
N GLY G 102 2.60 33.41 -3.01
CA GLY G 102 3.90 32.98 -3.50
C GLY G 102 4.04 32.92 -4.99
N ARG G 103 5.28 32.86 -5.45
CA ARG G 103 5.61 32.84 -6.87
C ARG G 103 5.60 31.42 -7.40
N GLY G 104 5.14 31.25 -8.62
CA GLY G 104 5.03 29.96 -9.24
C GLY G 104 6.34 29.47 -9.82
N ARG G 105 6.64 28.19 -9.60
CA ARG G 105 7.69 27.48 -10.32
C ARG G 105 7.20 26.11 -10.74
N ALA G 106 7.26 25.83 -12.04
CA ALA G 106 7.07 24.49 -12.54
C ALA G 106 8.12 23.58 -11.94
N LEU G 107 7.71 22.39 -11.50
CA LEU G 107 8.61 21.44 -10.86
C LEU G 107 8.85 20.20 -11.70
N GLY G 108 8.03 20.00 -12.71
CA GLY G 108 8.24 18.93 -13.67
C GLY G 108 6.98 18.17 -14.01
N SER G 109 7.18 16.95 -14.46
CA SER G 109 6.10 16.12 -14.98
C SER G 109 6.47 14.64 -14.91
N GLY G 110 5.49 13.77 -14.84
CA GLY G 110 5.72 12.33 -14.91
C GLY G 110 6.07 11.73 -16.27
N GLU G 111 5.27 12.06 -17.24
CA GLU G 111 5.39 11.58 -18.62
C GLU G 111 4.76 12.60 -19.53
N VAL G 112 5.45 12.95 -20.62
CA VAL G 112 4.91 13.85 -21.60
C VAL G 112 4.91 13.16 -22.97
N LYS G 113 3.82 13.33 -23.72
CA LYS G 113 3.70 12.71 -25.04
C LYS G 113 3.18 13.70 -26.05
N PHE G 114 3.87 13.75 -27.19
CA PHE G 114 3.48 14.55 -28.32
C PHE G 114 3.13 13.60 -29.44
N PHE G 115 1.89 13.64 -29.89
CA PHE G 115 1.40 12.69 -30.90
C PHE G 115 0.55 13.39 -31.96
N GLY G 116 0.85 14.65 -32.19
CA GLY G 116 0.19 15.43 -33.23
C GLY G 116 0.81 16.81 -33.23
N GLN G 117 0.31 17.70 -34.08
CA GLN G 117 0.94 18.99 -34.24
C GLN G 117 -0.07 20.11 -34.45
N VAL G 118 0.35 21.31 -34.09
CA VAL G 118 -0.44 22.49 -34.33
C VAL G 118 0.21 23.22 -35.50
N LEU G 119 -0.49 23.26 -36.63
CA LEU G 119 -0.04 23.95 -37.81
C LEU G 119 -0.65 25.37 -37.86
N PRO G 120 -0.04 26.26 -38.65
CA PRO G 120 -0.55 27.63 -38.73
C PRO G 120 -1.93 27.78 -39.38
N THR G 121 -2.43 26.71 -40.00
CA THR G 121 -3.78 26.67 -40.57
C THR G 121 -4.86 26.23 -39.54
N ALA G 122 -4.44 25.83 -38.35
CA ALA G 122 -5.38 25.53 -37.27
C ALA G 122 -6.12 26.79 -36.79
N LYS G 123 -7.23 26.58 -36.10
CA LYS G 123 -8.02 27.69 -35.58
C LYS G 123 -7.83 27.89 -34.09
N LYS G 124 -7.89 26.81 -33.32
CA LYS G 124 -7.91 26.93 -31.86
C LYS G 124 -7.32 25.72 -31.14
N VAL G 125 -6.42 26.00 -30.21
CA VAL G 125 -5.90 25.01 -29.28
C VAL G 125 -6.71 25.09 -28.00
N THR G 126 -7.08 23.91 -27.44
CA THR G 126 -7.76 23.85 -26.17
C THR G 126 -6.97 23.00 -25.20
N TYR G 127 -6.85 23.49 -23.96
CA TYR G 127 -6.16 22.81 -22.88
C TYR G 127 -7.18 22.30 -21.88
N ASN G 128 -7.05 21.03 -21.47
CA ASN G 128 -7.90 20.44 -20.46
C ASN G 128 -7.00 19.94 -19.36
N ILE G 129 -7.17 20.50 -18.17
CA ILE G 129 -6.31 20.22 -17.04
C ILE G 129 -7.18 19.66 -15.94
N HIS G 130 -6.77 18.52 -15.39
CA HIS G 130 -7.47 17.87 -14.29
C HIS G 130 -6.58 17.86 -13.11
N ILE G 131 -6.98 18.59 -12.07
CA ILE G 131 -6.24 18.63 -10.84
C ILE G 131 -6.38 17.27 -10.17
N LYS G 132 -5.24 16.68 -9.86
CA LYS G 132 -5.20 15.38 -9.23
C LYS G 132 -5.08 15.51 -7.71
N ARG G 133 -4.25 16.45 -7.26
CA ARG G 133 -3.97 16.60 -5.84
C ARG G 133 -3.40 17.99 -5.59
N THR G 134 -3.77 18.59 -4.46
CA THR G 134 -3.04 19.76 -3.95
C THR G 134 -2.52 19.43 -2.57
N ILE G 135 -1.26 19.82 -2.31
CA ILE G 135 -0.56 19.52 -1.07
C ILE G 135 -0.12 20.82 -0.43
N ASN G 136 -0.30 20.93 0.89
CA ASN G 136 -0.01 22.16 1.63
C ASN G 136 0.86 21.88 2.84
N ARG G 137 2.03 21.26 2.67
CA ARG G 137 2.99 21.06 3.77
C ARG G 137 4.16 22.05 3.85
N SER G 138 5.27 21.72 3.20
CA SER G 138 6.48 22.49 3.36
C SER G 138 6.25 23.66 2.42
N LEU G 139 5.71 23.35 1.26
CA LEU G 139 5.22 24.37 0.36
C LEU G 139 3.93 23.88 -0.36
N VAL G 140 3.22 24.85 -0.92
CA VAL G 140 1.97 24.59 -1.61
C VAL G 140 2.27 24.08 -3.02
N LEU G 141 1.70 22.94 -3.37
CA LEU G 141 1.87 22.44 -4.72
C LEU G 141 0.65 21.73 -5.26
N ALA G 142 0.59 21.66 -6.58
CA ALA G 142 -0.47 20.98 -7.30
C ALA G 142 0.12 19.94 -8.23
N ILE G 143 -0.59 18.81 -8.33
CA ILE G 143 -0.29 17.76 -9.27
C ILE G 143 -1.52 17.62 -10.16
N ALA G 144 -1.30 17.57 -11.47
CA ALA G 144 -2.39 17.55 -12.44
C ALA G 144 -2.01 16.69 -13.66
N ASP G 145 -3.04 16.24 -14.38
CA ASP G 145 -2.86 15.68 -15.71
C ASP G 145 -3.46 16.67 -16.70
N GLY G 146 -2.94 16.68 -17.91
CA GLY G 146 -3.42 17.61 -18.89
C GLY G 146 -3.35 17.09 -20.30
N THR G 147 -4.20 17.63 -21.16
CA THR G 147 -4.12 17.36 -22.58
C THR G 147 -4.24 18.63 -23.38
N VAL G 148 -3.63 18.62 -24.55
CA VAL G 148 -3.72 19.68 -25.50
C VAL G 148 -4.41 19.12 -26.71
N SER G 149 -5.40 19.86 -27.21
CA SER G 149 -6.12 19.49 -28.39
C SER G 149 -6.12 20.63 -29.38
N VAL G 150 -6.19 20.30 -30.67
CA VAL G 150 -6.32 21.31 -31.71
C VAL G 150 -7.54 20.98 -32.57
N ASP G 151 -8.47 21.91 -32.62
CA ASP G 151 -9.69 21.77 -33.41
C ASP G 151 -10.37 20.41 -33.17
N GLY G 152 -10.47 20.02 -31.89
CA GLY G 152 -11.14 18.78 -31.48
C GLY G 152 -10.25 17.57 -31.27
N ARG G 153 -9.04 17.60 -31.82
CA ARG G 153 -8.18 16.41 -31.86
C ARG G 153 -7.08 16.49 -30.82
N GLU G 154 -7.02 15.51 -29.91
CA GLU G 154 -6.00 15.46 -28.89
C GLU G 154 -4.66 15.26 -29.54
N ILE G 155 -3.67 16.06 -29.14
CA ILE G 155 -2.32 15.98 -29.73
C ILE G 155 -1.19 15.85 -28.71
N TYR G 156 -1.33 16.42 -27.51
CA TYR G 156 -0.31 16.27 -26.47
C TYR G 156 -0.96 15.85 -25.18
N SER G 157 -0.21 15.10 -24.36
CA SER G 157 -0.66 14.77 -23.02
C SER G 157 0.51 14.84 -22.04
N ALA G 158 0.18 15.18 -20.79
CA ALA G 158 1.16 15.16 -19.70
C ALA G 158 0.49 14.56 -18.47
N GLU G 159 1.19 13.67 -17.79
CA GLU G 159 0.69 13.09 -16.54
C GLU G 159 1.61 13.54 -15.40
N GLY G 160 1.01 13.92 -14.30
CA GLY G 160 1.80 14.26 -13.10
C GLY G 160 2.54 15.58 -13.28
N LEU G 161 1.94 16.52 -13.98
CA LEU G 161 2.40 17.91 -13.97
C LEU G 161 2.45 18.40 -12.54
N ARG G 162 3.56 19.06 -12.18
CA ARG G 162 3.76 19.56 -10.81
C ARG G 162 4.19 21.00 -10.87
N VAL G 163 3.51 21.84 -10.09
CA VAL G 163 3.86 23.25 -9.94
C VAL G 163 3.79 23.59 -8.45
N GLY G 164 4.75 24.38 -8.00
CA GLY G 164 4.80 24.80 -6.60
C GLY G 164 4.77 26.31 -6.49
N LEU G 165 4.33 26.80 -5.34
CA LEU G 165 4.37 28.22 -5.02
C LEU G 165 5.45 28.46 -3.99
N PHE G 166 6.24 29.50 -4.20
CA PHE G 166 7.33 29.82 -3.33
C PHE G 166 7.13 31.22 -2.76
N THR G 167 6.90 31.29 -1.45
CA THR G 167 6.67 32.56 -0.80
C THR G 167 8.04 33.21 -0.62
N SER G 168 8.05 34.37 0.02
CA SER G 168 9.28 35.11 0.18
C SER G 168 10.28 34.31 1.03
N THR G 169 9.75 33.38 1.84
CA THR G 169 10.53 32.53 2.73
C THR G 169 11.00 31.21 2.08
N ASP G 170 10.62 30.97 0.83
CA ASP G 170 10.90 29.71 0.13
C ASP G 170 11.87 29.99 -1.02
N SER G 171 12.89 29.16 -1.17
CA SER G 171 13.86 29.34 -2.27
C SER G 171 13.96 28.13 -3.19
N PHE G 172 14.54 28.36 -4.36
CA PHE G 172 14.69 27.38 -5.42
C PHE G 172 16.11 27.47 -5.99
N THR H 3 29.65 13.04 -38.96
CA THR H 3 29.91 12.08 -37.84
C THR H 3 31.42 12.06 -37.51
N LYS H 4 32.13 12.67 -38.44
CA LYS H 4 33.53 12.98 -38.29
C LYS H 4 33.68 14.23 -37.45
N GLN H 5 32.69 15.12 -37.49
CA GLN H 5 32.81 16.39 -36.79
C GLN H 5 32.21 16.27 -35.39
N HIS H 6 32.97 16.68 -34.37
CA HIS H 6 32.60 16.43 -32.98
C HIS H 6 32.32 17.67 -32.17
N ALA H 7 32.24 18.83 -32.83
CA ALA H 7 31.86 20.07 -32.19
C ALA H 7 31.28 21.01 -33.22
N PHE H 8 30.36 21.87 -32.79
CA PHE H 8 29.70 22.83 -33.72
C PHE H 8 29.64 24.21 -33.09
N THR H 9 29.95 25.21 -33.91
CA THR H 9 29.87 26.60 -33.52
C THR H 9 28.44 27.11 -33.63
N ARG H 10 28.20 28.28 -33.07
CA ARG H 10 26.89 28.91 -33.22
C ARG H 10 26.52 29.10 -34.67
N GLU H 11 27.48 29.50 -35.48
CA GLU H 11 27.22 29.71 -36.90
C GLU H 11 26.78 28.42 -37.59
N ASP H 12 27.38 27.29 -37.20
CA ASP H 12 26.95 25.99 -37.70
C ASP H 12 25.50 25.70 -37.29
N LEU H 13 25.14 26.04 -36.06
CA LEU H 13 23.79 25.79 -35.58
C LEU H 13 22.77 26.68 -36.28
N LEU H 14 23.13 27.93 -36.54
CA LEU H 14 22.26 28.83 -37.30
C LEU H 14 22.07 28.33 -38.73
N ARG H 15 23.15 27.81 -39.32
CA ARG H 15 23.07 27.20 -40.63
C ARG H 15 22.10 26.03 -40.58
N CYS H 16 22.19 25.23 -39.51
CA CYS H 16 21.32 24.07 -39.33
C CYS H 16 19.86 24.51 -39.25
N SER H 17 19.59 25.63 -38.59
CA SER H 17 18.23 26.12 -38.49
C SER H 17 17.62 26.55 -39.83
N ARG H 18 18.46 26.89 -40.80
CA ARG H 18 17.98 27.25 -42.12
C ARG H 18 17.90 26.07 -43.07
N GLY H 19 18.20 24.86 -42.58
CA GLY H 19 18.22 23.67 -43.43
C GLY H 19 19.50 23.56 -44.25
N GLU H 20 20.51 24.34 -43.91
CA GLU H 20 21.75 24.41 -44.69
C GLU H 20 22.93 23.64 -44.08
N LEU H 21 22.70 22.90 -43.00
CA LEU H 21 23.71 21.95 -42.47
C LEU H 21 23.45 20.51 -42.94
N PHE H 22 22.25 20.01 -42.73
CA PHE H 22 21.90 18.64 -43.10
C PHE H 22 21.14 18.55 -44.43
N GLY H 23 20.76 19.69 -44.99
CA GLY H 23 20.08 19.76 -46.27
C GLY H 23 18.58 19.89 -46.09
N PRO H 24 17.89 20.41 -47.11
CA PRO H 24 16.45 20.60 -46.96
C PRO H 24 15.68 19.28 -46.79
N GLY H 25 14.69 19.30 -45.90
CA GLY H 25 13.89 18.10 -45.59
C GLY H 25 14.49 17.21 -44.52
N ASN H 26 15.68 17.59 -44.03
CA ASN H 26 16.35 16.84 -42.98
C ASN H 26 16.30 17.64 -41.69
N ALA H 27 16.90 17.12 -40.62
CA ALA H 27 16.69 17.69 -39.28
C ALA H 27 17.12 19.14 -39.24
N GLN H 28 16.32 19.95 -38.56
CA GLN H 28 16.54 21.37 -38.46
C GLN H 28 16.43 21.75 -37.01
N LEU H 29 17.38 22.52 -36.51
CA LEU H 29 17.20 23.21 -35.24
C LEU H 29 16.20 24.36 -35.48
N PRO H 30 15.53 24.82 -34.43
CA PRO H 30 14.78 26.07 -34.57
C PRO H 30 15.76 27.23 -34.77
N ALA H 31 15.29 28.30 -35.39
CA ALA H 31 16.04 29.53 -35.46
C ALA H 31 15.76 30.33 -34.18
N PRO H 32 16.58 31.37 -33.90
CA PRO H 32 16.20 32.28 -32.82
C PRO H 32 14.78 32.84 -33.09
N ASN H 33 13.94 33.01 -32.08
CA ASN H 33 14.31 32.90 -30.67
C ASN H 33 13.99 31.58 -30.00
N MET H 34 13.62 30.55 -30.77
CA MET H 34 13.38 29.23 -30.16
C MET H 34 14.67 28.42 -29.98
N LEU H 35 15.72 28.76 -30.72
CA LEU H 35 17.02 28.07 -30.54
C LEU H 35 17.55 28.27 -29.13
N MET H 36 17.88 27.18 -28.44
CA MET H 36 18.30 27.27 -27.06
C MET H 36 19.73 26.78 -26.82
N ILE H 37 20.52 26.78 -27.89
CA ILE H 37 21.89 26.29 -27.88
C ILE H 37 22.79 27.28 -28.59
N ASP H 38 23.91 27.62 -27.97
CA ASP H 38 24.93 28.47 -28.61
C ASP H 38 26.00 27.62 -29.30
N ARG H 39 26.39 26.52 -28.69
CA ARG H 39 27.40 25.65 -29.27
C ARG H 39 27.26 24.21 -28.78
N ILE H 40 27.69 23.28 -29.61
CA ILE H 40 27.86 21.89 -29.20
C ILE H 40 29.35 21.67 -29.03
N VAL H 41 29.78 21.46 -27.79
CA VAL H 41 31.19 21.33 -27.50
C VAL H 41 31.67 19.91 -27.68
N HIS H 42 30.75 18.94 -27.63
CA HIS H 42 31.08 17.55 -27.85
C HIS H 42 29.89 16.79 -28.33
N ILE H 43 30.06 16.05 -29.41
CA ILE H 43 29.05 15.11 -29.87
C ILE H 43 29.76 13.88 -30.39
N SER H 44 29.28 12.71 -29.99
CA SER H 44 29.90 11.44 -30.33
C SER H 44 28.85 10.33 -30.33
N ASP H 45 29.07 9.30 -31.14
CA ASP H 45 28.18 8.13 -31.12
C ASP H 45 28.68 6.99 -30.21
N VAL H 46 29.74 7.24 -29.46
CA VAL H 46 30.22 6.32 -28.43
C VAL H 46 30.32 7.07 -27.11
N GLY H 47 30.54 6.34 -26.02
CA GLY H 47 30.60 6.94 -24.72
C GLY H 47 29.23 7.36 -24.21
N GLY H 48 29.23 8.26 -23.23
CA GLY H 48 28.02 8.59 -22.52
C GLY H 48 27.65 7.51 -21.52
N LYS H 49 26.63 7.80 -20.73
CA LYS H 49 26.17 6.94 -19.65
C LYS H 49 25.80 5.53 -20.09
N TYR H 50 25.35 5.37 -21.34
CA TYR H 50 24.96 4.05 -21.83
C TYR H 50 25.93 3.49 -22.89
N GLY H 51 27.01 4.20 -23.17
CA GLY H 51 27.94 3.78 -24.20
C GLY H 51 27.41 3.89 -25.63
N LYS H 52 26.31 4.63 -25.82
CA LYS H 52 25.67 4.77 -27.14
C LYS H 52 25.70 6.20 -27.67
N GLY H 53 26.55 7.04 -27.08
CA GLY H 53 26.74 8.39 -27.56
C GLY H 53 26.34 9.45 -26.56
N GLU H 54 26.78 10.66 -26.81
CA GLU H 54 26.48 11.77 -25.93
C GLU H 54 26.71 13.10 -26.61
N LEU H 55 26.06 14.12 -26.06
CA LEU H 55 26.26 15.48 -26.48
C LEU H 55 26.49 16.32 -25.23
N VAL H 56 27.42 17.25 -25.35
CA VAL H 56 27.58 18.31 -24.38
C VAL H 56 27.41 19.61 -25.16
N ALA H 57 26.54 20.48 -24.69
CA ALA H 57 26.27 21.73 -25.38
C ALA H 57 26.10 22.86 -24.36
N GLU H 58 26.14 24.10 -24.85
CA GLU H 58 26.18 25.27 -23.97
C GLU H 58 25.30 26.39 -24.51
N LEU H 59 24.75 27.18 -23.59
CA LEU H 59 24.04 28.41 -23.88
C LEU H 59 24.60 29.47 -22.98
N ASP H 60 25.13 30.54 -23.55
CA ASP H 60 25.63 31.67 -22.77
C ASP H 60 24.45 32.48 -22.26
N ILE H 61 24.51 32.89 -21.01
CA ILE H 61 23.44 33.65 -20.40
C ILE H 61 23.88 35.08 -20.22
N ASN H 62 22.99 36.00 -20.58
CA ASN H 62 23.13 37.40 -20.23
C ASN H 62 21.74 37.97 -19.90
N PRO H 63 21.69 39.11 -19.21
CA PRO H 63 20.39 39.61 -18.75
C PRO H 63 19.43 40.04 -19.87
N ASP H 64 19.92 40.21 -21.10
CA ASP H 64 19.09 40.68 -22.21
C ASP H 64 18.42 39.57 -23.02
N LEU H 65 18.63 38.30 -22.67
CA LEU H 65 17.94 37.21 -23.36
C LEU H 65 16.42 37.43 -23.27
N TRP H 66 15.73 37.25 -24.40
CA TRP H 66 14.34 37.72 -24.57
C TRP H 66 13.39 37.21 -23.52
N PHE H 67 13.58 35.98 -23.06
CA PHE H 67 12.60 35.37 -22.15
C PHE H 67 12.62 35.98 -20.75
N PHE H 68 13.73 36.63 -20.38
CA PHE H 68 13.82 37.19 -19.02
C PHE H 68 12.81 38.31 -18.81
N ALA H 69 12.56 39.12 -19.84
CA ALA H 69 11.68 40.29 -19.69
C ALA H 69 10.21 39.89 -19.47
N CYS H 70 9.76 38.82 -20.11
CA CYS H 70 8.37 38.41 -20.03
C CYS H 70 8.10 37.25 -19.05
N HIS H 71 9.15 36.66 -18.52
CA HIS H 71 9.05 35.45 -17.70
C HIS H 71 10.01 35.56 -16.52
N PHE H 72 9.61 36.21 -15.43
CA PHE H 72 8.38 36.96 -15.27
C PHE H 72 8.74 38.39 -14.97
N GLU H 73 7.79 39.29 -15.15
CA GLU H 73 8.01 40.68 -14.81
C GLU H 73 8.31 40.79 -13.30
N GLY H 74 9.46 41.39 -12.98
CA GLY H 74 9.93 41.51 -11.59
C GLY H 74 10.56 40.25 -11.01
N ASP H 75 10.64 39.19 -11.82
CA ASP H 75 11.10 37.89 -11.36
C ASP H 75 11.62 37.10 -12.58
N PRO H 76 12.73 37.58 -13.17
CA PRO H 76 13.28 36.98 -14.38
C PRO H 76 13.87 35.61 -14.11
N VAL H 77 13.48 34.62 -14.90
CA VAL H 77 13.99 33.27 -14.73
C VAL H 77 13.79 32.52 -16.04
N MET H 78 14.77 31.72 -16.43
CA MET H 78 14.63 30.98 -17.68
C MET H 78 13.48 29.99 -17.56
N PRO H 79 12.61 29.94 -18.59
CA PRO H 79 11.52 28.97 -18.57
C PRO H 79 12.08 27.55 -18.61
N GLY H 80 11.61 26.72 -17.70
CA GLY H 80 12.02 25.32 -17.65
C GLY H 80 11.73 24.63 -18.96
N CYS H 81 10.59 24.97 -19.59
CA CYS H 81 10.19 24.35 -20.82
C CYS H 81 11.22 24.57 -21.94
N LEU H 82 11.94 25.68 -21.92
CA LEU H 82 12.97 25.97 -22.93
C LEU H 82 14.26 25.20 -22.66
N GLY H 83 14.61 24.97 -21.41
CA GLY H 83 15.75 24.12 -21.09
C GLY H 83 15.45 22.69 -21.52
N LEU H 84 14.21 22.28 -21.27
CA LEU H 84 13.77 20.97 -21.68
C LEU H 84 13.81 20.92 -23.21
N ASP H 85 13.35 21.98 -23.86
CA ASP H 85 13.40 21.98 -25.32
C ASP H 85 14.80 21.92 -25.89
N ALA H 86 15.75 22.58 -25.26
CA ALA H 86 17.15 22.43 -25.68
C ALA H 86 17.56 20.96 -25.77
N MET H 87 17.09 20.15 -24.82
CA MET H 87 17.40 18.74 -24.83
C MET H 87 16.78 17.99 -26.02
N TRP H 88 15.53 18.29 -26.34
CA TRP H 88 14.91 17.73 -27.54
C TRP H 88 15.59 18.21 -28.79
N GLN H 89 15.98 19.49 -28.81
CA GLN H 89 16.72 20.05 -29.94
C GLN H 89 18.00 19.28 -30.19
N LEU H 90 18.73 18.97 -29.12
CA LEU H 90 20.00 18.25 -29.22
C LEU H 90 19.83 16.80 -29.67
N VAL H 91 18.78 16.12 -29.18
CA VAL H 91 18.51 14.75 -29.58
C VAL H 91 18.13 14.68 -31.06
N GLY H 92 17.32 15.64 -31.52
CA GLY H 92 17.03 15.77 -32.92
C GLY H 92 18.26 16.01 -33.76
N PHE H 93 19.10 16.93 -33.31
CA PHE H 93 20.36 17.21 -33.99
C PHE H 93 21.22 15.95 -34.11
N TYR H 94 21.30 15.18 -33.02
CA TYR H 94 22.02 13.90 -33.03
C TYR H 94 21.56 12.98 -34.15
N LEU H 95 20.24 12.85 -34.32
CA LEU H 95 19.71 11.99 -35.39
C LEU H 95 20.06 12.48 -36.81
N GLY H 96 20.05 13.79 -37.01
CA GLY H 96 20.49 14.37 -38.29
C GLY H 96 21.97 14.15 -38.52
N TRP H 97 22.76 14.38 -37.47
CA TRP H 97 24.21 14.23 -37.48
C TRP H 97 24.65 12.83 -37.81
N GLN H 98 23.88 11.84 -37.39
CA GLN H 98 24.15 10.44 -37.78
C GLN H 98 23.95 10.17 -39.28
N GLY H 99 23.28 11.08 -39.98
CA GLY H 99 23.08 10.94 -41.43
C GLY H 99 21.68 10.46 -41.84
N ASN H 100 20.77 10.39 -40.87
CA ASN H 100 19.37 9.98 -41.17
C ASN H 100 18.59 11.08 -41.89
N PRO H 101 17.71 10.71 -42.84
CA PRO H 101 16.83 11.69 -43.49
C PRO H 101 15.55 11.98 -42.71
N GLY H 102 14.92 13.13 -42.99
CA GLY H 102 13.60 13.43 -42.45
C GLY H 102 13.60 14.58 -41.47
N ARG H 103 12.39 15.10 -41.23
CA ARG H 103 12.18 16.23 -40.33
C ARG H 103 12.00 15.76 -38.90
N GLY H 104 12.54 16.51 -37.96
CA GLY H 104 12.49 16.17 -36.55
C GLY H 104 11.17 16.55 -35.90
N ARG H 105 10.68 15.65 -35.05
CA ARG H 105 9.59 15.97 -34.12
C ARG H 105 9.92 15.35 -32.75
N ALA H 106 9.98 16.18 -31.74
CA ALA H 106 9.95 15.74 -30.37
C ALA H 106 8.70 14.90 -30.13
N LEU H 107 8.86 13.76 -29.47
CA LEU H 107 7.75 12.83 -29.20
C LEU H 107 7.39 12.75 -27.73
N GLY H 108 8.24 13.27 -26.86
CA GLY H 108 7.93 13.38 -25.46
C GLY H 108 9.08 12.96 -24.56
N SER H 109 8.72 12.62 -23.33
CA SER H 109 9.68 12.34 -22.29
C SER H 109 9.04 11.46 -21.22
N GLY H 110 9.87 10.70 -20.52
CA GLY H 110 9.49 10.08 -19.28
C GLY H 110 9.66 11.22 -18.25
N GLU H 111 10.14 10.95 -17.06
CA GLU H 111 10.04 11.97 -15.99
C GLU H 111 10.88 13.24 -16.23
N VAL H 112 10.30 14.42 -15.97
CA VAL H 112 11.02 15.70 -16.03
C VAL H 112 11.04 16.31 -14.63
N LYS H 113 12.21 16.77 -14.20
CA LYS H 113 12.35 17.40 -12.88
C LYS H 113 13.09 18.74 -12.97
N PHE H 114 12.50 19.77 -12.39
CA PHE H 114 13.13 21.09 -12.29
C PHE H 114 13.41 21.32 -10.81
N PHE H 115 14.68 21.45 -10.46
CA PHE H 115 15.10 21.58 -9.06
C PHE H 115 16.12 22.69 -8.90
N GLY H 116 16.04 23.69 -9.75
CA GLY H 116 16.89 24.87 -9.66
C GLY H 116 16.50 25.81 -10.79
N GLN H 117 17.21 26.92 -10.91
CA GLN H 117 16.79 27.96 -11.87
C GLN H 117 17.95 28.66 -12.51
N VAL H 118 17.70 29.22 -13.69
CA VAL H 118 18.66 30.05 -14.38
C VAL H 118 18.22 31.49 -14.25
N LEU H 119 18.99 32.27 -13.49
CA LEU H 119 18.76 33.69 -13.32
C LEU H 119 19.58 34.49 -14.35
N PRO H 120 19.18 35.75 -14.61
CA PRO H 120 19.92 36.59 -15.56
C PRO H 120 21.35 36.94 -15.14
N THR H 121 21.71 36.67 -13.89
CA THR H 121 23.08 36.85 -13.38
C THR H 121 23.99 35.64 -13.62
N ALA H 122 23.42 34.55 -14.13
CA ALA H 122 24.21 33.37 -14.49
C ALA H 122 25.08 33.64 -15.71
N LYS H 123 26.10 32.81 -15.90
CA LYS H 123 27.04 32.98 -17.01
C LYS H 123 26.78 31.97 -18.11
N LYS H 124 26.61 30.70 -17.75
CA LYS H 124 26.55 29.65 -18.75
C LYS H 124 25.73 28.42 -18.33
N VAL H 125 24.82 28.03 -19.21
CA VAL H 125 24.06 26.79 -19.07
C VAL H 125 24.76 25.70 -19.88
N THR H 126 24.91 24.52 -19.27
CA THR H 126 25.45 23.35 -19.97
C THR H 126 24.43 22.24 -20.01
N TYR H 127 24.28 21.65 -21.19
CA TYR H 127 23.42 20.50 -21.40
C TYR H 127 24.26 19.25 -21.59
N ASN H 128 23.88 18.18 -20.90
CA ASN H 128 24.50 16.88 -21.04
C ASN H 128 23.43 15.88 -21.44
N ILE H 129 23.61 15.29 -22.60
CA ILE H 129 22.64 14.36 -23.18
C ILE H 129 23.31 13.02 -23.34
N HIS H 130 22.66 11.95 -22.86
CA HIS H 130 23.16 10.59 -22.98
C HIS H 130 22.21 9.79 -23.80
N ILE H 131 22.66 9.37 -24.98
CA ILE H 131 21.84 8.57 -25.87
C ILE H 131 21.70 7.18 -25.28
N LYS H 132 20.45 6.75 -25.15
CA LYS H 132 20.16 5.46 -24.55
C LYS H 132 19.96 4.40 -25.62
N ARG H 133 19.28 4.77 -26.70
CA ARG H 133 18.94 3.84 -27.76
C ARG H 133 18.59 4.61 -29.03
N THR H 134 18.96 4.08 -30.19
CA THR H 134 18.41 4.55 -31.45
C THR H 134 17.76 3.36 -32.15
N ILE H 135 16.57 3.60 -32.70
CA ILE H 135 15.76 2.56 -33.35
C ILE H 135 15.54 2.98 -34.79
N ASN H 136 15.70 2.04 -35.72
CA ASN H 136 15.58 2.32 -37.16
C ASN H 136 14.65 1.32 -37.84
N ARG H 137 13.58 0.94 -37.13
CA ARG H 137 12.81 -0.22 -37.55
C ARG H 137 11.65 0.09 -38.49
N SER H 138 10.88 1.14 -38.18
CA SER H 138 10.00 1.77 -39.16
C SER H 138 10.21 3.29 -39.27
N LEU H 139 10.22 3.94 -38.11
CA LEU H 139 10.54 5.34 -38.00
C LEU H 139 11.89 5.40 -37.32
N VAL H 140 12.75 6.33 -37.72
CA VAL H 140 14.00 6.51 -37.01
C VAL H 140 13.76 7.32 -35.75
N LEU H 141 14.20 6.81 -34.61
CA LEU H 141 14.04 7.55 -33.38
C LEU H 141 15.15 7.32 -32.38
N ALA H 142 15.31 8.29 -31.49
CA ALA H 142 16.31 8.27 -30.44
C ALA H 142 15.64 8.46 -29.08
N ILE H 143 16.15 7.70 -28.11
CA ILE H 143 15.75 7.81 -26.72
C ILE H 143 16.99 8.20 -25.95
N ALA H 144 16.85 9.18 -25.05
CA ALA H 144 17.98 9.74 -24.34
C ALA H 144 17.58 10.21 -22.93
N ASP H 145 18.57 10.32 -22.05
CA ASP H 145 18.42 11.02 -20.78
C ASP H 145 19.20 12.32 -20.87
N GLY H 146 18.78 13.34 -20.14
CA GLY H 146 19.48 14.62 -20.20
C GLY H 146 19.47 15.37 -18.89
N THR H 147 20.47 16.23 -18.70
CA THR H 147 20.50 17.15 -17.57
C THR H 147 20.86 18.56 -18.04
N VAL H 148 20.37 19.54 -17.31
CA VAL H 148 20.73 20.93 -17.52
C VAL H 148 21.43 21.40 -16.26
N SER H 149 22.56 22.08 -16.44
CA SER H 149 23.32 22.66 -15.34
C SER H 149 23.57 24.14 -15.61
N VAL H 150 23.72 24.93 -14.54
CA VAL H 150 24.06 26.32 -14.66
C VAL H 150 25.25 26.61 -13.74
N ASP H 151 26.33 27.10 -14.33
CA ASP H 151 27.54 27.45 -13.61
C ASP H 151 27.98 26.36 -12.62
N GLY H 152 27.98 25.11 -13.09
CA GLY H 152 28.46 23.98 -12.30
C GLY H 152 27.40 23.25 -11.47
N ARG H 153 26.19 23.80 -11.37
CA ARG H 153 25.12 23.23 -10.55
C ARG H 153 24.02 22.60 -11.43
N GLU H 154 23.78 21.31 -11.23
CA GLU H 154 22.71 20.63 -11.93
C GLU H 154 21.35 21.19 -11.47
N ILE H 155 20.46 21.49 -12.41
CA ILE H 155 19.16 22.07 -12.07
C ILE H 155 17.94 21.38 -12.69
N TYR H 156 18.06 20.79 -13.88
CA TYR H 156 16.96 20.07 -14.51
C TYR H 156 17.42 18.69 -14.94
N SER H 157 16.50 17.74 -14.92
CA SER H 157 16.76 16.43 -15.50
C SER H 157 15.54 15.93 -16.27
N ALA H 158 15.81 15.12 -17.29
CA ALA H 158 14.74 14.48 -18.06
C ALA H 158 15.17 13.05 -18.40
N GLU H 159 14.29 12.08 -18.17
CA GLU H 159 14.57 10.68 -18.51
C GLU H 159 13.68 10.28 -19.66
N GLY H 160 14.22 9.55 -20.62
CA GLY H 160 13.40 9.00 -21.70
C GLY H 160 12.92 10.04 -22.69
N LEU H 161 13.75 11.06 -22.94
CA LEU H 161 13.54 11.99 -24.04
C LEU H 161 13.45 11.20 -25.32
N ARG H 162 12.46 11.51 -26.14
CA ARG H 162 12.22 10.82 -27.41
C ARG H 162 12.04 11.83 -28.52
N VAL H 163 12.75 11.59 -29.62
CA VAL H 163 12.63 12.38 -30.82
C VAL H 163 12.61 11.43 -32.00
N GLY H 164 11.77 11.75 -32.99
CA GLY H 164 11.68 10.94 -34.21
C GLY H 164 11.95 11.78 -35.45
N LEU H 165 12.37 11.12 -36.52
CA LEU H 165 12.49 11.76 -37.84
C LEU H 165 11.39 11.27 -38.77
N PHE H 166 10.79 12.21 -39.51
CA PHE H 166 9.67 11.91 -40.37
C PHE H 166 10.01 12.29 -41.80
N THR H 167 10.08 11.29 -42.67
CA THR H 167 10.32 11.52 -44.07
C THR H 167 9.00 11.86 -44.75
N SER H 168 9.03 12.02 -46.06
CA SER H 168 7.84 12.47 -46.79
C SER H 168 6.67 11.47 -46.72
N THR H 169 6.97 10.19 -46.47
CA THR H 169 5.94 9.14 -46.34
C THR H 169 5.48 8.90 -44.88
N ASP H 170 6.01 9.68 -43.94
CA ASP H 170 5.71 9.53 -42.52
C ASP H 170 4.81 10.71 -42.15
N SER H 171 3.61 10.43 -41.65
CA SER H 171 2.76 11.46 -41.07
C SER H 171 2.61 11.21 -39.59
N PHE H 172 2.19 12.26 -38.90
CA PHE H 172 2.17 12.29 -37.47
C PHE H 172 0.78 11.93 -36.92
N MET I 2 37.44 1.22 2.08
CA MET I 2 37.62 1.45 3.55
C MET I 2 36.71 0.58 4.42
N THR I 3 35.74 -0.08 3.81
CA THR I 3 34.77 -0.83 4.60
C THR I 3 35.41 -2.09 5.21
N LYS I 4 36.72 -2.22 5.09
CA LYS I 4 37.48 -3.30 5.72
C LYS I 4 37.85 -2.94 7.17
N GLN I 5 37.86 -1.65 7.53
CA GLN I 5 38.17 -1.22 8.90
C GLN I 5 36.89 -1.00 9.72
N HIS I 6 36.85 -1.62 10.89
CA HIS I 6 35.60 -1.71 11.65
C HIS I 6 35.61 -0.98 12.96
N ALA I 7 36.66 -0.20 13.22
CA ALA I 7 36.74 0.63 14.41
C ALA I 7 37.65 1.82 14.13
N PHE I 8 37.37 2.93 14.82
CA PHE I 8 38.14 4.16 14.65
C PHE I 8 38.44 4.84 15.97
N THR I 9 39.69 5.29 16.10
CA THR I 9 40.15 5.99 17.30
C THR I 9 39.73 7.45 17.23
N ARG I 10 39.87 8.16 18.34
CA ARG I 10 39.66 9.60 18.34
C ARG I 10 40.56 10.31 17.31
N GLU I 11 41.80 9.87 17.20
CA GLU I 11 42.71 10.47 16.26
C GLU I 11 42.21 10.31 14.82
N ASP I 12 41.64 9.15 14.51
CA ASP I 12 41.06 8.93 13.19
C ASP I 12 39.89 9.88 12.95
N LEU I 13 39.10 10.12 13.97
CA LEU I 13 37.93 11.00 13.86
C LEU I 13 38.39 12.47 13.70
N LEU I 14 39.45 12.87 14.39
CA LEU I 14 40.02 14.21 14.23
C LEU I 14 40.61 14.38 12.83
N ARG I 15 41.25 13.33 12.32
CA ARG I 15 41.73 13.33 10.94
C ARG I 15 40.56 13.52 9.97
N CYS I 16 39.46 12.82 10.24
CA CYS I 16 38.26 12.96 9.45
C CYS I 16 37.72 14.39 9.46
N SER I 17 37.77 15.05 10.62
CA SER I 17 37.29 16.42 10.73
C SER I 17 38.13 17.41 9.92
N ARG I 18 39.37 17.05 9.64
CA ARG I 18 40.24 17.89 8.79
C ARG I 18 40.16 17.55 7.29
N GLY I 19 39.30 16.61 6.93
CA GLY I 19 39.16 16.19 5.53
C GLY I 19 40.23 15.20 5.11
N GLU I 20 40.96 14.66 6.10
CA GLU I 20 42.14 13.85 5.83
C GLU I 20 41.87 12.36 5.96
N LEU I 21 40.65 11.95 6.27
CA LEU I 21 40.30 10.53 6.28
C LEU I 21 39.70 10.11 4.95
N PHE I 22 38.66 10.82 4.51
CA PHE I 22 37.94 10.46 3.29
C PHE I 22 38.35 11.32 2.09
N GLY I 23 39.17 12.33 2.34
CA GLY I 23 39.74 13.13 1.26
C GLY I 23 38.93 14.37 1.01
N PRO I 24 39.50 15.31 0.24
CA PRO I 24 38.85 16.61 0.08
C PRO I 24 37.57 16.52 -0.72
N GLY I 25 36.56 17.27 -0.29
CA GLY I 25 35.24 17.24 -0.91
C GLY I 25 34.36 16.09 -0.47
N ASN I 26 34.85 15.24 0.43
CA ASN I 26 34.08 14.11 0.91
C ASN I 26 33.66 14.32 2.36
N ALA I 27 32.96 13.35 2.93
CA ALA I 27 32.36 13.56 4.25
C ALA I 27 33.40 13.98 5.31
N GLN I 28 32.99 14.91 6.17
CA GLN I 28 33.78 15.43 7.26
C GLN I 28 32.97 15.40 8.54
N LEU I 29 33.55 14.87 9.60
CA LEU I 29 32.99 15.11 10.94
C LEU I 29 33.27 16.55 11.32
N PRO I 30 32.47 17.11 12.24
CA PRO I 30 32.87 18.40 12.81
C PRO I 30 34.12 18.24 13.66
N ALA I 31 34.88 19.31 13.82
CA ALA I 31 35.99 19.31 14.76
C ALA I 31 35.42 19.66 16.15
N PRO I 32 36.22 19.45 17.21
CA PRO I 32 35.83 20.03 18.50
C PRO I 32 35.61 21.56 18.38
N ASN I 33 34.61 22.13 19.04
CA ASN I 33 33.78 21.47 20.04
C ASN I 33 32.45 20.89 19.57
N MET I 34 32.21 20.83 18.27
CA MET I 34 30.96 20.25 17.77
C MET I 34 31.04 18.73 17.63
N LEU I 35 32.25 18.19 17.55
CA LEU I 35 32.42 16.72 17.51
C LEU I 35 31.87 16.08 18.79
N MET I 36 30.97 15.12 18.64
CA MET I 36 30.31 14.50 19.79
C MET I 36 30.62 13.00 19.91
N ILE I 37 31.71 12.57 19.29
CA ILE I 37 32.14 11.18 19.31
C ILE I 37 33.62 11.12 19.67
N ASP I 38 33.98 10.24 20.59
CA ASP I 38 35.39 9.97 20.92
C ASP I 38 35.94 8.79 20.11
N ARG I 39 35.14 7.77 19.91
CA ARG I 39 35.56 6.61 19.15
C ARG I 39 34.39 5.87 18.55
N ILE I 40 34.66 5.17 17.44
CA ILE I 40 33.71 4.26 16.87
C ILE I 40 34.24 2.85 17.16
N VAL I 41 33.52 2.13 18.03
CA VAL I 41 33.99 0.83 18.48
C VAL I 41 33.55 -0.28 17.52
N HIS I 42 32.51 -0.01 16.73
CA HIS I 42 32.06 -0.96 15.71
C HIS I 42 31.32 -0.28 14.59
N ILE I 43 31.69 -0.59 13.36
CA ILE I 43 30.98 -0.12 12.18
C ILE I 43 31.05 -1.23 11.13
N SER I 44 29.91 -1.50 10.51
CA SER I 44 29.76 -2.59 9.56
C SER I 44 28.63 -2.27 8.61
N ASP I 45 28.72 -2.79 7.38
CA ASP I 45 27.64 -2.63 6.41
C ASP I 45 26.68 -3.84 6.36
N VAL I 46 26.86 -4.78 7.27
CA VAL I 46 25.91 -5.86 7.48
C VAL I 46 25.49 -5.88 8.96
N GLY I 47 24.46 -6.66 9.28
CA GLY I 47 23.96 -6.71 10.64
C GLY I 47 23.16 -5.48 11.01
N GLY I 48 23.01 -5.25 12.30
CA GLY I 48 22.13 -4.22 12.80
C GLY I 48 20.69 -4.68 12.71
N LYS I 49 19.81 -3.87 13.28
CA LYS I 49 18.38 -4.15 13.40
C LYS I 49 17.70 -4.44 12.06
N TYR I 50 18.20 -3.87 10.97
CA TYR I 50 17.61 -4.08 9.65
C TYR I 50 18.48 -4.87 8.70
N GLY I 51 19.62 -5.37 9.19
CA GLY I 51 20.54 -6.15 8.35
C GLY I 51 21.26 -5.31 7.31
N LYS I 52 21.24 -3.99 7.45
CA LYS I 52 21.84 -3.10 6.47
C LYS I 52 23.01 -2.31 7.05
N GLY I 53 23.51 -2.74 8.20
CA GLY I 53 24.66 -2.11 8.83
C GLY I 53 24.37 -1.48 10.18
N GLU I 54 25.43 -1.17 10.90
CA GLU I 54 25.30 -0.54 12.19
C GLU I 54 26.59 0.11 12.64
N LEU I 55 26.45 1.04 13.58
CA LEU I 55 27.57 1.67 14.23
C LEU I 55 27.34 1.67 15.74
N VAL I 56 28.40 1.40 16.47
CA VAL I 56 28.42 1.60 17.90
C VAL I 56 29.57 2.58 18.15
N ALA I 57 29.31 3.64 18.89
CA ALA I 57 30.30 4.66 19.15
C ALA I 57 30.16 5.17 20.57
N GLU I 58 31.19 5.85 21.05
CA GLU I 58 31.25 6.27 22.44
C GLU I 58 31.76 7.70 22.57
N LEU I 59 31.28 8.37 23.62
CA LEU I 59 31.78 9.66 24.06
C LEU I 59 32.06 9.56 25.57
N ASP I 60 33.30 9.82 25.98
CA ASP I 60 33.63 9.82 27.38
C ASP I 60 33.11 11.10 28.01
N ILE I 61 32.54 10.98 29.20
CA ILE I 61 32.01 12.13 29.91
C ILE I 61 32.92 12.47 31.07
N ASN I 62 33.21 13.75 31.21
CA ASN I 62 33.86 14.27 32.42
C ASN I 62 33.25 15.63 32.72
N PRO I 63 33.40 16.12 33.96
CA PRO I 63 32.71 17.36 34.33
C PRO I 63 33.18 18.62 33.60
N ASP I 64 34.32 18.55 32.92
CA ASP I 64 34.89 19.72 32.26
C ASP I 64 34.47 19.89 30.81
N LEU I 65 33.64 19.00 30.28
CA LEU I 65 33.14 19.17 28.91
C LEU I 65 32.43 20.52 28.80
N TRP I 66 32.70 21.23 27.71
CA TRP I 66 32.37 22.66 27.61
C TRP I 66 30.90 22.96 27.83
N PHE I 67 30.03 22.07 27.36
CA PHE I 67 28.59 22.35 27.40
C PHE I 67 28.00 22.34 28.81
N PHE I 68 28.67 21.68 29.75
CA PHE I 68 28.17 21.64 31.13
C PHE I 68 28.12 23.01 31.80
N ALA I 69 29.11 23.86 31.52
CA ALA I 69 29.19 25.19 32.16
C ALA I 69 28.08 26.13 31.72
N CYS I 70 27.66 26.04 30.46
CA CYS I 70 26.67 26.97 29.93
C CYS I 70 25.25 26.38 29.82
N HIS I 71 25.11 25.08 30.07
CA HIS I 71 23.85 24.37 29.87
C HIS I 71 23.58 23.39 31.00
N PHE I 72 23.03 23.84 32.14
CA PHE I 72 22.69 25.21 32.45
C PHE I 72 23.49 25.64 33.66
N GLU I 73 23.59 26.95 33.86
CA GLU I 73 24.29 27.48 35.05
C GLU I 73 23.58 26.98 36.30
N GLY I 74 24.34 26.30 37.16
CA GLY I 74 23.80 25.70 38.39
C GLY I 74 23.03 24.40 38.18
N ASP I 75 22.99 23.91 36.94
CA ASP I 75 22.20 22.73 36.59
C ASP I 75 22.80 22.11 35.32
N PRO I 76 24.02 21.56 35.43
CA PRO I 76 24.72 21.04 34.27
C PRO I 76 24.07 19.77 33.73
N VAL I 77 23.84 19.73 32.41
CA VAL I 77 23.26 18.58 31.77
C VAL I 77 23.60 18.62 30.29
N MET I 78 23.93 17.48 29.71
CA MET I 78 24.26 17.46 28.28
C MET I 78 23.06 17.89 27.46
N PRO I 79 23.26 18.81 26.52
CA PRO I 79 22.16 19.15 25.60
C PRO I 79 21.71 17.95 24.76
N GLY I 80 20.41 17.70 24.75
CA GLY I 80 19.85 16.63 23.95
C GLY I 80 20.20 16.81 22.49
N CYS I 81 20.20 18.05 22.02
CA CYS I 81 20.47 18.33 20.61
C CYS I 81 21.85 17.83 20.17
N LEU I 82 22.81 17.83 21.09
CA LEU I 82 24.17 17.35 20.78
C LEU I 82 24.23 15.81 20.72
N GLY I 83 23.44 15.13 21.55
CA GLY I 83 23.35 13.67 21.47
C GLY I 83 22.67 13.26 20.17
N LEU I 84 21.66 14.02 19.78
CA LEU I 84 21.04 13.84 18.51
C LEU I 84 22.04 14.12 17.40
N ASP I 85 22.83 15.18 17.53
CA ASP I 85 23.79 15.48 16.50
C ASP I 85 24.85 14.40 16.36
N ALA I 86 25.25 13.79 17.45
CA ALA I 86 26.20 12.68 17.37
C ALA I 86 25.65 11.60 16.42
N MET I 87 24.34 11.36 16.46
CA MET I 87 23.73 10.37 15.59
C MET I 87 23.79 10.76 14.12
N TRP I 88 23.51 12.02 13.82
CA TRP I 88 23.71 12.52 12.43
C TRP I 88 25.14 12.45 12.01
N GLN I 89 26.05 12.81 12.91
CA GLN I 89 27.49 12.71 12.64
C GLN I 89 27.88 11.28 12.24
N LEU I 90 27.35 10.30 12.97
CA LEU I 90 27.67 8.89 12.71
C LEU I 90 27.10 8.40 11.39
N VAL I 91 25.88 8.82 11.07
CA VAL I 91 25.27 8.42 9.83
C VAL I 91 26.04 9.00 8.64
N GLY I 92 26.45 10.26 8.77
CA GLY I 92 27.27 10.90 7.75
C GLY I 92 28.59 10.18 7.59
N PHE I 93 29.23 9.85 8.71
CA PHE I 93 30.47 9.09 8.68
C PHE I 93 30.29 7.76 7.95
N TYR I 94 29.18 7.06 8.23
CA TYR I 94 28.86 5.81 7.56
C TYR I 94 28.87 5.96 6.02
N LEU I 95 28.24 7.01 5.53
CA LEU I 95 28.17 7.25 4.10
C LEU I 95 29.55 7.48 3.49
N GLY I 96 30.40 8.23 4.18
CA GLY I 96 31.76 8.45 3.70
C GLY I 96 32.57 7.16 3.74
N TRP I 97 32.41 6.41 4.83
CA TRP I 97 33.08 5.12 5.05
C TRP I 97 32.76 4.11 3.97
N GLN I 98 31.53 4.15 3.45
CA GLN I 98 31.16 3.29 2.32
C GLN I 98 31.90 3.62 1.02
N GLY I 99 32.50 4.81 0.95
CA GLY I 99 33.24 5.21 -0.24
C GLY I 99 32.49 6.18 -1.14
N ASN I 100 31.36 6.70 -0.67
CA ASN I 100 30.58 7.66 -1.46
C ASN I 100 31.24 9.05 -1.46
N PRO I 101 31.21 9.78 -2.59
CA PRO I 101 31.75 11.13 -2.62
C PRO I 101 30.75 12.19 -2.14
N GLY I 102 31.27 13.35 -1.74
CA GLY I 102 30.43 14.51 -1.44
C GLY I 102 30.41 14.90 0.02
N ARG I 103 29.98 16.14 0.27
CA ARG I 103 29.94 16.71 1.62
C ARG I 103 28.63 16.35 2.31
N GLY I 104 28.71 16.09 3.61
CA GLY I 104 27.58 15.64 4.38
C GLY I 104 26.70 16.80 4.83
N ARG I 105 25.39 16.59 4.74
CA ARG I 105 24.40 17.48 5.36
C ARG I 105 23.32 16.62 6.01
N ALA I 106 23.11 16.81 7.30
CA ALA I 106 21.94 16.28 7.99
C ALA I 106 20.68 16.82 7.32
N LEU I 107 19.70 15.95 7.08
CA LEU I 107 18.47 16.32 6.41
C LEU I 107 17.25 16.26 7.34
N GLY I 108 17.41 15.63 8.49
CA GLY I 108 16.38 15.65 9.50
C GLY I 108 16.14 14.29 10.12
N SER I 109 14.94 14.14 10.70
CA SER I 109 14.60 12.98 11.49
C SER I 109 13.10 12.83 11.55
N GLY I 110 12.67 11.59 11.74
CA GLY I 110 11.31 11.31 12.13
C GLY I 110 11.35 11.56 13.64
N GLU I 111 10.69 10.75 14.44
CA GLU I 111 10.52 11.13 15.85
C GLU I 111 11.80 11.16 16.68
N VAL I 112 11.96 12.17 17.53
CA VAL I 112 13.07 12.25 18.46
C VAL I 112 12.50 12.25 19.89
N LYS I 113 13.11 11.46 20.79
CA LYS I 113 12.68 11.41 22.19
C LYS I 113 13.83 11.51 23.14
N PHE I 114 13.67 12.38 24.14
CA PHE I 114 14.63 12.49 25.24
C PHE I 114 13.90 12.03 26.50
N PHE I 115 14.42 10.99 27.13
CA PHE I 115 13.78 10.41 28.32
C PHE I 115 14.80 10.08 29.39
N GLY I 116 15.87 10.85 29.43
CA GLY I 116 16.88 10.73 30.48
C GLY I 116 17.91 11.80 30.24
N GLN I 117 18.96 11.82 31.05
CA GLN I 117 19.93 12.90 30.94
C GLN I 117 21.35 12.41 31.20
N VAL I 118 22.31 13.15 30.65
CA VAL I 118 23.70 12.93 30.93
C VAL I 118 24.17 14.03 31.87
N LEU I 119 24.50 13.64 33.10
CA LEU I 119 25.03 14.54 34.09
C LEU I 119 26.57 14.48 34.07
N PRO I 120 27.24 15.51 34.65
CA PRO I 120 28.69 15.53 34.63
C PRO I 120 29.36 14.44 35.46
N THR I 121 28.59 13.72 36.28
CA THR I 121 29.06 12.56 37.04
C THR I 121 29.00 11.24 36.25
N ALA I 122 28.42 11.24 35.05
CA ALA I 122 28.41 10.05 34.18
C ALA I 122 29.81 9.71 33.67
N LYS I 123 30.00 8.47 33.23
CA LYS I 123 31.30 8.05 32.72
C LYS I 123 31.35 7.98 31.19
N LYS I 124 30.33 7.39 30.58
CA LYS I 124 30.38 7.11 29.14
C LYS I 124 29.02 7.06 28.47
N VAL I 125 28.89 7.82 27.39
CA VAL I 125 27.74 7.77 26.53
C VAL I 125 28.05 6.83 25.38
N THR I 126 27.08 5.97 25.05
CA THR I 126 27.20 5.06 23.92
C THR I 126 26.08 5.28 22.92
N TYR I 127 26.45 5.34 21.64
CA TYR I 127 25.52 5.50 20.55
C TYR I 127 25.39 4.19 19.79
N ASN I 128 24.15 3.78 19.52
CA ASN I 128 23.85 2.60 18.71
C ASN I 128 23.01 3.07 17.54
N ILE I 129 23.55 2.88 16.33
CA ILE I 129 22.92 3.34 15.10
C ILE I 129 22.66 2.14 14.23
N HIS I 130 21.43 2.04 13.74
CA HIS I 130 21.02 0.97 12.83
C HIS I 130 20.64 1.56 11.51
N ILE I 131 21.41 1.22 10.48
CA ILE I 131 21.13 1.70 9.14
C ILE I 131 19.89 0.99 8.64
N LYS I 132 18.93 1.78 8.19
CA LYS I 132 17.67 1.24 7.71
C LYS I 132 17.68 1.12 6.18
N ARG I 133 18.23 2.12 5.50
CA ARG I 133 18.21 2.17 4.05
C ARG I 133 19.30 3.11 3.57
N THR I 134 19.94 2.77 2.46
CA THR I 134 20.75 3.73 1.72
C THR I 134 20.19 3.83 0.31
N ILE I 135 20.09 5.07 -0.20
CA ILE I 135 19.52 5.35 -1.51
C ILE I 135 20.59 6.05 -2.34
N ASN I 136 20.74 5.64 -3.59
CA ASN I 136 21.69 6.22 -4.54
C ASN I 136 20.93 6.65 -5.81
N ARG I 137 19.77 7.25 -5.67
CA ARG I 137 18.97 7.51 -6.86
C ARG I 137 19.59 8.62 -7.72
N SER I 138 19.54 9.84 -7.21
CA SER I 138 20.31 10.96 -7.74
C SER I 138 21.26 11.54 -6.70
N LEU I 139 20.73 11.74 -5.50
CA LEU I 139 21.54 12.12 -4.35
C LEU I 139 21.75 10.89 -3.45
N VAL I 140 22.95 10.72 -2.91
CA VAL I 140 23.22 9.62 -2.01
C VAL I 140 22.73 9.98 -0.61
N LEU I 141 21.93 9.11 -0.02
CA LEU I 141 21.48 9.35 1.34
C LEU I 141 21.28 8.08 2.16
N ALA I 142 21.33 8.25 3.48
CA ALA I 142 21.12 7.18 4.43
C ALA I 142 19.98 7.54 5.36
N ILE I 143 19.19 6.51 5.71
CA ILE I 143 18.14 6.59 6.71
C ILE I 143 18.50 5.59 7.79
N ALA I 144 18.41 6.01 9.05
CA ALA I 144 18.80 5.18 10.17
C ALA I 144 17.95 5.46 11.40
N ASP I 145 17.95 4.50 12.34
CA ASP I 145 17.42 4.72 13.68
C ASP I 145 18.60 4.71 14.65
N GLY I 146 18.47 5.39 15.76
CA GLY I 146 19.53 5.45 16.73
C GLY I 146 19.06 5.57 18.16
N THR I 147 19.92 5.16 19.09
CA THR I 147 19.69 5.40 20.51
C THR I 147 20.97 5.92 21.16
N VAL I 148 20.78 6.71 22.21
CA VAL I 148 21.85 7.17 23.05
C VAL I 148 21.62 6.59 24.43
N SER I 149 22.69 6.03 24.99
CA SER I 149 22.68 5.45 26.33
C SER I 149 23.79 6.04 27.16
N VAL I 150 23.58 6.10 28.48
CA VAL I 150 24.59 6.56 29.42
C VAL I 150 24.77 5.50 30.49
N ASP I 151 25.98 4.98 30.57
CA ASP I 151 26.33 3.97 31.57
C ASP I 151 25.31 2.82 31.63
N GLY I 152 24.93 2.32 30.45
CA GLY I 152 24.02 1.19 30.32
C GLY I 152 22.55 1.52 30.11
N ARG I 153 22.16 2.75 30.42
CA ARG I 153 20.75 3.14 30.41
C ARG I 153 20.39 3.94 29.17
N GLU I 154 19.42 3.46 28.39
CA GLU I 154 18.95 4.21 27.24
C GLU I 154 18.30 5.51 27.68
N ILE I 155 18.65 6.62 27.02
CA ILE I 155 18.10 7.93 27.38
C ILE I 155 17.51 8.74 26.21
N TYR I 156 18.04 8.57 25.00
CA TYR I 156 17.48 9.27 23.84
C TYR I 156 17.27 8.27 22.71
N SER I 157 16.28 8.54 21.88
CA SER I 157 16.05 7.77 20.65
C SER I 157 15.67 8.67 19.50
N ALA I 158 16.02 8.24 18.30
CA ALA I 158 15.60 8.93 17.06
C ALA I 158 15.26 7.90 16.01
N GLU I 159 14.17 8.12 15.30
CA GLU I 159 13.76 7.24 14.21
C GLU I 159 13.82 8.03 12.92
N GLY I 160 14.33 7.41 11.87
CA GLY I 160 14.32 8.03 10.55
C GLY I 160 15.29 9.19 10.43
N LEU I 161 16.43 9.09 11.11
CA LEU I 161 17.54 10.01 10.89
C LEU I 161 17.92 9.94 9.41
N ARG I 162 18.11 11.10 8.81
CA ARG I 162 18.44 11.21 7.38
C ARG I 162 19.64 12.13 7.20
N VAL I 163 20.60 11.65 6.42
CA VAL I 163 21.78 12.43 6.03
C VAL I 163 22.01 12.22 4.54
N GLY I 164 22.41 13.29 3.85
CA GLY I 164 22.69 13.22 2.44
C GLY I 164 24.10 13.68 2.16
N LEU I 165 24.63 13.22 1.02
CA LEU I 165 25.93 13.70 0.54
C LEU I 165 25.74 14.56 -0.69
N PHE I 166 26.43 15.68 -0.73
CA PHE I 166 26.30 16.65 -1.80
C PHE I 166 27.63 16.84 -2.49
N THR I 167 27.70 16.47 -3.77
CA THR I 167 28.89 16.66 -4.57
C THR I 167 28.89 18.09 -5.13
N SER I 168 29.89 18.39 -5.94
CA SER I 168 30.07 19.75 -6.45
C SER I 168 28.90 20.24 -7.30
N THR I 169 28.19 19.29 -7.92
CA THR I 169 27.04 19.59 -8.78
C THR I 169 25.69 19.58 -8.02
N ASP I 170 25.71 19.37 -6.70
CA ASP I 170 24.51 19.26 -5.86
C ASP I 170 24.46 20.50 -4.98
N SER I 171 23.32 21.18 -4.98
CA SER I 171 23.15 22.39 -4.20
C SER I 171 22.21 22.15 -3.06
N PHE I 172 22.37 22.91 -1.99
CA PHE I 172 21.56 22.72 -0.79
C PHE I 172 21.01 24.03 -0.24
N THR J 3 2.48 36.95 30.60
CA THR J 3 2.21 37.86 29.45
C THR J 3 2.59 39.32 29.76
N LYS J 4 3.55 39.56 30.65
CA LYS J 4 3.82 40.90 31.12
C LYS J 4 4.57 41.70 30.03
N GLN J 5 5.57 41.05 29.46
CA GLN J 5 6.47 41.68 28.52
C GLN J 5 6.48 40.84 27.23
N HIS J 6 6.49 41.50 26.07
CA HIS J 6 6.29 40.81 24.79
C HIS J 6 7.46 40.86 23.86
N ALA J 7 8.59 41.34 24.38
CA ALA J 7 9.83 41.31 23.63
C ALA J 7 10.99 41.32 24.61
N PHE J 8 12.09 40.67 24.25
CA PHE J 8 13.24 40.56 25.14
C PHE J 8 14.54 40.84 24.39
N THR J 9 15.42 41.61 25.02
CA THR J 9 16.75 41.92 24.50
C THR J 9 17.71 40.78 24.81
N ARG J 10 18.89 40.81 24.19
CA ARG J 10 19.93 39.85 24.51
C ARG J 10 20.28 39.89 26.00
N GLU J 11 20.36 41.09 26.58
CA GLU J 11 20.67 41.22 28.00
C GLU J 11 19.60 40.54 28.87
N ASP J 12 18.34 40.64 28.48
CA ASP J 12 17.28 39.92 29.20
C ASP J 12 17.47 38.40 29.10
N LEU J 13 17.87 37.92 27.93
CA LEU J 13 18.08 36.49 27.72
C LEU J 13 19.29 36.00 28.53
N LEU J 14 20.34 36.83 28.61
CA LEU J 14 21.50 36.48 29.45
C LEU J 14 21.10 36.44 30.93
N ARG J 15 20.24 37.37 31.34
CA ARG J 15 19.70 37.36 32.70
C ARG J 15 18.94 36.06 32.94
N CYS J 16 18.16 35.65 31.94
CA CYS J 16 17.43 34.39 32.02
C CYS J 16 18.38 33.20 32.18
N SER J 17 19.50 33.23 31.48
CA SER J 17 20.48 32.14 31.56
C SER J 17 21.15 32.05 32.92
N ARG J 18 21.14 33.14 33.69
CA ARG J 18 21.65 33.12 35.07
C ARG J 18 20.60 32.74 36.11
N GLY J 19 19.37 32.46 35.68
CA GLY J 19 18.27 32.16 36.61
C GLY J 19 17.64 33.41 37.20
N GLU J 20 17.96 34.57 36.62
CA GLU J 20 17.57 35.85 37.22
C GLU J 20 16.37 36.50 36.54
N LEU J 21 15.80 35.87 35.51
CA LEU J 21 14.59 36.39 34.88
C LEU J 21 13.35 35.74 35.49
N PHE J 22 13.32 34.41 35.54
CA PHE J 22 12.17 33.68 36.08
C PHE J 22 12.38 33.21 37.52
N GLY J 23 13.59 33.36 38.04
CA GLY J 23 13.86 33.03 39.43
C GLY J 23 14.47 31.66 39.58
N PRO J 24 15.11 31.41 40.73
CA PRO J 24 15.83 30.14 40.89
C PRO J 24 14.87 28.95 40.91
N GLY J 25 15.26 27.87 40.24
CA GLY J 25 14.43 26.67 40.12
C GLY J 25 13.42 26.71 39.00
N ASN J 26 13.39 27.82 38.25
CA ASN J 26 12.46 27.97 37.14
C ASN J 26 13.24 27.96 35.82
N ALA J 27 12.52 28.11 34.70
CA ALA J 27 13.12 27.92 33.38
C ALA J 27 14.35 28.80 33.17
N GLN J 28 15.39 28.22 32.56
CA GLN J 28 16.65 28.90 32.29
C GLN J 28 17.01 28.64 30.84
N LEU J 29 17.36 29.68 30.11
CA LEU J 29 18.03 29.51 28.83
C LEU J 29 19.45 29.06 29.09
N PRO J 30 20.07 28.39 28.11
CA PRO J 30 21.51 28.17 28.22
C PRO J 30 22.27 29.48 28.08
N ALA J 31 23.46 29.53 28.64
CA ALA J 31 24.34 30.67 28.41
C ALA J 31 25.10 30.39 27.12
N PRO J 32 25.78 31.41 26.57
CA PRO J 32 26.74 31.14 25.51
C PRO J 32 27.76 30.07 25.97
N ASN J 33 28.19 29.15 25.11
CA ASN J 33 27.90 29.17 23.68
C ASN J 33 26.73 28.31 23.22
N MET J 34 25.93 27.79 24.14
CA MET J 34 24.77 27.00 23.75
C MET J 34 23.55 27.88 23.44
N LEU J 35 23.53 29.11 23.94
CA LEU J 35 22.42 30.03 23.65
C LEU J 35 22.36 30.30 22.16
N MET J 36 21.20 30.08 21.54
CA MET J 36 21.07 30.24 20.10
C MET J 36 20.10 31.34 19.70
N ILE J 37 19.84 32.26 20.62
CA ILE J 37 18.89 33.35 20.40
C ILE J 37 19.56 34.66 20.85
N ASP J 38 19.48 35.69 20.01
CA ASP J 38 19.95 37.03 20.39
C ASP J 38 18.83 37.88 20.96
N ARG J 39 17.63 37.75 20.41
CA ARG J 39 16.50 38.50 20.91
C ARG J 39 15.18 37.80 20.60
N ILE J 40 14.19 38.05 21.43
CA ILE J 40 12.82 37.65 21.18
C ILE J 40 12.07 38.91 20.78
N VAL J 41 11.64 38.99 19.53
CA VAL J 41 10.99 40.20 19.03
C VAL J 41 9.50 40.19 19.32
N HIS J 42 8.95 38.99 19.52
CA HIS J 42 7.53 38.86 19.83
C HIS J 42 7.27 37.59 20.57
N ILE J 43 6.54 37.69 21.67
CA ILE J 43 6.02 36.52 22.36
C ILE J 43 4.64 36.87 22.88
N SER J 44 3.71 35.95 22.69
CA SER J 44 2.31 36.15 23.06
C SER J 44 1.66 34.81 23.34
N ASP J 45 0.64 34.80 24.21
CA ASP J 45 -0.12 33.58 24.47
C ASP J 45 -1.39 33.47 23.62
N VAL J 46 -1.59 34.40 22.69
CA VAL J 46 -2.67 34.31 21.71
C VAL J 46 -2.05 34.40 20.32
N GLY J 47 -2.86 34.14 19.30
CA GLY J 47 -2.38 34.16 17.93
C GLY J 47 -1.50 32.97 17.63
N GLY J 48 -0.70 33.09 16.57
CA GLY J 48 0.02 31.96 16.03
C GLY J 48 -0.89 31.07 15.21
N LYS J 49 -0.28 30.08 14.57
CA LYS J 49 -0.95 29.15 13.67
C LYS J 49 -2.12 28.39 14.32
N TYR J 50 -2.07 28.17 15.63
CA TYR J 50 -3.13 27.44 16.32
C TYR J 50 -3.94 28.32 17.28
N GLY J 51 -3.65 29.62 17.32
CA GLY J 51 -4.36 30.52 18.21
C GLY J 51 -4.00 30.35 19.68
N LYS J 52 -2.91 29.63 19.96
CA LYS J 52 -2.50 29.33 21.33
C LYS J 52 -1.17 29.95 21.69
N GLY J 53 -0.72 30.90 20.88
CA GLY J 53 0.50 31.65 21.18
C GLY J 53 1.57 31.47 20.15
N GLU J 54 2.57 32.35 20.20
CA GLU J 54 3.68 32.26 19.27
C GLU J 54 4.87 33.06 19.77
N LEU J 55 6.03 32.70 19.24
CA LEU J 55 7.26 33.44 19.47
C LEU J 55 7.92 33.70 18.15
N VAL J 56 8.47 34.90 18.00
CA VAL J 56 9.35 35.24 16.88
C VAL J 56 10.65 35.69 17.53
N ALA J 57 11.77 35.09 17.12
CA ALA J 57 13.08 35.40 17.70
C ALA J 57 14.14 35.42 16.62
N GLU J 58 15.29 35.97 16.94
CA GLU J 58 16.34 36.23 15.96
C GLU J 58 17.72 35.89 16.53
N LEU J 59 18.60 35.47 15.63
CA LEU J 59 20.01 35.29 15.91
C LEU J 59 20.77 35.98 14.81
N ASP J 60 21.63 36.92 15.17
CA ASP J 60 22.47 37.62 14.20
C ASP J 60 23.61 36.71 13.80
N ILE J 61 23.90 36.68 12.50
CA ILE J 61 24.99 35.85 11.98
C ILE J 61 26.15 36.74 11.59
N ASN J 62 27.35 36.33 11.99
CA ASN J 62 28.57 36.89 11.47
C ASN J 62 29.57 35.74 11.32
N PRO J 63 30.65 35.94 10.52
CA PRO J 63 31.56 34.83 10.24
C PRO J 63 32.36 34.31 11.43
N ASP J 64 32.37 35.05 12.54
CA ASP J 64 33.16 34.67 13.71
C ASP J 64 32.40 33.83 14.75
N LEU J 65 31.12 33.54 14.51
CA LEU J 65 30.40 32.66 15.43
C LEU J 65 31.16 31.34 15.56
N TRP J 66 31.26 30.86 16.80
CA TRP J 66 32.19 29.77 17.15
C TRP J 66 32.00 28.53 16.32
N PHE J 67 30.75 28.19 16.00
CA PHE J 67 30.49 26.91 15.33
C PHE J 67 30.98 26.86 13.89
N PHE J 68 31.17 28.01 13.26
CA PHE J 68 31.62 28.03 11.87
C PHE J 68 33.02 27.46 11.70
N ALA J 69 33.91 27.71 12.65
CA ALA J 69 35.30 27.26 12.54
C ALA J 69 35.43 25.72 12.63
N CYS J 70 34.58 25.08 13.42
CA CYS J 70 34.69 23.62 13.63
C CYS J 70 33.67 22.80 12.85
N HIS J 71 32.71 23.45 12.20
CA HIS J 71 31.59 22.78 11.56
C HIS J 71 31.28 23.41 10.23
N PHE J 72 31.99 23.05 9.15
CA PHE J 72 33.14 22.14 9.13
C PHE J 72 34.36 22.91 8.65
N GLU J 73 35.54 22.37 8.91
CA GLU J 73 36.76 22.99 8.43
C GLU J 73 36.74 23.05 6.91
N GLY J 74 36.87 24.28 6.37
CA GLY J 74 36.83 24.51 4.92
C GLY J 74 35.41 24.53 4.35
N ASP J 75 34.40 24.39 5.22
CA ASP J 75 33.01 24.27 4.77
C ASP J 75 32.09 24.72 5.92
N PRO J 76 32.13 26.02 6.25
CA PRO J 76 31.43 26.52 7.44
C PRO J 76 29.93 26.55 7.20
N VAL J 77 29.18 26.02 8.15
CA VAL J 77 27.72 25.98 8.05
C VAL J 77 27.14 25.79 9.45
N MET J 78 26.07 26.51 9.76
CA MET J 78 25.47 26.39 11.08
C MET J 78 24.95 24.96 11.28
N PRO J 79 25.28 24.35 12.43
CA PRO J 79 24.74 23.01 12.72
C PRO J 79 23.22 23.04 12.81
N GLY J 80 22.57 22.15 12.07
CA GLY J 80 21.12 22.03 12.12
C GLY J 80 20.64 21.77 13.54
N CYS J 81 21.40 20.98 14.30
CA CYS J 81 21.01 20.62 15.66
C CYS J 81 20.89 21.85 16.57
N LEU J 82 21.67 22.89 16.30
CA LEU J 82 21.61 24.12 17.08
C LEU J 82 20.41 24.99 16.71
N GLY J 83 20.02 24.99 15.43
CA GLY J 83 18.80 25.68 15.02
C GLY J 83 17.60 25.00 15.64
N LEU J 84 17.65 23.67 15.66
CA LEU J 84 16.61 22.89 16.29
C LEU J 84 16.63 23.20 17.78
N ASP J 85 17.81 23.28 18.39
CA ASP J 85 17.84 23.60 19.81
C ASP J 85 17.31 24.99 20.15
N ALA J 86 17.53 25.95 19.27
CA ALA J 86 16.94 27.27 19.46
C ALA J 86 15.42 27.14 19.64
N MET J 87 14.80 26.25 18.88
CA MET J 87 13.35 26.06 18.98
C MET J 87 12.92 25.45 20.32
N TRP J 88 13.66 24.47 20.82
CA TRP J 88 13.40 23.96 22.15
C TRP J 88 13.65 25.01 23.21
N GLN J 89 14.72 25.79 23.06
CA GLN J 89 15.03 26.89 23.98
C GLN J 89 13.86 27.87 24.08
N LEU J 90 13.28 28.21 22.93
CA LEU J 90 12.16 29.14 22.89
C LEU J 90 10.87 28.56 23.51
N VAL J 91 10.60 27.28 23.27
CA VAL J 91 9.41 26.65 23.83
C VAL J 91 9.54 26.56 25.36
N GLY J 92 10.73 26.22 25.84
CA GLY J 92 11.02 26.25 27.28
C GLY J 92 10.84 27.64 27.87
N PHE J 93 11.38 28.64 27.19
CA PHE J 93 11.22 30.04 27.61
C PHE J 93 9.75 30.41 27.70
N TYR J 94 8.96 30.02 26.71
CA TYR J 94 7.50 30.25 26.73
C TYR J 94 6.85 29.72 28.00
N LEU J 95 7.20 28.51 28.40
CA LEU J 95 6.61 27.92 29.60
C LEU J 95 6.98 28.69 30.87
N GLY J 96 8.22 29.15 30.96
CA GLY J 96 8.65 30.00 32.09
C GLY J 96 7.94 31.34 32.08
N TRP J 97 7.85 31.92 30.89
CA TRP J 97 7.18 33.20 30.66
C TRP J 97 5.73 33.20 31.07
N GLN J 98 5.05 32.07 30.91
CA GLN J 98 3.66 31.92 31.37
C GLN J 98 3.52 31.92 32.89
N GLY J 99 4.63 31.73 33.61
CA GLY J 99 4.62 31.77 35.07
C GLY J 99 4.64 30.40 35.72
N ASN J 100 4.89 29.36 34.93
CA ASN J 100 4.97 27.99 35.46
C ASN J 100 6.29 27.77 36.19
N PRO J 101 6.26 27.03 37.31
CA PRO J 101 7.51 26.69 38.00
C PRO J 101 8.23 25.47 37.41
N GLY J 102 9.53 25.37 37.67
CA GLY J 102 10.31 24.17 37.34
C GLY J 102 11.35 24.38 36.26
N ARG J 103 12.29 23.45 36.20
CA ARG J 103 13.40 23.51 35.25
C ARG J 103 13.00 22.89 33.92
N GLY J 104 13.48 23.47 32.83
CA GLY J 104 13.12 23.05 31.49
C GLY J 104 13.94 21.86 31.01
N ARG J 105 13.26 20.91 30.37
CA ARG J 105 13.92 19.84 29.65
C ARG J 105 13.20 19.60 28.34
N ALA J 106 13.92 19.69 27.23
CA ALA J 106 13.44 19.21 25.94
C ALA J 106 13.06 17.74 26.06
N LEU J 107 11.92 17.38 25.48
CA LEU J 107 11.42 16.00 25.51
C LEU J 107 11.41 15.34 24.12
N GLY J 108 11.58 16.15 23.07
CA GLY J 108 11.76 15.62 21.73
C GLY J 108 10.95 16.37 20.69
N SER J 109 10.70 15.67 19.57
CA SER J 109 10.06 16.27 18.42
C SER J 109 9.44 15.19 17.55
N GLY J 110 8.41 15.55 16.81
CA GLY J 110 7.82 14.63 15.83
C GLY J 110 8.48 14.30 14.49
N GLU J 111 8.70 15.35 13.70
CA GLU J 111 9.43 15.30 12.41
C GLU J 111 10.28 16.56 12.33
N VAL J 112 11.56 16.38 12.00
CA VAL J 112 12.47 17.49 11.77
C VAL J 112 12.98 17.44 10.34
N LYS J 113 13.02 18.59 9.68
CA LYS J 113 13.51 18.69 8.29
C LYS J 113 14.50 19.85 8.12
N PHE J 114 15.64 19.55 7.53
CA PHE J 114 16.64 20.55 7.18
C PHE J 114 16.68 20.59 5.66
N PHE J 115 16.34 21.74 5.09
CA PHE J 115 16.27 21.88 3.62
C PHE J 115 16.93 23.17 3.16
N GLY J 116 17.93 23.62 3.90
CA GLY J 116 18.72 24.77 3.55
C GLY J 116 19.80 24.95 4.59
N GLN J 117 20.59 25.99 4.46
CA GLN J 117 21.72 26.16 5.36
C GLN J 117 21.96 27.62 5.72
N VAL J 118 22.60 27.81 6.85
CA VAL J 118 23.06 29.13 7.27
C VAL J 118 24.56 29.20 7.07
N LEU J 119 24.98 30.02 6.12
CA LEU J 119 26.39 30.25 5.83
C LEU J 119 26.89 31.49 6.58
N PRO J 120 28.22 31.62 6.75
CA PRO J 120 28.76 32.75 7.50
C PRO J 120 28.56 34.10 6.83
N THR J 121 28.12 34.11 5.55
CA THR J 121 27.81 35.33 4.83
C THR J 121 26.38 35.80 5.07
N ALA J 122 25.58 34.98 5.76
CA ALA J 122 24.20 35.36 6.12
C ALA J 122 24.19 36.50 7.14
N LYS J 123 23.07 37.20 7.24
CA LYS J 123 22.95 38.31 8.17
C LYS J 123 22.14 37.93 9.40
N LYS J 124 21.01 37.26 9.21
CA LYS J 124 20.09 37.02 10.32
C LYS J 124 19.23 35.77 10.17
N VAL J 125 19.22 34.98 11.23
CA VAL J 125 18.32 33.86 11.35
C VAL J 125 17.09 34.29 12.14
N THR J 126 15.90 33.90 11.67
CA THR J 126 14.65 34.15 12.38
C THR J 126 13.92 32.85 12.69
N TYR J 127 13.47 32.73 13.93
CA TYR J 127 12.72 31.58 14.41
C TYR J 127 11.27 31.96 14.59
N ASN J 128 10.38 31.11 14.08
CA ASN J 128 8.95 31.27 14.27
C ASN J 128 8.40 30.02 14.94
N ILE J 129 7.86 30.19 16.14
CA ILE J 129 7.38 29.09 16.95
C ILE J 129 5.89 29.28 17.14
N HIS J 130 5.11 28.23 16.87
CA HIS J 130 3.67 28.25 17.06
C HIS J 130 3.29 27.24 18.11
N ILE J 131 2.77 27.74 19.23
CA ILE J 131 2.35 26.87 20.33
C ILE J 131 1.08 26.16 19.89
N LYS J 132 1.11 24.84 19.99
CA LYS J 132 0.01 24.01 19.58
C LYS J 132 -0.86 23.63 20.77
N ARG J 133 -0.23 23.32 21.90
CA ARG J 133 -0.93 22.86 23.07
C ARG J 133 -0.06 23.07 24.30
N THR J 134 -0.69 23.37 25.43
CA THR J 134 -0.03 23.23 26.72
C THR J 134 -0.88 22.31 27.62
N ILE J 135 -0.20 21.41 28.34
CA ILE J 135 -0.83 20.42 29.21
C ILE J 135 -0.31 20.62 30.61
N ASN J 136 -1.20 20.54 31.60
CA ASN J 136 -0.88 20.73 32.99
C ASN J 136 -1.34 19.54 33.87
N ARG J 137 -0.96 18.32 33.49
CA ARG J 137 -1.40 17.08 34.18
C ARG J 137 -0.44 16.47 35.20
N SER J 138 0.51 15.65 34.74
CA SER J 138 1.48 15.03 35.64
C SER J 138 2.59 16.05 35.77
N LEU J 139 2.94 16.63 34.64
CA LEU J 139 3.84 17.75 34.64
C LEU J 139 3.39 18.76 33.54
N VAL J 140 3.93 19.97 33.64
CA VAL J 140 3.60 21.02 32.71
C VAL J 140 4.42 20.83 31.43
N LEU J 141 3.74 20.82 30.29
CA LEU J 141 4.46 20.70 29.03
C LEU J 141 3.79 21.44 27.90
N ALA J 142 4.60 21.77 26.90
CA ALA J 142 4.16 22.48 25.71
C ALA J 142 4.53 21.67 24.48
N ILE J 143 3.63 21.71 23.51
CA ILE J 143 3.83 21.14 22.20
C ILE J 143 3.75 22.28 21.21
N ALA J 144 4.68 22.33 20.27
CA ALA J 144 4.76 23.43 19.31
C ALA J 144 5.30 22.97 17.96
N ASP J 145 5.00 23.74 16.92
CA ASP J 145 5.66 23.60 15.62
C ASP J 145 6.59 24.81 15.45
N GLY J 146 7.66 24.64 14.69
CA GLY J 146 8.60 25.73 14.50
C GLY J 146 9.25 25.73 13.13
N THR J 147 9.70 26.90 12.70
CA THR J 147 10.51 27.01 11.51
C THR J 147 11.70 27.92 11.76
N VAL J 148 12.76 27.67 11.00
CA VAL J 148 13.92 28.51 11.00
C VAL J 148 14.10 29.06 9.61
N SER J 149 14.36 30.36 9.52
CA SER J 149 14.57 31.05 8.26
C SER J 149 15.88 31.84 8.33
N VAL J 150 16.51 32.02 7.18
CA VAL J 150 17.72 32.83 7.08
C VAL J 150 17.54 33.85 5.96
N ASP J 151 17.61 35.13 6.33
CA ASP J 151 17.45 36.23 5.39
C ASP J 151 16.22 36.07 4.47
N GLY J 152 15.09 35.72 5.09
CA GLY J 152 13.82 35.60 4.37
C GLY J 152 13.46 34.19 3.89
N ARG J 153 14.44 33.29 3.86
CA ARG J 153 14.25 31.97 3.26
C ARG J 153 14.10 30.89 4.33
N GLU J 154 12.98 30.18 4.32
CA GLU J 154 12.76 29.05 5.24
C GLU J 154 13.79 27.98 4.97
N ILE J 155 14.41 27.46 6.02
CA ILE J 155 15.40 26.40 5.85
C ILE J 155 15.22 25.15 6.73
N TYR J 156 14.67 25.31 7.92
CA TYR J 156 14.40 24.15 8.80
C TYR J 156 12.95 24.19 9.27
N SER J 157 12.40 23.01 9.50
CA SER J 157 11.10 22.92 10.16
C SER J 157 11.07 21.76 11.17
N ALA J 158 10.25 21.91 12.20
CA ALA J 158 10.05 20.88 13.20
C ALA J 158 8.59 20.86 13.61
N GLU J 159 8.00 19.67 13.67
CA GLU J 159 6.63 19.50 14.10
C GLU J 159 6.61 18.75 15.41
N GLY J 160 5.78 19.19 16.34
CA GLY J 160 5.59 18.47 17.58
C GLY J 160 6.78 18.56 18.52
N LEU J 161 7.46 19.70 18.50
CA LEU J 161 8.45 20.03 19.52
C LEU J 161 7.77 19.91 20.88
N ARG J 162 8.44 19.25 21.82
CA ARG J 162 7.92 19.06 23.17
C ARG J 162 8.97 19.46 24.18
N VAL J 163 8.55 20.27 25.16
CA VAL J 163 9.39 20.66 26.28
C VAL J 163 8.54 20.52 27.55
N GLY J 164 9.16 20.05 28.63
CA GLY J 164 8.49 19.91 29.90
C GLY J 164 9.22 20.68 30.99
N LEU J 165 8.48 21.03 32.04
CA LEU J 165 9.07 21.67 33.22
C LEU J 165 9.06 20.67 34.36
N PHE J 166 10.18 20.61 35.07
CA PHE J 166 10.34 19.66 36.15
C PHE J 166 10.62 20.41 37.45
N THR J 167 9.71 20.27 38.41
CA THR J 167 9.89 20.86 39.72
C THR J 167 10.76 19.92 40.55
N SER J 168 10.98 20.26 41.81
CA SER J 168 11.89 19.48 42.66
C SER J 168 11.38 18.04 42.90
N THR J 169 10.06 17.84 42.76
CA THR J 169 9.43 16.52 42.94
C THR J 169 9.28 15.73 41.63
N ASP J 170 9.79 16.26 40.52
CA ASP J 170 9.68 15.66 39.19
C ASP J 170 11.03 15.21 38.73
N SER J 171 11.12 14.00 38.19
CA SER J 171 12.34 13.53 37.58
C SER J 171 12.16 12.80 36.26
N PHE J 172 13.29 12.56 35.60
CA PHE J 172 13.36 11.61 34.47
C PHE J 172 13.39 10.17 35.00
P PO4 K . 8.29 -15.76 32.07
O1 PO4 K . 8.44 -14.90 30.84
O2 PO4 K . 7.71 -14.87 33.16
O3 PO4 K . 7.40 -16.92 31.72
O4 PO4 K . 9.65 -16.28 32.53
P PO4 L . 17.91 -21.62 18.94
O1 PO4 L . 16.53 -21.24 18.48
O2 PO4 L . 18.63 -22.25 17.75
O3 PO4 L . 18.62 -20.36 19.37
O4 PO4 L . 17.80 -22.59 20.11
C1 GOL M . 21.28 -17.71 19.37
O1 GOL M . 21.67 -18.96 18.77
C2 GOL M . 19.86 -17.44 18.92
O2 GOL M . 18.94 -18.11 19.79
C3 GOL M . 19.63 -15.94 18.89
O3 GOL M . 20.22 -15.38 17.70
C1 GOL N . 3.92 -18.49 31.38
O1 GOL N . 4.85 -18.13 32.40
C2 GOL N . 4.68 -18.64 30.09
O2 GOL N . 5.94 -17.97 30.23
C3 GOL N . 3.89 -18.08 28.91
O3 GOL N . 2.58 -17.70 29.29
P PO4 O . -23.88 -24.52 8.89
O1 PO4 O . -22.48 -24.03 8.61
O2 PO4 O . -24.31 -23.86 10.21
O3 PO4 O . -24.77 -24.09 7.73
O4 PO4 O . -23.95 -26.02 9.07
C1 GOL P . -19.93 -30.63 31.34
O1 GOL P . -19.23 -31.88 31.57
C2 GOL P . -21.44 -30.89 31.20
O2 GOL P . -22.05 -31.56 32.32
C3 GOL P . -21.65 -31.77 29.97
O3 GOL P . -23.05 -31.93 29.71
C1 GOL Q . -10.06 -31.20 0.56
O1 GOL Q . -8.71 -31.24 0.09
C2 GOL Q . -10.87 -32.14 -0.34
O2 GOL Q . -12.26 -31.83 -0.33
C3 GOL Q . -10.71 -33.56 0.15
O3 GOL Q . -10.81 -34.45 -0.98
P PO4 R . -14.45 -31.96 -3.36
O1 PO4 R . -14.57 -30.45 -3.41
O2 PO4 R . -13.79 -32.36 -4.66
O3 PO4 R . -13.63 -32.31 -2.15
O4 PO4 R . -15.82 -32.63 -3.20
C1 GOL S . -25.25 -20.86 4.48
O1 GOL S . -25.81 -19.59 4.77
C2 GOL S . -25.54 -21.81 5.65
O2 GOL S . -24.98 -23.11 5.46
C3 GOL S . -27.03 -22.02 5.77
O3 GOL S . -27.32 -22.28 7.15
P PO4 T . -28.52 6.15 -16.61
O1 PO4 T . -27.53 5.02 -16.37
O2 PO4 T . -29.19 6.49 -15.29
O3 PO4 T . -27.78 7.36 -17.14
O4 PO4 T . -29.54 5.71 -17.66
C1 GOL U . -45.25 -5.44 -4.80
O1 GOL U . -45.71 -6.57 -5.57
C2 GOL U . -45.95 -4.17 -5.29
O2 GOL U . -47.35 -4.24 -5.03
C3 GOL U . -45.77 -3.99 -6.78
O3 GOL U . -46.32 -2.73 -7.19
C1 GOL V . -26.02 10.94 -17.13
O1 GOL V . -27.40 10.52 -17.08
C2 GOL V . -25.19 9.93 -17.87
O2 GOL V . -25.78 8.62 -17.81
C3 GOL V . -23.77 9.81 -17.30
O3 GOL V . -23.54 10.75 -16.27
C1 GOL W . -22.48 -6.78 -28.16
O1 GOL W . -22.16 -6.53 -29.54
C2 GOL W . -21.61 -5.88 -27.33
O2 GOL W . -22.30 -4.66 -27.10
C3 GOL W . -21.27 -6.60 -26.04
O3 GOL W . -20.39 -7.68 -26.33
P PO4 X . -21.04 -1.96 -29.81
O1 PO4 X . -20.17 -1.18 -28.88
O2 PO4 X . -20.18 -2.39 -30.99
O3 PO4 X . -21.61 -3.18 -29.09
O4 PO4 X . -22.20 -1.10 -30.29
P PO4 Y . 5.97 28.56 -16.52
O1 PO4 Y . 5.53 27.14 -16.81
O2 PO4 Y . 5.15 29.08 -15.34
O3 PO4 Y . 7.46 28.54 -16.15
O4 PO4 Y . 5.79 29.45 -17.73
C1 GOL Z . 10.56 28.44 -13.68
O1 GOL Z . 9.70 29.50 -14.12
C2 GOL Z . 10.63 27.31 -14.70
O2 GOL Z . 9.47 27.34 -15.56
C3 GOL Z . 10.78 25.92 -14.08
O3 GOL Z . 11.02 25.96 -12.68
C1 GOL AA . 7.19 19.65 -32.93
O1 GOL AA . 8.34 20.39 -33.33
C2 GOL AA . 7.03 19.75 -31.44
O2 GOL AA . 8.19 20.37 -30.87
C3 GOL AA . 6.82 18.40 -30.75
O3 GOL AA . 6.18 17.41 -31.58
P PO4 BA . 11.96 21.15 -30.78
O1 PO4 BA . 12.02 20.36 -29.49
O2 PO4 BA . 12.76 20.43 -31.85
O3 PO4 BA . 10.49 21.22 -31.15
O4 PO4 BA . 12.52 22.55 -30.57
P PO4 CA . 26.23 17.48 11.65
O1 PO4 CA . 25.07 16.62 12.06
O2 PO4 CA . 27.00 16.76 10.54
O3 PO4 CA . 25.66 18.78 11.10
O4 PO4 CA . 27.12 17.76 12.85
C1 GOL DA . 22.46 19.97 8.20
O1 GOL DA . 21.59 20.76 7.42
C2 GOL DA . 23.29 20.87 9.11
O2 GOL DA . 23.78 20.13 10.24
C3 GOL DA . 24.45 21.44 8.33
O3 GOL DA . 25.45 20.41 8.21
P PO4 EA . 17.81 23.13 25.58
O1 PO4 EA . 16.98 22.78 24.36
O2 PO4 EA . 16.90 23.64 26.68
O3 PO4 EA . 18.57 21.91 26.08
O4 PO4 EA . 18.81 24.18 25.19
C1 GOL FA . 18.38 18.61 28.49
O1 GOL FA . 17.91 19.94 28.70
C2 GOL FA . 18.13 18.24 27.04
O2 GOL FA . 18.13 19.43 26.24
C3 GOL FA . 16.79 17.54 26.83
O3 GOL FA . 16.52 16.55 27.82
#